data_7ZLT
#
_entry.id   7ZLT
#
_cell.length_a   135.973
_cell.length_b   68.440
_cell.length_c   144.458
_cell.angle_alpha   90.000
_cell.angle_beta   93.835
_cell.angle_gamma   90.000
#
_symmetry.space_group_name_H-M   'C 1 2 1'
#
loop_
_entity.id
_entity.type
_entity.pdbx_description
1 polymer 'Steroid C26-monooxygenase'
2 non-polymer ~{N}-(2-morpholin-4-ylethyl)-4-(pyridin-4-ylmethyl)benzamide
3 non-polymer 'PROTOPORPHYRIN IX CONTAINING FE'
4 non-polymer 'SULFATE ION'
5 non-polymer 'CHLORIDE ION'
6 water water
#
_entity_poly.entity_id   1
_entity_poly.type   'polypeptide(L)'
_entity_poly.pdbx_seq_one_letter_code
;NGPSPNLPPGFDFTDPAIYAERLPVAEFAELRSAAPIWWNGQDPGKGGGFHDGGFWAITKLNDVKEISRHSDVFSSYENG
VIPRFKNDIAREDIEVQRFVMLNMDAPHHTRLRKIISRGFTPRAVGRLHDELQERAQKIAAEAAAAGSGDFVEQVSCELP
LQAIAGLLGVPQEDRGKLFHWSNEMTGNEDPEYAHIDPKASSAELIGYAMKMAEEKAKNPADDIVTQLIQADIDGEKLSD
DEFGFFVVMLAVAGNETTRNSITQGMMAFAEHPDQWELYKKVRPETAADEIVRWATPVTAFQRTALRDYELSGVQIKKGQ
RVVMFYRSANFDEEVFQDPFTFNILRNPNPHVGFGGTGAHYCIGANLARMTINLIFNAVADHMPDLKPISAPERLRSGWL
NGIKHWQVDYTGRCPVAH
;
_entity_poly.pdbx_strand_id   A,B,C
#
loop_
_chem_comp.id
_chem_comp.type
_chem_comp.name
_chem_comp.formula
CL non-polymer 'CHLORIDE ION' 'Cl -1'
HEM non-polymer 'PROTOPORPHYRIN IX CONTAINING FE' 'C34 H32 Fe N4 O4'
JFI non-polymer ~{N}-(2-morpholin-4-ylethyl)-4-(pyridin-4-ylmethyl)benzamide 'C19 H23 N3 O2'
SO4 non-polymer 'SULFATE ION' 'O4 S -2'
#
# COMPACT_ATOMS: atom_id res chain seq x y z
N PRO A 3 -4.35 35.33 -53.86
CA PRO A 3 -5.71 35.60 -53.39
C PRO A 3 -6.01 34.94 -52.05
N SER A 4 -6.25 35.75 -51.01
CA SER A 4 -6.54 35.16 -49.72
C SER A 4 -7.88 34.46 -49.76
N PRO A 5 -8.08 33.44 -48.93
CA PRO A 5 -9.36 32.74 -48.95
C PRO A 5 -10.48 33.63 -48.43
N ASN A 6 -11.67 33.40 -48.96
CA ASN A 6 -12.83 34.20 -48.60
C ASN A 6 -13.42 33.67 -47.30
N LEU A 7 -12.87 34.14 -46.18
CA LEU A 7 -13.24 33.70 -44.85
C LEU A 7 -13.47 34.93 -43.98
N PRO A 8 -14.33 34.85 -42.97
CA PRO A 8 -14.47 35.99 -42.07
C PRO A 8 -13.15 36.33 -41.42
N PRO A 9 -12.91 37.62 -41.11
CA PRO A 9 -11.65 37.98 -40.48
C PRO A 9 -11.52 37.32 -39.12
N GLY A 10 -10.34 36.76 -38.86
CA GLY A 10 -10.10 36.10 -37.59
C GLY A 10 -10.72 34.73 -37.45
N PHE A 11 -11.33 34.21 -38.53
CA PHE A 11 -11.95 32.88 -38.48
C PHE A 11 -10.92 31.85 -38.03
N ASP A 12 -11.32 30.99 -37.10
CA ASP A 12 -10.44 29.97 -36.49
C ASP A 12 -11.12 28.64 -36.64
N PHE A 13 -10.50 27.72 -37.40
CA PHE A 13 -11.15 26.45 -37.67
C PHE A 13 -11.21 25.53 -36.47
N THR A 14 -10.62 25.91 -35.35
CA THR A 14 -10.77 25.19 -34.09
C THR A 14 -11.72 25.87 -33.14
N ASP A 15 -12.46 26.87 -33.58
CA ASP A 15 -13.31 27.65 -32.66
C ASP A 15 -14.50 26.81 -32.24
N PRO A 16 -14.63 26.43 -30.97
CA PRO A 16 -15.78 25.60 -30.56
C PRO A 16 -17.13 26.23 -30.86
N ALA A 17 -17.21 27.58 -30.84
CA ALA A 17 -18.48 28.25 -31.10
C ALA A 17 -19.00 27.97 -32.50
N ILE A 18 -18.10 27.71 -33.46
CA ILE A 18 -18.53 27.26 -34.77
C ILE A 18 -19.22 25.90 -34.66
N TYR A 19 -18.53 24.93 -34.06
CA TYR A 19 -19.00 23.55 -34.08
C TYR A 19 -20.22 23.35 -33.20
N ALA A 20 -20.46 24.23 -32.21
CA ALA A 20 -21.73 24.16 -31.47
C ALA A 20 -22.92 24.41 -32.37
N GLU A 21 -22.72 25.05 -33.52
CA GLU A 21 -23.82 25.38 -34.42
CA GLU A 21 -23.80 25.39 -34.43
C GLU A 21 -23.79 24.59 -35.71
N ARG A 22 -22.62 24.32 -36.28
CA ARG A 22 -22.56 23.78 -37.62
C ARG A 22 -21.16 23.23 -37.86
N LEU A 23 -21.02 22.46 -38.94
CA LEU A 23 -19.72 22.14 -39.50
C LEU A 23 -19.36 23.17 -40.56
N PRO A 24 -18.17 23.75 -40.51
CA PRO A 24 -17.79 24.83 -41.44
C PRO A 24 -17.37 24.29 -42.81
N VAL A 25 -18.31 23.60 -43.47
CA VAL A 25 -18.01 22.84 -44.66
C VAL A 25 -17.62 23.77 -45.80
N ALA A 26 -18.38 24.84 -46.01
CA ALA A 26 -18.03 25.78 -47.07
C ALA A 26 -16.65 26.39 -46.82
N GLU A 27 -16.31 26.65 -45.56
CA GLU A 27 -15.05 27.31 -45.26
C GLU A 27 -13.87 26.38 -45.53
N PHE A 28 -14.00 25.10 -45.18
CA PHE A 28 -12.96 24.15 -45.54
C PHE A 28 -12.80 24.04 -47.06
N ALA A 29 -13.91 24.02 -47.79
CA ALA A 29 -13.82 23.91 -49.24
C ALA A 29 -13.11 25.13 -49.83
N GLU A 30 -13.31 26.30 -49.21
CA GLU A 30 -12.63 27.50 -49.67
C GLU A 30 -11.12 27.39 -49.48
N LEU A 31 -10.67 26.80 -48.36
CA LEU A 31 -9.25 26.58 -48.17
C LEU A 31 -8.71 25.59 -49.21
N ARG A 32 -9.41 24.47 -49.43
CA ARG A 32 -8.91 23.50 -50.39
C ARG A 32 -8.75 24.13 -51.77
N SER A 33 -9.65 25.04 -52.12
CA SER A 33 -9.57 25.73 -53.41
C SER A 33 -8.52 26.85 -53.43
N ALA A 34 -8.47 27.69 -52.41
CA ALA A 34 -7.69 28.92 -52.48
C ALA A 34 -6.42 28.93 -51.63
N ALA A 35 -6.33 28.12 -50.60
CA ALA A 35 -5.13 28.09 -49.76
C ALA A 35 -5.10 26.77 -48.99
N PRO A 36 -4.72 25.67 -49.65
CA PRO A 36 -4.90 24.34 -49.01
C PRO A 36 -4.03 24.15 -47.79
N ILE A 37 -2.91 24.88 -47.67
CA ILE A 37 -2.18 25.01 -46.42
C ILE A 37 -2.20 26.49 -46.08
N TRP A 38 -2.85 26.82 -44.96
CA TRP A 38 -3.18 28.21 -44.64
C TRP A 38 -2.83 28.46 -43.19
N TRP A 39 -2.17 29.59 -42.91
CA TRP A 39 -1.91 29.96 -41.53
C TRP A 39 -3.20 30.47 -40.88
N ASN A 40 -3.64 29.74 -39.86
CA ASN A 40 -4.82 30.03 -39.03
C ASN A 40 -4.30 30.83 -37.84
N GLY A 41 -4.36 32.15 -37.92
CA GLY A 41 -3.91 32.96 -36.80
C GLY A 41 -4.86 32.90 -35.63
N GLN A 42 -4.28 32.97 -34.42
CA GLN A 42 -5.04 33.02 -33.18
C GLN A 42 -4.60 34.21 -32.35
N ASP A 43 -5.57 34.98 -31.88
CA ASP A 43 -5.31 36.15 -31.04
C ASP A 43 -4.84 35.72 -29.66
N PRO A 44 -4.13 36.60 -28.96
CA PRO A 44 -3.71 36.28 -27.58
C PRO A 44 -4.91 35.84 -26.74
N GLY A 45 -4.72 34.76 -25.98
CA GLY A 45 -5.78 34.25 -25.13
C GLY A 45 -6.84 33.44 -25.83
N LYS A 46 -6.72 33.22 -27.14
CA LYS A 46 -7.79 32.59 -27.88
C LYS A 46 -7.26 31.39 -28.67
N GLY A 47 -6.19 30.78 -28.20
CA GLY A 47 -5.59 29.63 -28.82
C GLY A 47 -5.98 28.27 -28.25
N GLY A 48 -7.00 28.21 -27.40
CA GLY A 48 -7.45 26.93 -26.89
C GLY A 48 -6.41 26.23 -26.05
N GLY A 49 -5.58 26.99 -25.35
CA GLY A 49 -4.52 26.43 -24.53
C GLY A 49 -3.14 26.56 -25.12
N PHE A 50 -3.04 26.90 -26.39
CA PHE A 50 -1.75 27.04 -27.06
C PHE A 50 -1.53 28.52 -27.34
N HIS A 51 -0.30 28.97 -27.10
CA HIS A 51 0.04 30.40 -27.03
C HIS A 51 1.18 30.71 -27.97
N ASP A 52 1.02 30.30 -29.22
CA ASP A 52 2.07 30.44 -30.22
C ASP A 52 1.62 31.22 -31.43
N GLY A 53 0.44 31.80 -31.40
CA GLY A 53 0.03 32.71 -32.44
C GLY A 53 -0.75 32.07 -33.57
N GLY A 54 -0.88 30.74 -33.58
CA GLY A 54 -1.69 30.08 -34.57
C GLY A 54 -1.05 28.78 -35.02
N PHE A 55 -1.50 28.32 -36.16
CA PHE A 55 -1.09 27.02 -36.66
C PHE A 55 -1.36 26.97 -38.16
N TRP A 56 -0.73 26.03 -38.83
CA TRP A 56 -1.04 25.75 -40.23
C TRP A 56 -2.26 24.83 -40.33
N ALA A 57 -3.30 25.30 -41.03
CA ALA A 57 -4.44 24.43 -41.34
C ALA A 57 -4.09 23.56 -42.55
N ILE A 58 -4.25 22.25 -42.38
CA ILE A 58 -3.92 21.25 -43.39
C ILE A 58 -5.25 20.70 -43.85
N THR A 59 -5.61 20.97 -45.11
CA THR A 59 -6.94 20.68 -45.57
C THR A 59 -6.99 19.58 -46.63
N LYS A 60 -5.86 19.15 -47.15
CA LYS A 60 -5.81 18.16 -48.22
C LYS A 60 -5.40 16.80 -47.68
N LEU A 61 -6.08 15.76 -48.19
CA LEU A 61 -5.83 14.41 -47.71
C LEU A 61 -4.39 13.96 -47.91
N ASN A 62 -3.79 14.24 -49.07
CA ASN A 62 -2.40 13.82 -49.28
C ASN A 62 -1.46 14.49 -48.27
N ASP A 63 -1.71 15.75 -47.94
CA ASP A 63 -0.90 16.42 -46.92
C ASP A 63 -1.13 15.82 -45.52
N VAL A 64 -2.39 15.51 -45.20
CA VAL A 64 -2.67 14.82 -43.94
C VAL A 64 -1.91 13.50 -43.88
N LYS A 65 -1.90 12.77 -44.99
CA LYS A 65 -1.16 11.51 -45.03
C LYS A 65 0.34 11.73 -44.89
N GLU A 66 0.89 12.75 -45.57
CA GLU A 66 2.33 12.98 -45.49
C GLU A 66 2.74 13.29 -44.05
N ILE A 67 1.97 14.14 -43.36
CA ILE A 67 2.28 14.45 -41.97
C ILE A 67 2.21 13.19 -41.12
N SER A 68 1.15 12.39 -41.29
CA SER A 68 0.96 11.21 -40.46
C SER A 68 2.07 10.18 -40.66
N ARG A 69 2.57 10.06 -41.90
CA ARG A 69 3.67 9.15 -42.19
C ARG A 69 4.99 9.62 -41.58
N HIS A 70 5.23 10.93 -41.57
CA HIS A 70 6.50 11.47 -41.08
C HIS A 70 6.44 11.87 -39.59
N SER A 71 6.18 10.88 -38.74
CA SER A 71 6.22 11.12 -37.30
C SER A 71 7.61 11.50 -36.80
N ASP A 72 8.67 11.15 -37.52
CA ASP A 72 10.01 11.57 -37.12
CA ASP A 72 10.02 11.58 -37.14
C ASP A 72 10.14 13.10 -37.15
N VAL A 73 9.35 13.78 -37.97
CA VAL A 73 9.35 15.24 -38.03
C VAL A 73 8.16 15.82 -37.26
N PHE A 74 6.99 15.23 -37.41
CA PHE A 74 5.76 15.84 -36.90
C PHE A 74 5.43 15.12 -35.60
N SER A 75 5.69 15.80 -34.47
CA SER A 75 5.62 15.20 -33.15
C SER A 75 4.21 15.25 -32.56
N SER A 76 3.81 14.15 -31.94
CA SER A 76 2.61 14.09 -31.12
C SER A 76 2.90 14.50 -29.69
N TYR A 77 4.12 14.22 -29.22
CA TYR A 77 4.49 14.45 -27.84
C TYR A 77 4.65 15.94 -27.51
N GLU A 78 5.13 16.75 -28.43
CA GLU A 78 5.56 18.10 -28.04
CA GLU A 78 5.56 18.10 -28.06
C GLU A 78 4.41 18.93 -27.50
N ASN A 79 3.24 18.88 -28.17
CA ASN A 79 2.08 19.61 -27.69
C ASN A 79 0.82 18.75 -27.59
N GLY A 80 0.95 17.44 -27.69
CA GLY A 80 -0.21 16.58 -27.78
C GLY A 80 -0.89 16.74 -29.13
N VAL A 81 -1.92 15.94 -29.35
CA VAL A 81 -2.62 15.94 -30.63
C VAL A 81 -3.95 16.65 -30.56
N ILE A 82 -4.54 16.84 -29.37
CA ILE A 82 -5.75 17.66 -29.30
C ILE A 82 -5.40 19.12 -29.56
N PRO A 83 -6.09 19.79 -30.48
CA PRO A 83 -5.71 21.15 -30.89
C PRO A 83 -6.49 22.26 -30.20
N ARG A 84 -7.40 21.90 -29.28
CA ARG A 84 -8.23 22.90 -28.62
C ARG A 84 -8.70 22.39 -27.27
N PHE A 85 -8.34 23.10 -26.22
CA PHE A 85 -8.90 23.00 -24.87
C PHE A 85 -9.56 24.32 -24.51
N LYS A 86 -10.11 24.40 -23.29
CA LYS A 86 -10.50 25.73 -22.78
C LYS A 86 -9.32 26.68 -22.88
N ASN A 87 -9.61 27.96 -23.18
CA ASN A 87 -8.53 28.93 -23.42
C ASN A 87 -7.63 29.11 -22.22
N ASP A 88 -8.15 28.90 -20.99
CA ASP A 88 -7.39 29.10 -19.77
CA ASP A 88 -7.36 29.12 -19.79
C ASP A 88 -6.76 27.82 -19.24
N ILE A 89 -6.72 26.75 -20.02
CA ILE A 89 -6.11 25.53 -19.49
C ILE A 89 -4.66 25.78 -19.15
N ALA A 90 -4.22 25.22 -18.04
CA ALA A 90 -2.83 25.34 -17.63
C ALA A 90 -1.97 24.42 -18.46
N ARG A 91 -0.78 24.91 -18.81
CA ARG A 91 0.13 24.11 -19.63
C ARG A 91 0.38 22.74 -19.01
N GLU A 92 0.46 22.68 -17.68
CA GLU A 92 0.77 21.39 -17.05
C GLU A 92 -0.32 20.37 -17.34
N ASP A 93 -1.58 20.83 -17.48
CA ASP A 93 -2.70 19.93 -17.77
C ASP A 93 -2.74 19.49 -19.23
N ILE A 94 -2.14 20.27 -20.12
CA ILE A 94 -1.88 19.76 -21.48
C ILE A 94 -0.84 18.67 -21.42
N GLU A 95 0.25 18.91 -20.68
CA GLU A 95 1.39 18.01 -20.71
C GLU A 95 1.07 16.66 -20.07
N VAL A 96 0.07 16.57 -19.20
CA VAL A 96 -0.25 15.24 -18.69
C VAL A 96 -0.81 14.34 -19.77
N GLN A 97 -1.32 14.91 -20.87
CA GLN A 97 -1.72 14.05 -21.98
C GLN A 97 -0.58 13.18 -22.50
N ARG A 98 0.67 13.58 -22.25
CA ARG A 98 1.82 12.82 -22.73
C ARG A 98 1.96 11.45 -22.08
N PHE A 99 1.20 11.16 -21.04
CA PHE A 99 1.28 9.86 -20.40
C PHE A 99 0.51 8.77 -21.14
N VAL A 100 -0.21 9.12 -22.21
CA VAL A 100 -0.88 8.09 -23.01
C VAL A 100 -0.19 7.98 -24.36
N MET A 101 -0.28 6.77 -24.92
CA MET A 101 0.34 6.38 -26.18
C MET A 101 0.08 7.41 -27.27
N LEU A 102 -1.18 7.84 -27.38
CA LEU A 102 -1.57 8.78 -28.43
C LEU A 102 -0.65 9.98 -28.51
N ASN A 103 -0.11 10.41 -27.37
CA ASN A 103 0.65 11.67 -27.29
C ASN A 103 2.12 11.42 -27.00
N MET A 104 2.65 10.34 -27.53
CA MET A 104 4.01 9.88 -27.32
C MET A 104 4.67 9.75 -28.68
N ASP A 105 5.99 9.97 -28.73
CA ASP A 105 6.80 9.75 -29.90
C ASP A 105 7.65 8.50 -29.70
N ALA A 106 8.17 7.97 -30.80
CA ALA A 106 9.17 6.92 -30.73
C ALA A 106 10.41 7.41 -29.99
N PRO A 107 11.08 6.55 -29.22
CA PRO A 107 10.84 5.12 -29.01
C PRO A 107 9.78 4.75 -27.98
N HIS A 108 9.34 5.69 -27.13
CA HIS A 108 8.39 5.36 -26.08
C HIS A 108 7.09 4.85 -26.68
N HIS A 109 6.58 5.57 -27.70
CA HIS A 109 5.39 5.12 -28.42
C HIS A 109 5.56 3.72 -28.99
N THR A 110 6.72 3.46 -29.59
CA THR A 110 6.94 2.18 -30.28
C THR A 110 6.78 1.01 -29.33
N ARG A 111 7.43 1.09 -28.19
CA ARG A 111 7.32 0.05 -27.17
C ARG A 111 5.87 -0.16 -26.75
N LEU A 112 5.17 0.92 -26.41
CA LEU A 112 3.81 0.75 -25.90
C LEU A 112 2.89 0.19 -26.97
N ARG A 113 3.00 0.70 -28.20
CA ARG A 113 2.14 0.20 -29.26
C ARG A 113 2.36 -1.30 -29.49
N LYS A 114 3.62 -1.73 -29.50
CA LYS A 114 3.92 -3.16 -29.61
C LYS A 114 3.19 -3.95 -28.53
N ILE A 115 3.31 -3.51 -27.27
CA ILE A 115 2.65 -4.24 -26.17
C ILE A 115 1.14 -4.22 -26.34
N ILE A 116 0.57 -3.04 -26.56
CA ILE A 116 -0.88 -2.87 -26.63
C ILE A 116 -1.47 -3.66 -27.79
N SER A 117 -0.70 -3.85 -28.87
N SER A 117 -0.71 -3.83 -28.87
CA SER A 117 -1.20 -4.59 -30.02
CA SER A 117 -1.19 -4.58 -30.01
C SER A 117 -1.38 -6.08 -29.74
C SER A 117 -1.64 -5.99 -29.63
N ARG A 118 -1.11 -6.53 -28.52
CA ARG A 118 -1.59 -7.83 -28.04
C ARG A 118 -3.06 -7.82 -27.65
N GLY A 119 -3.64 -6.64 -27.43
CA GLY A 119 -5.01 -6.55 -26.98
C GLY A 119 -5.96 -6.15 -28.07
N PHE A 120 -5.45 -5.91 -29.25
CA PHE A 120 -6.29 -5.56 -30.38
C PHE A 120 -6.05 -6.47 -31.55
N THR A 121 -5.60 -7.68 -31.25
CA THR A 121 -5.47 -8.64 -32.31
C THR A 121 -6.84 -8.79 -32.98
N PRO A 122 -6.86 -9.14 -34.25
CA PRO A 122 -8.12 -9.58 -34.88
C PRO A 122 -8.87 -10.60 -34.05
N ARG A 123 -8.16 -11.56 -33.44
CA ARG A 123 -8.84 -12.58 -32.65
C ARG A 123 -9.54 -11.97 -31.43
N ALA A 124 -8.82 -11.12 -30.70
CA ALA A 124 -9.41 -10.49 -29.51
C ALA A 124 -10.67 -9.73 -29.87
N VAL A 125 -10.60 -8.90 -30.91
CA VAL A 125 -11.76 -8.10 -31.28
C VAL A 125 -12.88 -9.00 -31.81
N GLY A 126 -12.53 -9.99 -32.64
CA GLY A 126 -13.56 -10.90 -33.14
C GLY A 126 -14.26 -11.66 -32.02
N ARG A 127 -13.53 -11.96 -30.94
CA ARG A 127 -14.16 -12.62 -29.80
C ARG A 127 -15.33 -11.80 -29.22
N LEU A 128 -15.35 -10.48 -29.43
CA LEU A 128 -16.46 -9.69 -28.90
C LEU A 128 -17.69 -9.72 -29.78
N HIS A 129 -17.58 -10.26 -30.99
CA HIS A 129 -18.61 -10.07 -32.01
C HIS A 129 -19.97 -10.52 -31.51
N ASP A 130 -20.06 -11.73 -30.97
CA ASP A 130 -21.38 -12.29 -30.67
C ASP A 130 -22.06 -11.56 -29.52
N GLU A 131 -21.31 -11.18 -28.48
CA GLU A 131 -21.94 -10.46 -27.37
C GLU A 131 -22.37 -9.07 -27.80
N LEU A 132 -21.55 -8.40 -28.60
CA LEU A 132 -21.94 -7.08 -29.07
C LEU A 132 -23.12 -7.16 -30.03
N GLN A 133 -23.24 -8.26 -30.77
CA GLN A 133 -24.38 -8.37 -31.67
C GLN A 133 -25.67 -8.54 -30.85
N GLU A 134 -25.62 -9.41 -29.85
CA GLU A 134 -26.76 -9.56 -28.94
CA GLU A 134 -26.76 -9.57 -28.94
C GLU A 134 -27.11 -8.24 -28.27
N ARG A 135 -26.11 -7.48 -27.83
CA ARG A 135 -26.40 -6.23 -27.14
C ARG A 135 -26.98 -5.20 -28.10
N ALA A 136 -26.48 -5.16 -29.33
CA ALA A 136 -27.02 -4.25 -30.31
C ALA A 136 -28.50 -4.52 -30.57
N GLN A 137 -28.87 -5.80 -30.70
CA GLN A 137 -30.28 -6.13 -30.94
C GLN A 137 -31.15 -5.67 -29.78
N LYS A 138 -30.68 -5.89 -28.55
CA LYS A 138 -31.47 -5.52 -27.38
C LYS A 138 -31.60 -4.02 -27.26
N ILE A 139 -30.50 -3.28 -27.49
CA ILE A 139 -30.55 -1.83 -27.48
C ILE A 139 -31.60 -1.33 -28.47
N ALA A 140 -31.57 -1.86 -29.70
CA ALA A 140 -32.51 -1.36 -30.70
C ALA A 140 -33.94 -1.81 -30.38
N ALA A 141 -34.10 -3.02 -29.83
CA ALA A 141 -35.42 -3.47 -29.41
C ALA A 141 -35.98 -2.59 -28.29
N GLU A 142 -35.16 -2.28 -27.29
CA GLU A 142 -35.61 -1.42 -26.19
C GLU A 142 -35.95 -0.03 -26.67
N ALA A 143 -35.16 0.52 -27.59
CA ALA A 143 -35.48 1.86 -28.08
C ALA A 143 -36.78 1.86 -28.85
N ALA A 144 -36.98 0.83 -29.68
CA ALA A 144 -38.18 0.75 -30.49
C ALA A 144 -39.42 0.64 -29.59
N ALA A 145 -39.28 -0.07 -28.47
CA ALA A 145 -40.36 -0.21 -27.50
C ALA A 145 -40.74 1.12 -26.85
N ALA A 146 -39.82 2.08 -26.78
CA ALA A 146 -40.11 3.34 -26.11
C ALA A 146 -40.89 4.27 -27.01
N GLY A 147 -40.96 3.97 -28.30
CA GLY A 147 -41.78 4.73 -29.23
C GLY A 147 -41.01 5.86 -29.86
N SER A 148 -40.54 6.76 -29.01
CA SER A 148 -39.78 7.91 -29.45
C SER A 148 -38.84 8.29 -28.32
N GLY A 149 -37.78 8.99 -28.68
CA GLY A 149 -36.80 9.35 -27.68
C GLY A 149 -35.56 9.94 -28.32
N ASP A 150 -34.53 10.04 -27.50
CA ASP A 150 -33.28 10.68 -27.90
C ASP A 150 -32.39 9.58 -28.49
N PHE A 151 -32.30 9.57 -29.82
CA PHE A 151 -31.50 8.55 -30.51
C PHE A 151 -30.08 8.49 -29.97
N VAL A 152 -29.49 9.64 -29.62
CA VAL A 152 -28.12 9.64 -29.13
C VAL A 152 -28.01 8.75 -27.90
N GLU A 153 -28.96 8.90 -26.97
CA GLU A 153 -28.86 8.24 -25.68
C GLU A 153 -29.39 6.82 -25.74
N GLN A 154 -30.43 6.60 -26.54
CA GLN A 154 -31.09 5.29 -26.54
C GLN A 154 -30.56 4.34 -27.60
N VAL A 155 -29.86 4.82 -28.62
CA VAL A 155 -29.29 3.96 -29.65
C VAL A 155 -27.76 4.11 -29.75
N SER A 156 -27.26 5.34 -29.76
CA SER A 156 -25.83 5.51 -30.08
C SER A 156 -24.88 5.27 -28.91
N CYS A 157 -25.26 5.57 -27.67
CA CYS A 157 -24.31 5.68 -26.56
CA CYS A 157 -24.21 5.68 -26.66
C CYS A 157 -23.81 4.34 -26.07
N GLU A 158 -24.72 3.35 -25.94
CA GLU A 158 -24.38 2.18 -25.11
C GLU A 158 -23.38 1.24 -25.78
N LEU A 159 -23.55 0.96 -27.06
CA LEU A 159 -22.78 -0.14 -27.61
C LEU A 159 -21.27 0.15 -27.63
N PRO A 160 -20.84 1.37 -27.95
CA PRO A 160 -19.38 1.63 -27.86
C PRO A 160 -18.83 1.38 -26.47
N LEU A 161 -19.58 1.77 -25.44
CA LEU A 161 -19.12 1.58 -24.07
CA LEU A 161 -19.14 1.58 -24.06
C LEU A 161 -19.07 0.09 -23.72
N GLN A 162 -20.06 -0.68 -24.18
CA GLN A 162 -20.02 -2.11 -23.91
C GLN A 162 -18.86 -2.79 -24.64
N ALA A 163 -18.43 -2.23 -25.78
CA ALA A 163 -17.28 -2.80 -26.48
C ALA A 163 -16.01 -2.59 -25.66
N ILE A 164 -15.83 -1.39 -25.09
CA ILE A 164 -14.68 -1.17 -24.21
CA ILE A 164 -14.71 -1.12 -24.18
C ILE A 164 -14.75 -2.09 -23.01
N ALA A 165 -15.91 -2.19 -22.39
CA ALA A 165 -16.08 -3.05 -21.22
C ALA A 165 -15.73 -4.48 -21.56
N GLY A 166 -16.23 -4.98 -22.70
CA GLY A 166 -15.99 -6.37 -23.06
C GLY A 166 -14.53 -6.61 -23.39
N LEU A 167 -13.89 -5.67 -24.08
CA LEU A 167 -12.51 -5.88 -24.46
C LEU A 167 -11.62 -5.91 -23.23
N LEU A 168 -11.91 -5.06 -22.25
CA LEU A 168 -11.15 -5.04 -21.01
C LEU A 168 -11.63 -6.07 -19.98
N GLY A 169 -12.80 -6.66 -20.17
CA GLY A 169 -13.32 -7.60 -19.20
C GLY A 169 -13.76 -6.93 -17.91
N VAL A 170 -14.43 -5.80 -18.01
CA VAL A 170 -14.93 -5.11 -16.83
C VAL A 170 -16.20 -5.82 -16.35
N PRO A 171 -16.27 -6.23 -15.07
CA PRO A 171 -17.48 -6.92 -14.61
C PRO A 171 -18.70 -6.05 -14.82
N GLN A 172 -19.84 -6.71 -14.99
CA GLN A 172 -21.08 -5.99 -15.29
C GLN A 172 -21.39 -4.96 -14.22
N GLU A 173 -21.16 -5.28 -12.94
CA GLU A 173 -21.53 -4.34 -11.90
C GLU A 173 -20.69 -3.08 -11.93
N ASP A 174 -19.53 -3.10 -12.58
CA ASP A 174 -18.64 -1.94 -12.66
C ASP A 174 -18.85 -1.13 -13.91
N ARG A 175 -19.70 -1.58 -14.84
CA ARG A 175 -19.80 -0.90 -16.12
C ARG A 175 -20.50 0.45 -15.98
N GLY A 176 -21.40 0.59 -15.02
CA GLY A 176 -22.00 1.90 -14.78
C GLY A 176 -20.97 2.94 -14.39
N LYS A 177 -20.06 2.60 -13.48
CA LYS A 177 -19.04 3.56 -13.10
C LYS A 177 -18.02 3.76 -14.22
N LEU A 178 -17.69 2.72 -15.00
CA LEU A 178 -16.80 2.91 -16.13
C LEU A 178 -17.38 3.90 -17.12
N PHE A 179 -18.67 3.76 -17.44
CA PHE A 179 -19.30 4.67 -18.39
CA PHE A 179 -19.34 4.66 -18.39
C PHE A 179 -19.34 6.09 -17.86
N HIS A 180 -19.62 6.24 -16.57
CA HIS A 180 -19.59 7.57 -15.97
C HIS A 180 -18.20 8.19 -16.10
N TRP A 181 -17.16 7.47 -15.72
CA TRP A 181 -15.81 8.04 -15.84
C TRP A 181 -15.52 8.44 -17.28
N SER A 182 -15.90 7.60 -18.23
CA SER A 182 -15.68 7.93 -19.64
CA SER A 182 -15.69 7.93 -19.64
C SER A 182 -16.42 9.20 -20.03
N ASN A 183 -17.67 9.33 -19.56
CA ASN A 183 -18.44 10.49 -19.95
CA ASN A 183 -18.51 10.48 -19.85
C ASN A 183 -17.93 11.78 -19.29
N GLU A 184 -17.19 11.68 -18.18
CA GLU A 184 -16.66 12.84 -17.49
C GLU A 184 -15.38 13.38 -18.12
N MET A 185 -14.88 12.77 -19.17
CA MET A 185 -13.58 13.16 -19.70
C MET A 185 -13.66 14.02 -20.94
N THR A 186 -14.86 14.24 -21.48
CA THR A 186 -14.99 14.89 -22.78
C THR A 186 -16.10 15.93 -22.74
N GLY A 187 -15.91 17.00 -23.49
CA GLY A 187 -16.96 17.98 -23.69
C GLY A 187 -16.98 19.14 -22.72
N ASN A 188 -15.94 19.30 -21.90
CA ASN A 188 -16.05 20.28 -20.82
C ASN A 188 -16.19 21.72 -21.31
N GLU A 189 -16.06 21.98 -22.61
CA GLU A 189 -16.28 23.31 -23.14
C GLU A 189 -17.73 23.57 -23.52
N ASP A 190 -18.59 22.55 -23.44
CA ASP A 190 -20.01 22.72 -23.72
C ASP A 190 -20.74 23.05 -22.41
N PRO A 191 -21.62 24.04 -22.42
CA PRO A 191 -22.35 24.40 -21.18
C PRO A 191 -23.05 23.23 -20.52
N GLU A 192 -23.48 22.24 -21.30
CA GLU A 192 -24.17 21.09 -20.71
C GLU A 192 -23.21 20.27 -19.86
N TYR A 193 -21.92 20.32 -20.15
CA TYR A 193 -20.93 19.52 -19.42
C TYR A 193 -19.98 20.41 -18.62
N ALA A 194 -20.39 21.64 -18.33
CA ALA A 194 -19.47 22.57 -17.68
C ALA A 194 -19.02 22.06 -16.32
N HIS A 195 -19.75 21.14 -15.70
CA HIS A 195 -19.40 20.70 -14.37
C HIS A 195 -18.65 19.39 -14.33
N ILE A 196 -18.39 18.74 -15.48
CA ILE A 196 -17.61 17.51 -15.44
C ILE A 196 -16.20 17.83 -14.98
N ASP A 197 -15.55 16.84 -14.37
CA ASP A 197 -14.23 17.00 -13.77
C ASP A 197 -13.36 15.90 -14.39
N PRO A 198 -12.76 16.17 -15.54
CA PRO A 198 -11.93 15.13 -16.18
C PRO A 198 -10.76 14.72 -15.33
N LYS A 199 -10.27 15.62 -14.47
CA LYS A 199 -9.12 15.30 -13.63
C LYS A 199 -9.49 14.24 -12.61
N ALA A 200 -10.59 14.45 -11.90
CA ALA A 200 -11.02 13.49 -10.89
C ALA A 200 -11.37 12.15 -11.53
N SER A 201 -12.03 12.18 -12.68
CA SER A 201 -12.41 10.90 -13.29
C SER A 201 -11.19 10.14 -13.76
N SER A 202 -10.24 10.81 -14.40
CA SER A 202 -9.05 10.07 -14.83
C SER A 202 -8.33 9.49 -13.64
N ALA A 203 -8.27 10.23 -12.53
CA ALA A 203 -7.61 9.72 -11.33
C ALA A 203 -8.35 8.51 -10.76
N GLU A 204 -9.68 8.58 -10.71
CA GLU A 204 -10.45 7.45 -10.23
C GLU A 204 -10.31 6.25 -11.16
N LEU A 205 -10.28 6.50 -12.47
CA LEU A 205 -10.19 5.40 -13.41
C LEU A 205 -8.82 4.72 -13.34
N ILE A 206 -7.74 5.52 -13.25
CA ILE A 206 -6.43 4.92 -13.04
C ILE A 206 -6.42 4.07 -11.78
N GLY A 207 -7.00 4.57 -10.68
CA GLY A 207 -7.07 3.77 -9.47
C GLY A 207 -7.81 2.46 -9.68
N TYR A 208 -8.96 2.54 -10.36
CA TYR A 208 -9.69 1.33 -10.69
C TYR A 208 -8.86 0.40 -11.56
N ALA A 209 -8.19 0.95 -12.58
CA ALA A 209 -7.49 0.11 -13.54
C ALA A 209 -6.28 -0.55 -12.92
N MET A 210 -5.57 0.14 -12.01
CA MET A 210 -4.43 -0.54 -11.38
C MET A 210 -4.91 -1.65 -10.46
N LYS A 211 -6.04 -1.47 -9.80
CA LYS A 211 -6.62 -2.58 -9.04
C LYS A 211 -6.92 -3.75 -9.96
N MET A 212 -7.54 -3.48 -11.10
CA MET A 212 -7.83 -4.55 -12.06
CA MET A 212 -7.82 -4.55 -12.04
C MET A 212 -6.54 -5.23 -12.50
N ALA A 213 -5.50 -4.45 -12.81
CA ALA A 213 -4.24 -5.03 -13.24
C ALA A 213 -3.69 -6.00 -12.20
N GLU A 214 -3.69 -5.58 -10.94
CA GLU A 214 -3.19 -6.41 -9.86
C GLU A 214 -4.05 -7.66 -9.71
N GLU A 215 -5.37 -7.51 -9.89
CA GLU A 215 -6.27 -8.64 -9.74
C GLU A 215 -6.14 -9.63 -10.89
N LYS A 216 -6.15 -9.14 -12.12
CA LYS A 216 -6.09 -10.05 -13.25
C LYS A 216 -4.72 -10.71 -13.38
N ALA A 217 -3.70 -10.14 -12.75
CA ALA A 217 -2.40 -10.80 -12.69
C ALA A 217 -2.46 -12.04 -11.81
N LYS A 218 -3.17 -11.97 -10.69
CA LYS A 218 -3.36 -13.13 -9.84
C LYS A 218 -4.24 -14.17 -10.52
N ASN A 219 -5.34 -13.73 -11.14
CA ASN A 219 -6.33 -14.62 -11.74
C ASN A 219 -6.39 -14.35 -13.24
N PRO A 220 -5.41 -14.85 -13.99
CA PRO A 220 -5.47 -14.74 -15.46
C PRO A 220 -6.84 -15.05 -16.03
N ALA A 221 -7.42 -14.05 -16.69
CA ALA A 221 -8.71 -14.17 -17.35
C ALA A 221 -8.54 -13.81 -18.82
N ASP A 222 -9.36 -14.43 -19.68
CA ASP A 222 -9.23 -14.25 -21.12
C ASP A 222 -9.93 -12.95 -21.53
N ASP A 223 -9.29 -11.86 -21.16
CA ASP A 223 -9.46 -10.55 -21.77
C ASP A 223 -8.09 -10.16 -22.32
N ILE A 224 -7.98 -8.92 -22.78
CA ILE A 224 -6.66 -8.47 -23.20
C ILE A 224 -5.77 -8.14 -22.02
N VAL A 225 -6.33 -7.95 -20.83
CA VAL A 225 -5.54 -7.43 -19.71
C VAL A 225 -4.36 -8.35 -19.41
N THR A 226 -4.61 -9.66 -19.37
CA THR A 226 -3.52 -10.60 -19.08
CA THR A 226 -3.53 -10.60 -19.10
C THR A 226 -2.42 -10.46 -20.13
N GLN A 227 -2.79 -10.44 -21.41
CA GLN A 227 -1.80 -10.23 -22.46
C GLN A 227 -0.98 -8.97 -22.21
N LEU A 228 -1.59 -7.94 -21.63
CA LEU A 228 -0.91 -6.66 -21.51
C LEU A 228 0.07 -6.63 -20.35
N ILE A 229 -0.24 -7.31 -19.26
CA ILE A 229 0.53 -7.19 -18.04
C ILE A 229 1.39 -8.42 -17.74
N GLN A 230 1.41 -9.40 -18.64
CA GLN A 230 2.33 -10.53 -18.50
C GLN A 230 3.53 -10.31 -19.43
N ALA A 231 4.72 -10.48 -18.88
CA ALA A 231 5.94 -10.16 -19.61
C ALA A 231 6.17 -11.14 -20.76
N ASP A 232 6.79 -10.63 -21.82
CA ASP A 232 7.24 -11.47 -22.93
C ASP A 232 8.69 -11.89 -22.68
N ILE A 233 9.33 -12.48 -23.71
CA ILE A 233 10.68 -12.98 -23.53
C ILE A 233 11.61 -11.87 -23.05
N ASP A 234 11.45 -10.66 -23.59
CA ASP A 234 12.29 -9.53 -23.22
C ASP A 234 11.88 -8.87 -21.92
N GLY A 235 10.88 -9.41 -21.23
CA GLY A 235 10.36 -8.80 -20.02
C GLY A 235 9.39 -7.66 -20.24
N GLU A 236 8.88 -7.52 -21.46
CA GLU A 236 8.16 -6.32 -21.86
C GLU A 236 6.68 -6.47 -21.54
N LYS A 237 6.12 -5.48 -20.86
CA LYS A 237 4.73 -5.52 -20.42
C LYS A 237 4.36 -4.11 -19.94
N LEU A 238 3.06 -3.88 -19.81
CA LEU A 238 2.61 -2.64 -19.19
C LEU A 238 2.76 -2.80 -17.68
N SER A 239 3.43 -1.84 -17.06
CA SER A 239 3.34 -1.70 -15.61
C SER A 239 1.90 -1.41 -15.25
N ASP A 240 1.58 -1.54 -13.97
CA ASP A 240 0.21 -1.31 -13.54
C ASP A 240 -0.23 0.13 -13.86
N ASP A 241 0.65 1.10 -13.68
CA ASP A 241 0.25 2.48 -13.98
C ASP A 241 0.13 2.70 -15.48
N GLU A 242 1.02 2.08 -16.26
CA GLU A 242 0.87 2.11 -17.71
C GLU A 242 -0.45 1.50 -18.15
N PHE A 243 -0.86 0.40 -17.50
CA PHE A 243 -2.18 -0.14 -17.79
C PHE A 243 -3.25 0.87 -17.45
N GLY A 244 -3.09 1.57 -16.33
CA GLY A 244 -4.06 2.58 -15.98
C GLY A 244 -4.15 3.67 -17.02
N PHE A 245 -3.01 4.16 -17.50
CA PHE A 245 -3.01 5.17 -18.55
C PHE A 245 -3.64 4.64 -19.83
N PHE A 246 -3.39 3.37 -20.14
CA PHE A 246 -4.04 2.74 -21.29
C PHE A 246 -5.55 2.70 -21.12
N VAL A 247 -6.03 2.32 -19.94
CA VAL A 247 -7.47 2.27 -19.74
C VAL A 247 -8.08 3.66 -19.86
N VAL A 248 -7.42 4.68 -19.29
CA VAL A 248 -7.93 6.03 -19.47
C VAL A 248 -8.02 6.35 -20.95
N MET A 249 -6.96 6.07 -21.72
CA MET A 249 -6.97 6.34 -23.15
C MET A 249 -8.12 5.62 -23.85
N LEU A 250 -8.31 4.35 -23.53
CA LEU A 250 -9.36 3.59 -24.18
C LEU A 250 -10.75 4.08 -23.79
N ALA A 251 -10.94 4.41 -22.50
CA ALA A 251 -12.24 4.94 -22.07
C ALA A 251 -12.61 6.19 -22.84
N VAL A 252 -11.64 7.04 -23.13
CA VAL A 252 -11.94 8.22 -23.93
C VAL A 252 -12.08 7.84 -25.40
N ALA A 253 -11.13 7.08 -25.94
CA ALA A 253 -11.14 6.81 -27.38
C ALA A 253 -12.35 5.97 -27.79
N GLY A 254 -12.77 5.04 -26.97
CA GLY A 254 -13.79 4.10 -27.38
C GLY A 254 -15.22 4.56 -27.19
N ASN A 255 -15.45 5.80 -26.76
CA ASN A 255 -16.78 6.23 -26.40
C ASN A 255 -17.32 7.18 -27.46
N GLU A 256 -17.06 8.47 -27.36
CA GLU A 256 -17.83 9.47 -28.09
C GLU A 256 -17.61 9.42 -29.61
N THR A 257 -16.40 9.11 -30.07
CA THR A 257 -16.20 9.07 -31.53
C THR A 257 -17.10 8.02 -32.19
N THR A 258 -17.20 6.82 -31.63
CA THR A 258 -18.08 5.83 -32.23
C THR A 258 -19.54 6.24 -32.06
N ARG A 259 -19.89 6.75 -30.87
CA ARG A 259 -21.23 7.24 -30.65
C ARG A 259 -21.63 8.24 -31.72
N ASN A 260 -20.78 9.26 -31.94
CA ASN A 260 -21.10 10.29 -32.91
C ASN A 260 -21.09 9.75 -34.35
N SER A 261 -20.30 8.73 -34.65
CA SER A 261 -20.44 8.05 -35.94
CA SER A 261 -20.46 8.11 -35.96
C SER A 261 -21.84 7.50 -36.11
N ILE A 262 -22.37 6.86 -35.07
CA ILE A 262 -23.69 6.25 -35.17
C ILE A 262 -24.76 7.32 -35.39
N THR A 263 -24.77 8.35 -34.53
CA THR A 263 -25.79 9.38 -34.67
C THR A 263 -25.70 10.06 -36.04
N GLN A 264 -24.49 10.43 -36.47
CA GLN A 264 -24.42 11.13 -37.74
CA GLN A 264 -24.34 11.12 -37.75
C GLN A 264 -24.65 10.19 -38.91
N GLY A 265 -24.35 8.91 -38.76
CA GLY A 265 -24.71 7.98 -39.82
C GLY A 265 -26.22 7.90 -39.99
N MET A 266 -26.95 7.91 -38.88
CA MET A 266 -28.41 7.84 -39.00
CA MET A 266 -28.41 7.87 -38.96
C MET A 266 -28.98 9.17 -39.50
N MET A 267 -28.38 10.29 -39.12
CA MET A 267 -28.78 11.56 -39.72
C MET A 267 -28.56 11.53 -41.22
N ALA A 268 -27.44 10.94 -41.66
CA ALA A 268 -27.20 10.85 -43.09
C ALA A 268 -28.25 9.95 -43.76
N PHE A 269 -28.58 8.84 -43.13
CA PHE A 269 -29.64 7.98 -43.68
C PHE A 269 -30.98 8.72 -43.71
N ALA A 270 -31.28 9.51 -42.69
CA ALA A 270 -32.53 10.27 -42.70
C ALA A 270 -32.55 11.29 -43.84
N GLU A 271 -31.38 11.82 -44.20
CA GLU A 271 -31.28 12.80 -45.27
C GLU A 271 -31.18 12.17 -46.65
N HIS A 272 -30.88 10.88 -46.74
CA HIS A 272 -30.61 10.21 -48.00
C HIS A 272 -31.38 8.90 -48.04
N PRO A 273 -32.71 8.99 -48.19
CA PRO A 273 -33.55 7.78 -47.99
C PRO A 273 -33.24 6.66 -48.96
N ASP A 274 -32.74 6.96 -50.17
CA ASP A 274 -32.38 5.88 -51.08
C ASP A 274 -31.23 5.07 -50.51
N GLN A 275 -30.30 5.73 -49.83
CA GLN A 275 -29.21 4.99 -49.19
C GLN A 275 -29.74 4.14 -48.04
N TRP A 276 -30.71 4.66 -47.29
CA TRP A 276 -31.27 3.89 -46.18
C TRP A 276 -32.04 2.68 -46.71
N GLU A 277 -32.82 2.86 -47.77
CA GLU A 277 -33.50 1.70 -48.35
C GLU A 277 -32.51 0.67 -48.85
N LEU A 278 -31.43 1.13 -49.51
CA LEU A 278 -30.40 0.21 -49.96
C LEU A 278 -29.75 -0.48 -48.78
N TYR A 279 -29.46 0.27 -47.70
CA TYR A 279 -28.84 -0.34 -46.54
C TYR A 279 -29.72 -1.43 -45.96
N LYS A 280 -31.00 -1.11 -45.72
CA LYS A 280 -31.88 -2.08 -45.09
C LYS A 280 -31.96 -3.36 -45.90
N LYS A 281 -31.86 -3.24 -47.22
CA LYS A 281 -32.02 -4.40 -48.08
C LYS A 281 -30.74 -5.23 -48.16
N VAL A 282 -29.59 -4.58 -48.29
CA VAL A 282 -28.34 -5.28 -48.55
C VAL A 282 -27.41 -5.35 -47.34
N ARG A 283 -27.54 -4.43 -46.37
CA ARG A 283 -26.71 -4.38 -45.18
C ARG A 283 -25.22 -4.38 -45.52
N PRO A 284 -24.78 -3.54 -46.44
CA PRO A 284 -23.37 -3.55 -46.85
C PRO A 284 -22.47 -3.02 -45.74
N GLU A 285 -21.41 -3.76 -45.42
CA GLU A 285 -20.51 -3.29 -44.38
C GLU A 285 -19.61 -2.15 -44.85
N THR A 286 -19.53 -1.88 -46.15
CA THR A 286 -18.89 -0.64 -46.60
C THR A 286 -19.58 0.58 -46.03
N ALA A 287 -20.83 0.41 -45.57
CA ALA A 287 -21.54 1.52 -44.94
C ALA A 287 -20.75 2.08 -43.76
N ALA A 288 -20.09 1.24 -42.98
CA ALA A 288 -19.40 1.74 -41.78
C ALA A 288 -18.38 2.79 -42.15
N ASP A 289 -17.58 2.52 -43.19
CA ASP A 289 -16.55 3.48 -43.54
C ASP A 289 -17.13 4.73 -44.16
N GLU A 290 -18.23 4.63 -44.91
CA GLU A 290 -18.85 5.85 -45.43
C GLU A 290 -19.45 6.66 -44.31
N ILE A 291 -19.95 5.98 -43.28
CA ILE A 291 -20.48 6.67 -42.12
C ILE A 291 -19.36 7.39 -41.39
N VAL A 292 -18.20 6.75 -41.23
CA VAL A 292 -17.08 7.40 -40.57
C VAL A 292 -16.55 8.57 -41.40
N ARG A 293 -16.40 8.38 -42.71
CA ARG A 293 -16.03 9.50 -43.58
C ARG A 293 -17.02 10.66 -43.42
N TRP A 294 -18.31 10.37 -43.48
CA TRP A 294 -19.33 11.41 -43.42
C TRP A 294 -19.35 12.08 -42.04
N ALA A 295 -19.18 11.28 -40.98
CA ALA A 295 -19.23 11.80 -39.61
C ALA A 295 -17.93 12.47 -39.15
N THR A 296 -16.78 12.06 -39.73
CA THR A 296 -15.44 12.49 -39.31
C THR A 296 -15.48 12.89 -37.83
N PRO A 297 -15.63 11.90 -36.94
CA PRO A 297 -15.87 12.20 -35.53
C PRO A 297 -14.76 12.99 -34.88
N VAL A 298 -13.52 12.79 -35.28
CA VAL A 298 -12.42 13.68 -34.92
C VAL A 298 -12.26 14.65 -36.08
N THR A 299 -12.68 15.89 -35.88
CA THR A 299 -12.53 16.92 -36.90
C THR A 299 -11.05 17.14 -37.20
N ALA A 300 -10.22 17.12 -36.16
CA ALA A 300 -8.84 17.49 -36.35
C ALA A 300 -7.98 16.98 -35.20
N PHE A 301 -6.76 16.55 -35.55
CA PHE A 301 -5.67 16.37 -34.61
C PHE A 301 -4.46 17.16 -35.12
N GLN A 302 -3.54 17.48 -34.21
CA GLN A 302 -2.38 18.30 -34.55
C GLN A 302 -1.09 17.53 -34.38
N ARG A 303 -0.01 18.14 -34.91
CA ARG A 303 1.36 17.76 -34.66
C ARG A 303 2.18 19.04 -34.50
N THR A 304 3.41 18.89 -34.03
CA THR A 304 4.36 19.99 -33.91
C THR A 304 5.63 19.63 -34.68
N ALA A 305 6.09 20.55 -35.53
CA ALA A 305 7.30 20.29 -36.30
C ALA A 305 8.51 20.29 -35.39
N LEU A 306 9.32 19.22 -35.48
CA LEU A 306 10.56 19.14 -34.76
C LEU A 306 11.72 19.77 -35.51
N ARG A 307 11.51 20.15 -36.76
CA ARG A 307 12.52 20.75 -37.61
C ARG A 307 11.79 21.41 -38.77
N ASP A 308 12.48 22.33 -39.44
CA ASP A 308 11.89 22.92 -40.64
C ASP A 308 11.55 21.81 -41.62
N TYR A 309 10.46 22.00 -42.36
CA TYR A 309 9.97 20.98 -43.27
C TYR A 309 9.11 21.65 -44.32
N GLU A 310 9.38 21.34 -45.58
CA GLU A 310 8.61 21.89 -46.69
CA GLU A 310 8.61 21.89 -46.69
C GLU A 310 7.51 20.91 -47.07
N LEU A 311 6.26 21.37 -46.99
CA LEU A 311 5.07 20.55 -47.22
C LEU A 311 4.27 21.19 -48.35
N SER A 312 4.20 20.50 -49.47
CA SER A 312 3.47 21.00 -50.63
C SER A 312 3.75 22.49 -50.87
N GLY A 313 5.03 22.82 -50.93
CA GLY A 313 5.45 24.17 -51.26
C GLY A 313 5.41 25.17 -50.13
N VAL A 314 4.93 24.79 -48.94
CA VAL A 314 4.89 25.70 -47.80
C VAL A 314 6.01 25.34 -46.85
N GLN A 315 6.71 26.36 -46.36
CA GLN A 315 7.80 26.15 -45.43
C GLN A 315 7.22 26.11 -44.02
N ILE A 316 7.21 24.91 -43.41
CA ILE A 316 6.85 24.75 -42.00
CA ILE A 316 6.85 24.78 -42.01
C ILE A 316 8.10 24.95 -41.16
N LYS A 317 7.99 25.70 -40.08
CA LYS A 317 9.15 26.03 -39.27
C LYS A 317 9.17 25.19 -38.01
N LYS A 318 10.36 24.81 -37.59
CA LYS A 318 10.53 24.11 -36.33
C LYS A 318 9.72 24.79 -35.23
N GLY A 319 8.97 23.98 -34.50
CA GLY A 319 8.16 24.46 -33.40
C GLY A 319 6.75 24.84 -33.78
N GLN A 320 6.43 24.98 -35.05
CA GLN A 320 5.07 25.35 -35.40
C GLN A 320 4.16 24.13 -35.34
N ARG A 321 2.90 24.38 -35.02
CA ARG A 321 1.87 23.34 -35.09
C ARG A 321 1.25 23.30 -36.48
N VAL A 322 0.95 22.08 -36.90
CA VAL A 322 0.09 21.81 -38.04
C VAL A 322 -1.15 21.07 -37.55
N VAL A 323 -2.31 21.47 -38.02
CA VAL A 323 -3.56 20.82 -37.65
C VAL A 323 -4.14 20.13 -38.86
N MET A 324 -4.26 18.81 -38.78
CA MET A 324 -4.83 17.98 -39.83
C MET A 324 -6.35 17.99 -39.71
N PHE A 325 -7.01 18.70 -40.62
CA PHE A 325 -8.46 18.76 -40.62
C PHE A 325 -8.99 17.58 -41.42
N TYR A 326 -9.20 16.49 -40.69
CA TYR A 326 -9.78 15.29 -41.29
C TYR A 326 -11.14 15.61 -41.92
N ARG A 327 -11.87 16.56 -41.34
CA ARG A 327 -13.16 16.97 -41.88
C ARG A 327 -13.01 17.57 -43.26
N SER A 328 -11.89 18.24 -43.52
CA SER A 328 -11.66 18.73 -44.87
C SER A 328 -11.13 17.63 -45.79
N ALA A 329 -10.13 16.87 -45.31
CA ALA A 329 -9.50 15.84 -46.13
C ALA A 329 -10.48 14.76 -46.56
N ASN A 330 -11.49 14.45 -45.75
CA ASN A 330 -12.44 13.41 -46.09
C ASN A 330 -13.43 13.85 -47.15
N PHE A 331 -13.35 15.10 -47.60
CA PHE A 331 -14.18 15.60 -48.68
C PHE A 331 -13.31 16.20 -49.79
N ASP A 332 -12.07 15.75 -49.87
CA ASP A 332 -11.09 16.24 -50.84
C ASP A 332 -11.46 15.75 -52.24
N GLU A 333 -11.79 16.71 -53.11
CA GLU A 333 -12.25 16.42 -54.48
C GLU A 333 -11.18 15.75 -55.33
N GLU A 334 -9.92 15.86 -54.96
CA GLU A 334 -8.86 15.20 -55.69
C GLU A 334 -8.76 13.71 -55.38
N VAL A 335 -9.38 13.26 -54.29
CA VAL A 335 -9.26 11.89 -53.84
C VAL A 335 -10.56 11.13 -54.00
N PHE A 336 -11.68 11.77 -53.68
CA PHE A 336 -12.99 11.13 -53.65
C PHE A 336 -13.78 11.57 -54.87
N GLN A 337 -14.52 10.63 -55.41
CA GLN A 337 -15.46 10.91 -56.49
C GLN A 337 -16.78 11.35 -55.85
N ASP A 338 -17.16 12.58 -56.11
CA ASP A 338 -18.39 13.11 -55.56
C ASP A 338 -18.33 13.01 -54.03
N PRO A 339 -17.35 13.67 -53.40
CA PRO A 339 -17.23 13.56 -51.93
C PRO A 339 -18.47 13.97 -51.17
N PHE A 340 -19.29 14.87 -51.73
CA PHE A 340 -20.48 15.31 -51.03
C PHE A 340 -21.70 14.46 -51.36
N THR A 341 -21.49 13.31 -51.98
CA THR A 341 -22.52 12.28 -52.10
C THR A 341 -22.28 11.22 -51.01
N PHE A 342 -23.31 10.95 -50.22
CA PHE A 342 -23.30 9.86 -49.24
C PHE A 342 -23.56 8.55 -49.97
N ASN A 343 -22.54 7.70 -50.06
CA ASN A 343 -22.58 6.49 -50.87
C ASN A 343 -22.08 5.32 -50.03
N ILE A 344 -23.00 4.53 -49.49
CA ILE A 344 -22.59 3.48 -48.56
C ILE A 344 -21.88 2.34 -49.27
N LEU A 345 -21.85 2.32 -50.60
CA LEU A 345 -21.07 1.33 -51.35
C LEU A 345 -19.69 1.83 -51.76
N ARG A 346 -19.32 3.06 -51.39
CA ARG A 346 -18.03 3.62 -51.75
C ARG A 346 -16.91 2.64 -51.44
N ASN A 347 -16.07 2.36 -52.44
CA ASN A 347 -15.08 1.29 -52.35
C ASN A 347 -14.10 1.39 -53.51
N PRO A 348 -12.79 1.56 -53.25
CA PRO A 348 -12.18 1.75 -51.93
C PRO A 348 -12.62 3.06 -51.29
N ASN A 349 -12.45 3.19 -49.97
CA ASN A 349 -12.84 4.40 -49.25
C ASN A 349 -11.65 4.80 -48.39
N PRO A 350 -10.68 5.51 -48.98
CA PRO A 350 -9.42 5.84 -48.29
C PRO A 350 -9.55 7.09 -47.42
N HIS A 351 -10.61 7.14 -46.61
CA HIS A 351 -10.80 8.27 -45.72
C HIS A 351 -9.75 8.23 -44.59
N VAL A 352 -9.56 9.41 -43.98
CA VAL A 352 -8.65 9.56 -42.85
C VAL A 352 -9.43 9.81 -41.56
N GLY A 353 -10.66 9.29 -41.51
CA GLY A 353 -11.42 9.36 -40.27
C GLY A 353 -10.72 8.72 -39.10
N PHE A 354 -9.94 7.67 -39.35
CA PHE A 354 -9.16 6.96 -38.36
C PHE A 354 -7.73 7.43 -38.36
N GLY A 355 -7.48 8.58 -38.98
CA GLY A 355 -6.17 9.13 -39.09
C GLY A 355 -5.51 8.73 -40.39
N GLY A 356 -4.36 9.34 -40.65
CA GLY A 356 -3.52 8.87 -41.73
C GLY A 356 -2.76 7.63 -41.32
N THR A 357 -2.49 6.75 -42.29
CA THR A 357 -1.61 5.63 -42.04
C THR A 357 -0.28 6.14 -41.51
N GLY A 358 0.29 5.41 -40.58
CA GLY A 358 1.47 5.83 -39.87
C GLY A 358 1.47 5.21 -38.49
N ALA A 359 2.43 5.66 -37.67
CA ALA A 359 2.65 5.04 -36.37
C ALA A 359 1.44 5.12 -35.45
N HIS A 360 0.63 6.19 -35.56
CA HIS A 360 -0.47 6.45 -34.63
C HIS A 360 -1.84 6.10 -35.22
N TYR A 361 -1.88 5.32 -36.30
CA TYR A 361 -3.15 4.96 -36.93
C TYR A 361 -4.05 4.26 -35.92
N CYS A 362 -5.34 4.57 -35.98
CA CYS A 362 -6.28 4.12 -34.94
C CYS A 362 -6.21 2.60 -34.74
N ILE A 363 -5.80 2.18 -33.55
CA ILE A 363 -5.78 0.75 -33.24
CA ILE A 363 -5.78 0.75 -33.24
C ILE A 363 -7.18 0.21 -33.04
N GLY A 364 -8.17 1.07 -32.84
CA GLY A 364 -9.55 0.68 -32.65
C GLY A 364 -10.40 0.72 -33.90
N ALA A 365 -9.81 0.86 -35.08
CA ALA A 365 -10.62 1.10 -36.28
C ALA A 365 -11.56 -0.08 -36.54
N ASN A 366 -11.06 -1.30 -36.45
CA ASN A 366 -11.94 -2.40 -36.79
C ASN A 366 -12.96 -2.70 -35.70
N LEU A 367 -12.63 -2.41 -34.43
CA LEU A 367 -13.65 -2.48 -33.38
C LEU A 367 -14.76 -1.47 -33.61
N ALA A 368 -14.40 -0.24 -33.99
CA ALA A 368 -15.39 0.79 -34.30
C ALA A 368 -16.26 0.40 -35.48
N ARG A 369 -15.66 -0.10 -36.56
CA ARG A 369 -16.43 -0.52 -37.72
C ARG A 369 -17.41 -1.66 -37.36
N MET A 370 -16.94 -2.65 -36.63
CA MET A 370 -17.85 -3.69 -36.15
C MET A 370 -18.99 -3.13 -35.32
N THR A 371 -18.69 -2.24 -34.38
CA THR A 371 -19.73 -1.66 -33.55
C THR A 371 -20.77 -0.98 -34.41
N ILE A 372 -20.31 -0.26 -35.43
CA ILE A 372 -21.19 0.49 -36.31
C ILE A 372 -22.05 -0.45 -37.12
N ASN A 373 -21.44 -1.49 -37.70
CA ASN A 373 -22.20 -2.41 -38.53
C ASN A 373 -23.24 -3.15 -37.70
N LEU A 374 -22.89 -3.52 -36.48
CA LEU A 374 -23.82 -4.26 -35.65
C LEU A 374 -25.00 -3.38 -35.23
N ILE A 375 -24.76 -2.11 -34.87
CA ILE A 375 -25.88 -1.28 -34.42
C ILE A 375 -26.80 -0.92 -35.58
N PHE A 376 -26.26 -0.65 -36.77
CA PHE A 376 -27.16 -0.30 -37.87
C PHE A 376 -27.95 -1.49 -38.39
N ASN A 377 -27.39 -2.70 -38.33
CA ASN A 377 -28.19 -3.90 -38.58
C ASN A 377 -29.33 -3.99 -37.59
N ALA A 378 -29.06 -3.73 -36.29
CA ALA A 378 -30.12 -3.79 -35.29
C ALA A 378 -31.14 -2.67 -35.50
N VAL A 379 -30.68 -1.48 -35.89
CA VAL A 379 -31.61 -0.40 -36.19
C VAL A 379 -32.47 -0.76 -37.41
N ALA A 380 -31.86 -1.39 -38.41
CA ALA A 380 -32.66 -1.83 -39.55
C ALA A 380 -33.62 -2.94 -39.15
N ASP A 381 -33.21 -3.81 -38.21
CA ASP A 381 -34.09 -4.89 -37.82
C ASP A 381 -35.27 -4.39 -37.01
N HIS A 382 -35.07 -3.38 -36.15
CA HIS A 382 -36.09 -3.05 -35.16
C HIS A 382 -36.81 -1.74 -35.39
N MET A 383 -36.21 -0.78 -36.08
CA MET A 383 -36.84 0.50 -36.33
CA MET A 383 -36.81 0.51 -36.32
C MET A 383 -36.58 0.95 -37.75
N PRO A 384 -36.95 0.12 -38.74
CA PRO A 384 -36.67 0.47 -40.13
C PRO A 384 -37.28 1.77 -40.59
N ASP A 385 -38.32 2.27 -39.92
CA ASP A 385 -39.05 3.44 -40.39
C ASP A 385 -38.84 4.67 -39.51
N LEU A 386 -37.80 4.69 -38.69
CA LEU A 386 -37.63 5.82 -37.78
CA LEU A 386 -37.62 5.81 -37.78
C LEU A 386 -37.54 7.12 -38.57
N LYS A 387 -38.02 8.20 -37.94
CA LYS A 387 -38.10 9.51 -38.54
C LYS A 387 -37.70 10.51 -37.46
N PRO A 388 -36.85 11.48 -37.79
CA PRO A 388 -36.47 12.48 -36.79
C PRO A 388 -37.65 13.38 -36.43
N ILE A 389 -37.65 13.83 -35.17
CA ILE A 389 -38.66 14.75 -34.67
C ILE A 389 -38.16 16.19 -34.69
N SER A 390 -36.89 16.43 -34.36
CA SER A 390 -36.36 17.78 -34.36
C SER A 390 -34.87 17.75 -34.69
N ALA A 391 -34.28 18.94 -34.77
CA ALA A 391 -32.90 19.05 -35.21
C ALA A 391 -31.95 18.51 -34.15
N PRO A 392 -30.85 17.86 -34.56
CA PRO A 392 -29.82 17.50 -33.57
C PRO A 392 -29.27 18.73 -32.86
N GLU A 393 -28.84 18.52 -31.63
CA GLU A 393 -28.11 19.54 -30.88
C GLU A 393 -26.64 19.19 -30.94
N ARG A 394 -25.82 20.11 -31.45
CA ARG A 394 -24.41 19.86 -31.68
C ARG A 394 -23.57 20.17 -30.44
N LEU A 395 -22.42 19.51 -30.36
CA LEU A 395 -21.51 19.68 -29.23
C LEU A 395 -20.57 20.87 -29.45
N ARG A 396 -20.41 21.69 -28.41
CA ARG A 396 -19.43 22.79 -28.44
CA ARG A 396 -19.44 22.78 -28.43
C ARG A 396 -18.06 22.19 -28.18
N SER A 397 -17.28 22.02 -29.24
CA SER A 397 -15.95 21.45 -29.15
C SER A 397 -15.15 21.98 -30.33
N GLY A 398 -13.88 22.22 -30.11
CA GLY A 398 -13.02 22.64 -31.21
C GLY A 398 -12.36 21.53 -32.00
N TRP A 399 -12.55 20.26 -31.66
CA TRP A 399 -11.90 19.17 -32.40
C TRP A 399 -12.74 17.92 -32.52
N LEU A 400 -13.80 17.79 -31.73
CA LEU A 400 -14.73 16.67 -31.81
C LEU A 400 -15.98 17.14 -32.54
N ASN A 401 -16.45 16.35 -33.50
CA ASN A 401 -17.74 16.61 -34.14
C ASN A 401 -18.78 15.77 -33.41
N GLY A 402 -19.51 16.42 -32.50
CA GLY A 402 -20.40 15.71 -31.58
C GLY A 402 -21.87 16.10 -31.73
N ILE A 403 -22.75 15.12 -31.50
CA ILE A 403 -24.19 15.36 -31.42
C ILE A 403 -24.62 15.01 -29.99
N LYS A 404 -25.08 16.01 -29.26
CA LYS A 404 -25.48 15.77 -27.87
C LYS A 404 -26.85 15.11 -27.79
N HIS A 405 -27.79 15.49 -28.65
CA HIS A 405 -29.18 15.06 -28.51
C HIS A 405 -29.82 15.08 -29.87
N TRP A 406 -30.74 14.12 -30.10
CA TRP A 406 -31.44 14.05 -31.39
C TRP A 406 -32.73 13.26 -31.20
N GLN A 407 -33.85 13.98 -31.04
CA GLN A 407 -35.13 13.31 -30.81
CA GLN A 407 -35.14 13.34 -30.83
C GLN A 407 -35.62 12.69 -32.11
N VAL A 408 -36.01 11.42 -32.05
CA VAL A 408 -36.55 10.74 -33.22
C VAL A 408 -37.78 9.92 -32.83
N ASP A 409 -38.62 9.67 -33.83
CA ASP A 409 -39.77 8.77 -33.72
C ASP A 409 -39.34 7.42 -34.27
N TYR A 410 -39.04 6.48 -33.38
CA TYR A 410 -38.52 5.19 -33.82
C TYR A 410 -39.53 4.43 -34.68
N THR A 411 -40.83 4.68 -34.50
CA THR A 411 -41.86 3.97 -35.24
C THR A 411 -42.27 4.66 -36.53
N GLY A 412 -42.01 5.96 -36.66
CA GLY A 412 -42.52 6.71 -37.78
C GLY A 412 -44.04 6.64 -37.78
N SER B 4 -17.82 -6.56 25.39
CA SER B 4 -18.46 -6.78 24.10
C SER B 4 -17.45 -7.00 22.98
N PRO B 5 -16.58 -6.02 22.71
CA PRO B 5 -15.58 -6.21 21.66
C PRO B 5 -14.58 -7.29 22.04
N ASN B 6 -14.05 -7.96 21.02
CA ASN B 6 -13.16 -9.11 21.22
C ASN B 6 -11.72 -8.63 21.43
N LEU B 7 -11.44 -8.21 22.66
CA LEU B 7 -10.16 -7.64 23.05
C LEU B 7 -9.65 -8.31 24.32
N PRO B 8 -8.33 -8.36 24.52
CA PRO B 8 -7.82 -8.94 25.77
C PRO B 8 -8.25 -8.13 26.96
N PRO B 9 -8.49 -8.77 28.10
CA PRO B 9 -8.83 -8.00 29.31
C PRO B 9 -7.78 -6.93 29.61
N GLY B 10 -8.26 -5.75 30.00
CA GLY B 10 -7.39 -4.65 30.37
C GLY B 10 -6.76 -3.91 29.21
N PHE B 11 -7.09 -4.25 27.97
CA PHE B 11 -6.47 -3.59 26.82
C PHE B 11 -6.67 -2.08 26.87
N ASP B 12 -5.61 -1.34 26.60
CA ASP B 12 -5.62 0.12 26.71
C ASP B 12 -5.01 0.68 25.43
N PHE B 13 -5.85 1.32 24.61
CA PHE B 13 -5.40 1.82 23.31
C PHE B 13 -4.42 2.98 23.42
N THR B 14 -4.20 3.53 24.62
CA THR B 14 -3.20 4.57 24.85
C THR B 14 -1.90 4.00 25.42
N ASP B 15 -1.79 2.69 25.52
CA ASP B 15 -0.59 2.09 26.11
C ASP B 15 0.64 2.33 25.24
N PRO B 16 1.65 3.06 25.71
CA PRO B 16 2.84 3.31 24.87
C PRO B 16 3.57 2.04 24.47
N ALA B 17 3.45 0.98 25.28
CA ALA B 17 4.10 -0.29 24.95
C ALA B 17 3.56 -0.87 23.66
N ILE B 18 2.28 -0.64 23.36
CA ILE B 18 1.73 -1.07 22.07
C ILE B 18 2.47 -0.38 20.92
N TYR B 19 2.52 0.95 20.95
CA TYR B 19 3.04 1.71 19.83
C TYR B 19 4.56 1.58 19.67
N ALA B 20 5.27 1.22 20.73
CA ALA B 20 6.68 0.90 20.60
C ALA B 20 6.91 -0.29 19.67
N GLU B 21 5.90 -1.12 19.45
CA GLU B 21 5.99 -2.32 18.63
CA GLU B 21 6.05 -2.28 18.58
C GLU B 21 5.21 -2.23 17.33
N ARG B 22 4.02 -1.63 17.37
CA ARG B 22 3.09 -1.73 16.24
CA ARG B 22 3.11 -1.72 16.23
C ARG B 22 1.99 -0.68 16.40
N LEU B 23 1.24 -0.50 15.32
CA LEU B 23 -0.04 0.18 15.34
C LEU B 23 -1.14 -0.86 15.52
N PRO B 24 -2.03 -0.74 16.51
CA PRO B 24 -3.07 -1.77 16.76
C PRO B 24 -4.21 -1.71 15.75
N VAL B 25 -3.87 -1.92 14.49
CA VAL B 25 -4.85 -1.76 13.42
C VAL B 25 -6.02 -2.74 13.60
N ALA B 26 -5.71 -4.01 13.86
CA ALA B 26 -6.78 -4.99 13.97
C ALA B 26 -7.67 -4.71 15.17
N GLU B 27 -7.09 -4.20 16.26
CA GLU B 27 -7.89 -3.93 17.45
C GLU B 27 -8.82 -2.76 17.21
N PHE B 28 -8.32 -1.73 16.51
CA PHE B 28 -9.18 -0.62 16.12
C PHE B 28 -10.31 -1.10 15.21
N ALA B 29 -9.97 -1.97 14.25
CA ALA B 29 -10.99 -2.51 13.37
C ALA B 29 -12.06 -3.24 14.17
N GLU B 30 -11.65 -3.97 15.20
CA GLU B 30 -12.61 -4.69 16.04
C GLU B 30 -13.55 -3.72 16.75
N LEU B 31 -13.02 -2.59 17.24
CA LEU B 31 -13.89 -1.59 17.87
C LEU B 31 -14.86 -0.98 16.86
N ARG B 32 -14.38 -0.59 15.69
CA ARG B 32 -15.29 -0.03 14.69
C ARG B 32 -16.40 -1.02 14.38
N SER B 33 -16.06 -2.30 14.27
CA SER B 33 -17.06 -3.33 13.96
C SER B 33 -18.01 -3.56 15.11
N ALA B 34 -17.51 -3.70 16.34
CA ALA B 34 -18.31 -4.22 17.45
C ALA B 34 -18.65 -3.22 18.54
N ALA B 35 -17.89 -2.14 18.69
CA ALA B 35 -18.13 -1.17 19.75
C ALA B 35 -17.43 0.13 19.38
N PRO B 36 -17.96 0.89 18.41
CA PRO B 36 -17.20 2.02 17.86
C PRO B 36 -17.07 3.18 18.84
N ILE B 37 -17.84 3.21 19.91
CA ILE B 37 -17.58 4.06 21.06
C ILE B 37 -17.55 3.15 22.27
N TRP B 38 -16.38 2.95 22.84
CA TRP B 38 -16.16 1.89 23.83
C TRP B 38 -15.45 2.47 25.04
N TRP B 39 -15.91 2.07 26.24
CA TRP B 39 -15.27 2.55 27.46
C TRP B 39 -13.95 1.80 27.66
N ASN B 40 -12.86 2.55 27.61
CA ASN B 40 -11.50 2.03 27.76
C ASN B 40 -11.12 2.24 29.23
N GLY B 41 -11.39 1.23 30.06
CA GLY B 41 -11.07 1.35 31.47
C GLY B 41 -9.57 1.37 31.71
N GLN B 42 -9.16 2.13 32.72
CA GLN B 42 -7.76 2.20 33.14
C GLN B 42 -7.67 1.96 34.64
N ASP B 43 -6.80 1.04 35.06
CA ASP B 43 -6.62 0.73 36.47
C ASP B 43 -6.04 1.95 37.20
N PRO B 44 -6.07 1.96 38.53
CA PRO B 44 -5.50 3.10 39.25
C PRO B 44 -4.01 3.19 39.00
N GLY B 45 -3.54 4.41 38.74
CA GLY B 45 -2.14 4.66 38.46
C GLY B 45 -1.68 4.28 37.08
N LYS B 46 -2.57 3.79 36.21
CA LYS B 46 -2.20 3.37 34.86
C LYS B 46 -2.90 4.23 33.81
N GLY B 47 -3.22 5.46 34.14
CA GLY B 47 -3.97 6.30 33.22
C GLY B 47 -3.11 7.34 32.55
N GLY B 48 -1.80 7.13 32.54
CA GLY B 48 -0.90 8.06 31.89
C GLY B 48 -1.04 9.49 32.35
N GLY B 49 -1.21 9.69 33.65
CA GLY B 49 -1.31 11.01 34.23
C GLY B 49 -2.71 11.44 34.60
N PHE B 50 -3.72 10.71 34.13
CA PHE B 50 -5.12 10.98 34.45
C PHE B 50 -5.65 9.87 35.35
N HIS B 51 -6.48 10.25 36.31
CA HIS B 51 -6.91 9.37 37.39
C HIS B 51 -8.43 9.35 37.48
N ASP B 52 -9.08 9.19 36.34
CA ASP B 52 -10.53 9.18 36.23
C ASP B 52 -11.08 7.81 35.85
N GLY B 53 -10.27 6.76 35.91
CA GLY B 53 -10.74 5.42 35.62
C GLY B 53 -10.80 5.05 34.15
N GLY B 54 -10.65 5.99 33.24
CA GLY B 54 -10.57 5.65 31.82
C GLY B 54 -11.14 6.76 30.95
N PHE B 55 -11.53 6.37 29.73
CA PHE B 55 -11.95 7.31 28.72
C PHE B 55 -12.81 6.59 27.68
N TRP B 56 -13.50 7.40 26.87
CA TRP B 56 -14.28 6.88 25.74
C TRP B 56 -13.38 6.82 24.52
N ALA B 57 -13.09 5.60 24.05
CA ALA B 57 -12.39 5.43 22.79
C ALA B 57 -13.32 5.73 21.62
N ILE B 58 -12.97 6.74 20.83
CA ILE B 58 -13.73 7.17 19.66
C ILE B 58 -13.01 6.67 18.41
N THR B 59 -13.67 5.82 17.63
CA THR B 59 -12.99 5.11 16.55
C THR B 59 -13.52 5.43 15.16
N LYS B 60 -14.68 6.09 15.04
CA LYS B 60 -15.30 6.36 13.76
C LYS B 60 -15.08 7.82 13.35
N LEU B 61 -14.88 8.03 12.05
CA LEU B 61 -14.49 9.35 11.56
C LEU B 61 -15.56 10.39 11.81
N ASN B 62 -16.83 10.04 11.59
CA ASN B 62 -17.91 11.01 11.83
C ASN B 62 -17.95 11.42 13.29
N ASP B 63 -17.74 10.48 14.23
CA ASP B 63 -17.74 10.85 15.63
C ASP B 63 -16.56 11.78 15.95
N VAL B 64 -15.41 11.52 15.37
CA VAL B 64 -14.27 12.43 15.54
C VAL B 64 -14.65 13.83 15.08
N LYS B 65 -15.20 13.94 13.87
CA LYS B 65 -15.58 15.26 13.35
C LYS B 65 -16.60 15.93 14.25
N GLU B 66 -17.56 15.17 14.79
CA GLU B 66 -18.59 15.77 15.64
C GLU B 66 -17.97 16.34 16.91
N ILE B 67 -17.10 15.58 17.57
CA ILE B 67 -16.42 16.10 18.75
C ILE B 67 -15.61 17.34 18.39
N SER B 68 -14.88 17.30 17.29
CA SER B 68 -14.03 18.43 16.92
C SER B 68 -14.88 19.68 16.64
N ARG B 69 -16.05 19.49 16.02
CA ARG B 69 -16.91 20.62 15.70
C ARG B 69 -17.47 21.29 16.95
N HIS B 70 -17.83 20.51 17.96
CA HIS B 70 -18.52 21.02 19.15
C HIS B 70 -17.53 21.28 20.28
N SER B 71 -16.58 22.17 20.02
CA SER B 71 -15.63 22.57 21.05
C SER B 71 -16.33 23.23 22.23
N ASP B 72 -17.47 23.90 21.98
CA ASP B 72 -18.27 24.44 23.07
C ASP B 72 -18.61 23.37 24.12
N VAL B 73 -18.63 22.10 23.73
CA VAL B 73 -18.93 21.01 24.64
C VAL B 73 -17.67 20.21 25.01
N PHE B 74 -16.87 19.85 24.01
CA PHE B 74 -15.72 18.98 24.24
C PHE B 74 -14.48 19.85 24.37
N SER B 75 -13.96 19.94 25.59
CA SER B 75 -12.95 20.94 25.94
C SER B 75 -11.53 20.44 25.70
N SER B 76 -10.71 21.29 25.08
CA SER B 76 -9.28 21.06 25.01
C SER B 76 -8.57 21.58 26.25
N TYR B 77 -9.08 22.66 26.86
CA TYR B 77 -8.42 23.25 28.03
C TYR B 77 -8.51 22.33 29.24
N GLU B 78 -9.65 21.67 29.44
CA GLU B 78 -9.92 21.02 30.72
C GLU B 78 -8.78 20.09 31.11
N ASN B 79 -8.46 19.11 30.27
CA ASN B 79 -7.39 18.17 30.56
C ASN B 79 -6.30 18.16 29.48
N GLY B 80 -6.28 19.14 28.59
CA GLY B 80 -5.36 19.12 27.48
C GLY B 80 -5.81 18.11 26.44
N VAL B 81 -5.07 18.05 25.34
CA VAL B 81 -5.42 17.18 24.23
C VAL B 81 -4.53 15.94 24.15
N ILE B 82 -3.37 15.95 24.80
CA ILE B 82 -2.48 14.80 24.84
C ILE B 82 -3.09 13.76 25.79
N PRO B 83 -3.35 12.54 25.34
CA PRO B 83 -4.06 11.57 26.18
C PRO B 83 -3.18 10.66 27.01
N ARG B 84 -1.86 10.86 27.00
CA ARG B 84 -0.99 9.93 27.72
C ARG B 84 0.33 10.59 28.05
N PHE B 85 0.70 10.59 29.32
CA PHE B 85 2.02 10.98 29.79
C PHE B 85 2.60 9.81 30.59
N LYS B 86 3.76 10.03 31.20
CA LYS B 86 4.22 9.09 32.21
C LYS B 86 3.15 8.98 33.29
N ASN B 87 2.95 7.78 33.80
CA ASN B 87 1.88 7.55 34.76
C ASN B 87 2.03 8.39 36.01
N ASP B 88 3.28 8.72 36.38
CA ASP B 88 3.58 9.48 37.59
C ASP B 88 3.70 10.99 37.35
N ILE B 89 3.35 11.47 36.15
CA ILE B 89 3.40 12.90 35.90
C ILE B 89 2.55 13.64 36.92
N ALA B 90 3.06 14.78 37.39
CA ALA B 90 2.29 15.62 38.29
C ALA B 90 1.17 16.31 37.52
N ARG B 91 0.06 16.56 38.22
CA ARG B 91 -1.06 17.26 37.59
C ARG B 91 -0.65 18.64 37.12
N GLU B 92 0.26 19.30 37.86
CA GLU B 92 0.71 20.62 37.46
C GLU B 92 1.41 20.58 36.11
N ASP B 93 2.15 19.50 35.84
CA ASP B 93 2.83 19.36 34.56
C ASP B 93 1.85 19.17 33.41
N ILE B 94 0.67 18.61 33.69
CA ILE B 94 -0.36 18.52 32.67
C ILE B 94 -0.99 19.89 32.43
N GLU B 95 -1.26 20.63 33.50
CA GLU B 95 -1.98 21.90 33.36
C GLU B 95 -1.15 22.95 32.64
N VAL B 96 0.18 22.87 32.74
CA VAL B 96 1.03 23.87 32.11
C VAL B 96 0.84 23.86 30.61
N GLN B 97 0.34 22.74 30.06
CA GLN B 97 0.03 22.68 28.63
C GLN B 97 -1.01 23.71 28.23
N ARG B 98 -1.82 24.18 29.18
CA ARG B 98 -2.85 25.17 28.87
C ARG B 98 -2.25 26.46 28.36
N PHE B 99 -0.96 26.71 28.60
CA PHE B 99 -0.36 27.96 28.14
C PHE B 99 -0.24 28.05 26.63
N VAL B 100 -0.57 27.01 25.86
CA VAL B 100 -0.48 27.09 24.40
C VAL B 100 -1.88 27.01 23.79
N MET B 101 -2.00 27.63 22.62
CA MET B 101 -3.28 27.72 21.92
C MET B 101 -3.97 26.38 21.76
N LEU B 102 -3.17 25.34 21.52
CA LEU B 102 -3.71 23.99 21.30
C LEU B 102 -4.60 23.55 22.44
N ASN B 103 -4.24 23.91 23.66
CA ASN B 103 -4.91 23.43 24.87
C ASN B 103 -5.74 24.52 25.55
N MET B 104 -6.40 25.35 24.76
CA MET B 104 -7.28 26.37 25.30
C MET B 104 -8.63 26.35 24.61
N ASP B 105 -9.62 26.88 25.32
CA ASP B 105 -10.98 27.01 24.83
C ASP B 105 -11.28 28.47 24.47
N ALA B 106 -12.45 28.68 23.90
CA ALA B 106 -12.96 30.02 23.72
C ALA B 106 -13.31 30.63 25.08
N PRO B 107 -13.21 31.96 25.22
CA PRO B 107 -12.82 32.90 24.17
C PRO B 107 -11.30 33.03 23.99
N HIS B 108 -10.53 32.60 24.99
CA HIS B 108 -9.08 32.74 24.94
C HIS B 108 -8.52 32.18 23.63
N HIS B 109 -8.95 30.98 23.25
CA HIS B 109 -8.40 30.36 22.06
C HIS B 109 -8.70 31.19 20.81
N THR B 110 -9.93 31.71 20.72
CA THR B 110 -10.34 32.46 19.54
C THR B 110 -9.43 33.68 19.35
N ARG B 111 -9.20 34.41 20.43
CA ARG B 111 -8.28 35.54 20.40
C ARG B 111 -6.95 35.16 19.77
N LEU B 112 -6.29 34.13 20.33
CA LEU B 112 -4.96 33.77 19.86
C LEU B 112 -5.00 33.22 18.44
N ARG B 113 -5.92 32.30 18.16
CA ARG B 113 -6.00 31.73 16.82
C ARG B 113 -6.12 32.83 15.76
N LYS B 114 -7.00 33.81 16.00
CA LYS B 114 -7.15 34.89 15.04
C LYS B 114 -5.82 35.61 14.84
N ILE B 115 -5.09 35.88 15.92
CA ILE B 115 -3.80 36.55 15.83
C ILE B 115 -2.81 35.68 15.07
N ILE B 116 -2.66 34.42 15.49
CA ILE B 116 -1.58 33.58 14.97
C ILE B 116 -1.77 33.26 13.50
N SER B 117 -2.98 33.40 12.97
CA SER B 117 -3.19 33.20 11.54
C SER B 117 -2.28 34.11 10.70
N ARG B 118 -1.87 35.25 11.26
CA ARG B 118 -1.02 36.18 10.52
C ARG B 118 0.20 35.49 9.93
N GLY B 119 0.67 34.42 10.57
CA GLY B 119 1.88 33.73 10.16
C GLY B 119 1.65 32.52 9.28
N PHE B 120 0.41 32.19 8.95
CA PHE B 120 0.13 31.04 8.11
C PHE B 120 -0.75 31.44 6.93
N THR B 121 -0.65 32.71 6.53
CA THR B 121 -1.23 33.17 5.29
C THR B 121 -0.56 32.49 4.11
N PRO B 122 -1.23 32.45 2.95
CA PRO B 122 -0.56 31.91 1.75
C PRO B 122 0.74 32.63 1.42
N ARG B 123 0.84 33.91 1.77
CA ARG B 123 2.08 34.65 1.56
C ARG B 123 3.19 34.11 2.46
N ALA B 124 2.86 33.79 3.70
CA ALA B 124 3.85 33.25 4.64
C ALA B 124 4.31 31.87 4.20
N VAL B 125 3.36 30.94 4.04
CA VAL B 125 3.72 29.58 3.65
C VAL B 125 4.36 29.57 2.27
N GLY B 126 3.67 30.14 1.28
CA GLY B 126 4.18 30.10 -0.08
C GLY B 126 5.53 30.77 -0.25
N ARG B 127 5.83 31.79 0.56
CA ARG B 127 7.12 32.46 0.48
C ARG B 127 8.27 31.55 0.89
N LEU B 128 8.01 30.49 1.65
CA LEU B 128 9.04 29.52 2.02
C LEU B 128 9.32 28.51 0.91
N HIS B 129 8.50 28.48 -0.15
CA HIS B 129 8.59 27.40 -1.12
C HIS B 129 9.97 27.29 -1.74
N ASP B 130 10.50 28.40 -2.24
CA ASP B 130 11.75 28.34 -3.01
C ASP B 130 12.93 27.93 -2.12
N GLU B 131 13.04 28.49 -0.91
CA GLU B 131 14.13 28.06 -0.04
C GLU B 131 13.98 26.58 0.33
N LEU B 132 12.78 26.15 0.67
CA LEU B 132 12.60 24.77 1.11
C LEU B 132 12.86 23.79 -0.02
N GLN B 133 12.48 24.16 -1.26
CA GLN B 133 12.77 23.30 -2.40
C GLN B 133 14.26 23.14 -2.61
N GLU B 134 15.00 24.25 -2.65
CA GLU B 134 16.44 24.17 -2.71
C GLU B 134 16.97 23.25 -1.60
N ARG B 135 16.51 23.48 -0.37
CA ARG B 135 16.95 22.66 0.75
CA ARG B 135 16.96 22.67 0.75
C ARG B 135 16.57 21.20 0.56
N ALA B 136 15.32 20.95 0.15
CA ALA B 136 14.88 19.58 -0.07
C ALA B 136 15.77 18.87 -1.09
N GLN B 137 16.12 19.57 -2.17
CA GLN B 137 16.97 19.00 -3.20
C GLN B 137 18.38 18.70 -2.66
N LYS B 138 18.94 19.64 -1.90
CA LYS B 138 20.25 19.40 -1.29
C LYS B 138 20.22 18.16 -0.39
N ILE B 139 19.19 18.07 0.47
CA ILE B 139 19.09 16.94 1.39
C ILE B 139 19.08 15.63 0.63
N ALA B 140 18.25 15.54 -0.42
CA ALA B 140 18.14 14.30 -1.16
C ALA B 140 19.41 14.01 -1.94
N ALA B 141 20.05 15.05 -2.48
CA ALA B 141 21.32 14.84 -3.14
C ALA B 141 22.35 14.27 -2.17
N GLU B 142 22.43 14.85 -0.97
CA GLU B 142 23.41 14.39 0.01
C GLU B 142 23.13 12.96 0.44
N ALA B 143 21.86 12.61 0.61
CA ALA B 143 21.53 11.25 0.97
C ALA B 143 21.92 10.30 -0.14
N ALA B 144 21.58 10.64 -1.39
CA ALA B 144 21.98 9.79 -2.50
C ALA B 144 23.50 9.62 -2.54
N ALA B 145 24.24 10.69 -2.28
CA ALA B 145 25.69 10.58 -2.30
C ALA B 145 26.19 9.68 -1.19
N ALA B 146 25.46 9.62 -0.07
CA ALA B 146 25.88 8.79 1.04
C ALA B 146 25.65 7.31 0.78
N GLY B 147 24.79 6.97 -0.18
CA GLY B 147 24.56 5.58 -0.59
C GLY B 147 23.50 4.86 0.21
N SER B 148 23.56 5.00 1.53
CA SER B 148 22.64 4.32 2.43
C SER B 148 22.81 4.98 3.79
N GLY B 149 21.86 4.72 4.67
CA GLY B 149 21.90 5.30 5.99
C GLY B 149 20.50 5.28 6.57
N ASP B 150 20.36 6.03 7.66
CA ASP B 150 19.10 6.16 8.38
C ASP B 150 18.22 7.20 7.70
N PHE B 151 17.19 6.73 7.02
CA PHE B 151 16.30 7.62 6.29
C PHE B 151 15.67 8.68 7.18
N VAL B 152 15.36 8.33 8.43
CA VAL B 152 14.74 9.31 9.34
C VAL B 152 15.69 10.50 9.52
N GLU B 153 16.96 10.23 9.75
CA GLU B 153 17.92 11.30 9.99
C GLU B 153 18.33 12.00 8.69
N GLN B 154 18.56 11.23 7.63
CA GLN B 154 19.16 11.79 6.43
C GLN B 154 18.15 12.34 5.45
N VAL B 155 16.87 11.98 5.60
CA VAL B 155 15.86 12.45 4.66
C VAL B 155 14.67 13.09 5.36
N SER B 156 14.20 12.50 6.45
CA SER B 156 12.96 12.97 7.03
C SER B 156 13.15 14.16 7.98
N CYS B 157 14.31 14.24 8.65
CA CYS B 157 14.44 15.07 9.85
C CYS B 157 14.54 16.57 9.54
N GLU B 158 15.41 16.93 8.59
CA GLU B 158 15.85 18.32 8.54
C GLU B 158 14.80 19.26 7.93
N LEU B 159 14.13 18.85 6.86
CA LEU B 159 13.27 19.81 6.17
C LEU B 159 12.11 20.34 7.02
N PRO B 160 11.38 19.52 7.79
CA PRO B 160 10.41 20.08 8.74
C PRO B 160 11.00 21.17 9.62
N LEU B 161 12.22 20.97 10.11
CA LEU B 161 12.81 21.94 11.02
C LEU B 161 13.22 23.21 10.26
N GLN B 162 13.72 23.05 9.04
CA GLN B 162 14.04 24.24 8.23
C GLN B 162 12.79 25.04 7.89
N ALA B 163 11.64 24.38 7.73
CA ALA B 163 10.40 25.11 7.49
C ALA B 163 10.02 25.94 8.71
N ILE B 164 10.17 25.37 9.90
CA ILE B 164 9.94 26.15 11.13
C ILE B 164 10.89 27.34 11.17
N ALA B 165 12.18 27.08 11.00
CA ALA B 165 13.16 28.15 11.03
C ALA B 165 12.83 29.21 9.98
N GLY B 166 12.61 28.79 8.74
CA GLY B 166 12.24 29.74 7.69
C GLY B 166 11.06 30.59 8.07
N LEU B 167 10.00 29.96 8.60
CA LEU B 167 8.78 30.68 8.94
C LEU B 167 9.03 31.72 10.03
N LEU B 168 9.83 31.39 11.05
CA LEU B 168 10.10 32.32 12.13
C LEU B 168 11.22 33.30 11.83
N GLY B 169 11.91 33.13 10.70
CA GLY B 169 13.06 33.96 10.38
C GLY B 169 14.27 33.75 11.27
N VAL B 170 14.58 32.50 11.60
CA VAL B 170 15.66 32.23 12.55
C VAL B 170 17.00 32.31 11.80
N PRO B 171 17.97 33.07 12.31
CA PRO B 171 19.27 33.13 11.61
C PRO B 171 19.93 31.76 11.54
N GLN B 172 20.72 31.57 10.49
CA GLN B 172 21.40 30.29 10.29
C GLN B 172 22.22 29.88 11.50
N GLU B 173 22.86 30.84 12.18
CA GLU B 173 23.75 30.51 13.29
C GLU B 173 23.01 30.02 14.53
N ASP B 174 21.69 30.19 14.61
CA ASP B 174 20.91 29.75 15.74
C ASP B 174 20.10 28.48 15.45
N ARG B 175 20.13 27.99 14.20
CA ARG B 175 19.25 26.89 13.83
C ARG B 175 19.71 25.57 14.43
N GLY B 176 21.02 25.36 14.57
CA GLY B 176 21.49 24.13 15.19
C GLY B 176 20.98 23.96 16.60
N LYS B 177 21.12 25.00 17.43
CA LYS B 177 20.62 24.88 18.80
C LYS B 177 19.10 24.88 18.84
N LEU B 178 18.44 25.61 17.95
CA LEU B 178 16.98 25.56 17.90
C LEU B 178 16.51 24.16 17.53
N PHE B 179 17.14 23.54 16.54
CA PHE B 179 16.76 22.18 16.17
C PHE B 179 17.01 21.20 17.31
N HIS B 180 18.13 21.38 18.03
CA HIS B 180 18.42 20.50 19.16
C HIS B 180 17.34 20.62 20.23
N TRP B 181 17.03 21.86 20.65
CA TRP B 181 16.00 22.06 21.67
C TRP B 181 14.67 21.49 21.21
N SER B 182 14.34 21.71 19.93
CA SER B 182 13.09 21.18 19.39
C SER B 182 13.09 19.67 19.43
N ASN B 183 14.17 19.05 18.98
CA ASN B 183 14.25 17.59 18.98
C ASN B 183 14.07 17.03 20.40
N GLU B 184 14.61 17.72 21.39
CA GLU B 184 14.54 17.21 22.76
C GLU B 184 13.15 17.31 23.37
N MET B 185 12.20 17.95 22.67
CA MET B 185 10.82 17.99 23.13
CA MET B 185 10.82 17.98 23.12
C MET B 185 10.08 16.70 22.79
N THR B 186 10.70 15.81 22.02
CA THR B 186 10.04 14.63 21.47
C THR B 186 10.54 13.34 22.12
N GLY B 187 9.64 12.36 22.21
CA GLY B 187 10.02 10.99 22.51
C GLY B 187 10.51 10.71 23.90
N ASN B 188 10.20 11.59 24.86
CA ASN B 188 10.82 11.50 26.18
C ASN B 188 10.39 10.26 26.95
N GLU B 189 9.30 9.62 26.55
CA GLU B 189 8.88 8.37 27.14
C GLU B 189 9.51 7.15 26.47
N ASP B 190 10.39 7.36 25.50
CA ASP B 190 11.06 6.26 24.85
C ASP B 190 12.43 6.04 25.48
N PRO B 191 12.82 4.78 25.70
CA PRO B 191 14.10 4.53 26.38
C PRO B 191 15.29 5.18 25.70
N GLU B 192 15.26 5.33 24.38
CA GLU B 192 16.37 5.98 23.69
C GLU B 192 16.58 7.41 24.18
N TYR B 193 15.53 8.05 24.72
CA TYR B 193 15.58 9.46 25.10
C TYR B 193 15.25 9.70 26.57
N ALA B 194 15.10 8.64 27.38
CA ALA B 194 14.62 8.80 28.75
C ALA B 194 15.57 9.63 29.63
N HIS B 195 16.79 9.87 29.18
CA HIS B 195 17.74 10.68 29.93
C HIS B 195 17.58 12.18 29.70
N ILE B 196 16.80 12.57 28.69
CA ILE B 196 16.72 13.98 28.30
C ILE B 196 15.71 14.70 29.19
N ASP B 197 16.05 15.95 29.53
CA ASP B 197 15.19 16.86 30.28
C ASP B 197 14.53 17.80 29.29
N PRO B 198 13.27 17.55 28.91
CA PRO B 198 12.62 18.46 27.94
C PRO B 198 12.25 19.78 28.55
N LYS B 199 12.07 19.84 29.88
CA LYS B 199 11.75 21.12 30.50
C LYS B 199 12.90 22.10 30.30
N ALA B 200 14.14 21.61 30.36
CA ALA B 200 15.27 22.49 30.12
C ALA B 200 15.26 23.02 28.69
N SER B 201 14.92 22.15 27.74
CA SER B 201 14.90 22.57 26.34
C SER B 201 13.74 23.54 26.07
N SER B 202 12.58 23.28 26.66
CA SER B 202 11.46 24.21 26.50
CA SER B 202 11.46 24.21 26.50
C SER B 202 11.84 25.60 27.01
N ALA B 203 12.41 25.65 28.21
CA ALA B 203 12.84 26.93 28.76
C ALA B 203 13.83 27.65 27.84
N GLU B 204 14.76 26.89 27.24
CA GLU B 204 15.68 27.51 26.29
C GLU B 204 14.93 28.08 25.08
N LEU B 205 13.90 27.36 24.62
CA LEU B 205 13.15 27.83 23.47
C LEU B 205 12.39 29.11 23.81
N ILE B 206 11.80 29.18 25.01
CA ILE B 206 11.06 30.37 25.41
C ILE B 206 12.01 31.56 25.53
N GLY B 207 13.15 31.36 26.19
CA GLY B 207 14.12 32.44 26.32
C GLY B 207 14.60 32.96 24.97
N TYR B 208 14.94 32.04 24.07
CA TYR B 208 15.32 32.46 22.72
C TYR B 208 14.18 33.20 22.03
N ALA B 209 12.94 32.79 22.29
CA ALA B 209 11.80 33.44 21.66
C ALA B 209 11.64 34.88 22.16
N MET B 210 11.71 35.08 23.48
CA MET B 210 11.57 36.44 24.01
C MET B 210 12.65 37.37 23.45
N LYS B 211 13.88 36.86 23.30
CA LYS B 211 14.94 37.65 22.70
C LYS B 211 14.58 38.05 21.26
N MET B 212 14.01 37.11 20.51
CA MET B 212 13.55 37.42 19.14
C MET B 212 12.48 38.51 19.16
N ALA B 213 11.52 38.40 20.08
CA ALA B 213 10.44 39.38 20.15
C ALA B 213 10.97 40.75 20.52
N GLU B 214 11.91 40.82 21.45
CA GLU B 214 12.46 42.10 21.86
C GLU B 214 13.30 42.72 20.74
N GLU B 215 14.08 41.89 20.05
CA GLU B 215 14.88 42.39 18.93
C GLU B 215 13.98 42.90 17.82
N LYS B 216 12.94 42.14 17.45
CA LYS B 216 12.10 42.51 16.33
C LYS B 216 11.23 43.72 16.65
N ALA B 217 10.89 43.91 17.93
CA ALA B 217 10.16 45.11 18.34
C ALA B 217 10.95 46.38 18.02
N LYS B 218 12.29 46.31 18.08
CA LYS B 218 13.14 47.43 17.73
C LYS B 218 13.53 47.43 16.26
N ASN B 219 13.55 46.25 15.62
CA ASN B 219 13.95 46.10 14.22
C ASN B 219 12.86 45.35 13.46
N PRO B 220 11.70 45.99 13.24
CA PRO B 220 10.60 45.36 12.50
C PRO B 220 11.02 44.87 11.13
N ASP B 223 9.00 37.29 7.38
CA ASP B 223 9.17 38.00 8.64
C ASP B 223 7.84 38.07 9.40
N ILE B 224 7.36 36.91 9.86
CA ILE B 224 6.07 36.87 10.55
C ILE B 224 6.17 37.26 12.01
N VAL B 225 7.39 37.36 12.57
CA VAL B 225 7.54 37.70 13.97
C VAL B 225 7.02 39.10 14.23
N THR B 226 7.35 40.05 13.35
CA THR B 226 6.89 41.42 13.53
C THR B 226 5.38 41.50 13.56
N GLN B 227 4.71 40.66 12.77
CA GLN B 227 3.25 40.75 12.64
C GLN B 227 2.56 40.33 13.92
N LEU B 228 3.12 39.36 14.64
CA LEU B 228 2.48 38.83 15.83
C LEU B 228 2.66 39.76 17.03
N ILE B 229 3.83 40.38 17.13
CA ILE B 229 4.10 41.30 18.23
C ILE B 229 3.51 42.69 17.99
N GLN B 230 3.19 43.02 16.74
CA GLN B 230 2.59 44.30 16.40
C GLN B 230 1.07 44.23 16.48
N ALA B 231 0.46 45.40 16.67
CA ALA B 231 -0.98 45.50 16.86
C ALA B 231 -1.72 45.50 15.53
N ASP B 232 -2.77 44.68 15.43
CA ASP B 232 -3.63 44.63 14.24
C ASP B 232 -4.89 45.46 14.47
N ASP B 234 -5.89 44.86 15.11
CA ASP B 234 -7.07 45.58 15.58
C ASP B 234 -6.90 46.03 17.03
N GLY B 235 -5.69 46.45 17.39
CA GLY B 235 -5.31 46.57 18.79
C GLY B 235 -4.88 45.28 19.43
N GLU B 236 -4.95 44.15 18.70
CA GLU B 236 -4.68 42.83 19.22
C GLU B 236 -3.31 42.35 18.79
N LYS B 237 -2.60 41.68 19.69
CA LYS B 237 -1.23 41.25 19.41
C LYS B 237 -0.76 40.34 20.54
N LEU B 238 0.24 39.53 20.23
CA LEU B 238 0.80 38.61 21.21
C LEU B 238 1.67 39.35 22.22
N SER B 239 1.42 39.12 23.50
CA SER B 239 2.33 39.55 24.53
C SER B 239 3.67 38.84 24.37
N ASP B 240 4.68 39.31 25.10
CA ASP B 240 5.99 38.67 25.02
C ASP B 240 5.89 37.20 25.44
N ASP B 241 5.18 36.92 26.54
CA ASP B 241 4.98 35.53 26.95
C ASP B 241 4.26 34.74 25.86
N GLU B 242 3.14 35.26 25.36
CA GLU B 242 2.34 34.52 24.38
C GLU B 242 3.16 34.21 23.13
N PHE B 243 4.03 35.13 22.71
CA PHE B 243 4.93 34.81 21.62
C PHE B 243 5.89 33.70 22.02
N GLY B 244 6.36 33.72 23.26
CA GLY B 244 7.20 32.63 23.76
C GLY B 244 6.50 31.29 23.68
N PHE B 245 5.25 31.24 24.16
CA PHE B 245 4.50 29.98 24.11
C PHE B 245 4.11 29.62 22.68
N PHE B 246 3.97 30.63 21.80
CA PHE B 246 3.72 30.33 20.41
C PHE B 246 4.92 29.64 19.78
N VAL B 247 6.13 30.13 20.05
CA VAL B 247 7.32 29.56 19.44
C VAL B 247 7.54 28.13 19.93
N VAL B 248 7.43 27.91 21.23
CA VAL B 248 7.58 26.54 21.75
C VAL B 248 6.57 25.61 21.08
N MET B 249 5.31 26.06 20.99
CA MET B 249 4.26 25.25 20.37
C MET B 249 4.61 24.93 18.93
N LEU B 250 5.21 25.89 18.23
CA LEU B 250 5.57 25.67 16.83
C LEU B 250 6.77 24.76 16.69
N ALA B 251 7.75 24.92 17.58
CA ALA B 251 8.91 24.03 17.57
C ALA B 251 8.51 22.59 17.79
N VAL B 252 7.48 22.34 18.58
CA VAL B 252 7.00 20.97 18.80
C VAL B 252 6.13 20.53 17.63
N ALA B 253 5.16 21.36 17.26
CA ALA B 253 4.13 20.91 16.33
C ALA B 253 4.69 20.76 14.93
N GLY B 254 5.61 21.62 14.53
CA GLY B 254 6.14 21.54 13.18
C GLY B 254 7.23 20.51 12.96
N ASN B 255 7.60 19.75 13.98
CA ASN B 255 8.77 18.87 13.86
C ASN B 255 8.37 17.42 13.65
N GLU B 256 8.02 16.71 14.73
CA GLU B 256 7.94 15.26 14.68
C GLU B 256 6.86 14.76 13.72
N THR B 257 5.72 15.46 13.66
CA THR B 257 4.60 14.92 12.87
C THR B 257 4.89 14.95 11.38
N THR B 258 5.48 16.05 10.89
CA THR B 258 5.88 16.08 9.50
C THR B 258 6.96 15.05 9.21
N ARG B 259 7.98 14.97 10.08
CA ARG B 259 9.03 13.98 9.92
C ARG B 259 8.45 12.58 9.75
N ASN B 260 7.51 12.22 10.63
CA ASN B 260 6.94 10.88 10.62
C ASN B 260 6.01 10.67 9.44
N SER B 261 5.39 11.74 8.95
CA SER B 261 4.69 11.66 7.68
CA SER B 261 4.68 11.64 7.69
C SER B 261 5.64 11.27 6.56
N ILE B 262 6.84 11.85 6.56
CA ILE B 262 7.79 11.54 5.49
C ILE B 262 8.28 10.10 5.60
N THR B 263 8.67 9.67 6.78
CA THR B 263 9.17 8.30 6.93
C THR B 263 8.08 7.30 6.57
N GLN B 264 6.87 7.48 7.10
CA GLN B 264 5.84 6.48 6.90
C GLN B 264 5.27 6.54 5.48
N GLY B 265 5.34 7.70 4.82
CA GLY B 265 4.98 7.74 3.42
C GLY B 265 5.96 6.97 2.55
N MET B 266 7.25 7.07 2.87
CA MET B 266 8.21 6.31 2.10
C MET B 266 8.14 4.83 2.46
N MET B 267 7.79 4.52 3.71
CA MET B 267 7.53 3.13 4.06
C MET B 267 6.37 2.59 3.22
N ALA B 268 5.33 3.40 3.04
CA ALA B 268 4.19 3.00 2.21
C ALA B 268 4.62 2.77 0.77
N PHE B 269 5.46 3.66 0.25
CA PHE B 269 5.95 3.52 -1.12
C PHE B 269 6.77 2.24 -1.29
N ALA B 270 7.65 1.95 -0.32
CA ALA B 270 8.39 0.70 -0.34
C ALA B 270 7.45 -0.50 -0.33
N GLU B 271 6.35 -0.40 0.41
CA GLU B 271 5.40 -1.50 0.50
C GLU B 271 4.51 -1.59 -0.73
N HIS B 272 4.34 -0.49 -1.47
CA HIS B 272 3.43 -0.43 -2.61
C HIS B 272 4.20 0.13 -3.79
N PRO B 273 5.11 -0.66 -4.37
CA PRO B 273 5.99 -0.12 -5.43
C PRO B 273 5.23 0.43 -6.63
N ASP B 274 4.02 -0.07 -6.88
CA ASP B 274 3.20 0.44 -7.96
C ASP B 274 2.86 1.90 -7.76
N GLN B 275 2.63 2.28 -6.49
CA GLN B 275 2.31 3.66 -6.19
C GLN B 275 3.54 4.54 -6.31
N TRP B 276 4.70 3.99 -5.95
CA TRP B 276 5.96 4.74 -6.12
C TRP B 276 6.28 4.94 -7.60
N GLU B 277 6.08 3.93 -8.44
CA GLU B 277 6.27 4.15 -9.87
C GLU B 277 5.32 5.23 -10.39
N LEU B 278 4.05 5.17 -9.99
CA LEU B 278 3.09 6.19 -10.37
C LEU B 278 3.49 7.56 -9.86
N TYR B 279 3.95 7.65 -8.60
CA TYR B 279 4.32 8.95 -8.05
C TYR B 279 5.46 9.57 -8.85
N LYS B 280 6.51 8.80 -9.09
CA LYS B 280 7.65 9.32 -9.83
C LYS B 280 7.22 9.89 -11.19
N LYS B 281 6.27 9.24 -11.87
CA LYS B 281 5.85 9.73 -13.18
C LYS B 281 4.96 10.97 -13.07
N VAL B 282 3.99 10.94 -12.15
CA VAL B 282 2.94 11.94 -12.14
C VAL B 282 3.10 13.01 -11.08
N ARG B 283 3.86 12.74 -10.00
CA ARG B 283 4.01 13.69 -8.90
C ARG B 283 2.67 14.31 -8.51
N PRO B 284 1.65 13.50 -8.22
CA PRO B 284 0.32 14.07 -7.98
C PRO B 284 0.26 14.89 -6.70
N GLU B 285 -0.55 15.96 -6.74
CA GLU B 285 -0.73 16.85 -5.63
C GLU B 285 -1.48 16.21 -4.49
N THR B 286 -2.26 15.18 -4.79
CA THR B 286 -3.04 14.45 -3.80
C THR B 286 -2.19 13.51 -2.94
N ALA B 287 -0.91 13.32 -3.29
CA ALA B 287 -0.10 12.34 -2.57
C ALA B 287 0.10 12.74 -1.12
N ALA B 288 0.34 14.02 -0.86
CA ALA B 288 0.60 14.46 0.51
C ALA B 288 -0.55 14.07 1.45
N ASP B 289 -1.78 14.28 1.03
CA ASP B 289 -2.91 13.97 1.91
C ASP B 289 -3.04 12.46 2.12
N GLU B 290 -2.80 11.65 1.09
CA GLU B 290 -2.84 10.21 1.31
C GLU B 290 -1.69 9.78 2.21
N ILE B 291 -0.52 10.41 2.06
CA ILE B 291 0.62 10.12 2.94
C ILE B 291 0.25 10.44 4.38
N VAL B 292 -0.41 11.58 4.60
CA VAL B 292 -0.76 11.93 5.98
C VAL B 292 -1.86 11.01 6.48
N ARG B 293 -2.80 10.61 5.62
CA ARG B 293 -3.80 9.64 6.07
C ARG B 293 -3.14 8.32 6.47
N TRP B 294 -2.23 7.84 5.64
CA TRP B 294 -1.56 6.57 5.90
C TRP B 294 -0.66 6.66 7.12
N ALA B 295 0.05 7.77 7.26
CA ALA B 295 1.00 7.94 8.37
C ALA B 295 0.32 8.28 9.69
N THR B 296 -0.87 8.90 9.65
CA THR B 296 -1.55 9.48 10.82
C THR B 296 -0.57 9.78 11.95
N PRO B 297 0.26 10.82 11.80
CA PRO B 297 1.37 11.00 12.75
C PRO B 297 0.93 11.24 14.17
N VAL B 298 -0.25 11.84 14.36
CA VAL B 298 -0.88 11.93 15.67
C VAL B 298 -1.91 10.81 15.71
N THR B 299 -1.66 9.81 16.57
CA THR B 299 -2.59 8.68 16.67
C THR B 299 -3.91 9.12 17.27
N ALA B 300 -3.86 9.97 18.30
CA ALA B 300 -5.03 10.35 19.08
C ALA B 300 -4.80 11.66 19.82
N PHE B 301 -5.82 12.51 19.81
CA PHE B 301 -5.94 13.62 20.75
C PHE B 301 -7.25 13.44 21.51
N GLN B 302 -7.36 14.06 22.67
CA GLN B 302 -8.52 13.89 23.53
C GLN B 302 -9.25 15.21 23.74
N ARG B 303 -10.42 15.10 24.37
CA ARG B 303 -11.22 16.23 24.83
C ARG B 303 -11.89 15.82 26.14
N THR B 304 -12.41 16.81 26.86
CA THR B 304 -13.16 16.56 28.09
C THR B 304 -14.57 17.12 27.92
N ALA B 305 -15.56 16.33 28.30
CA ALA B 305 -16.94 16.78 28.17
C ALA B 305 -17.26 17.82 29.25
N LEU B 306 -17.71 19.00 28.82
CA LEU B 306 -18.13 20.04 29.77
C LEU B 306 -19.60 19.90 30.15
N ARG B 307 -20.37 19.09 29.44
CA ARG B 307 -21.74 18.77 29.83
C ARG B 307 -22.05 17.36 29.34
N ASP B 308 -23.15 16.80 29.83
CA ASP B 308 -23.62 15.54 29.29
C ASP B 308 -23.92 15.70 27.80
N TYR B 309 -23.60 14.68 27.02
CA TYR B 309 -23.74 14.75 25.57
C TYR B 309 -23.91 13.33 25.03
N GLU B 310 -24.95 13.13 24.24
CA GLU B 310 -25.21 11.85 23.60
C GLU B 310 -24.51 11.86 22.25
N LEU B 311 -23.51 11.01 22.10
CA LEU B 311 -22.76 10.88 20.85
C LEU B 311 -23.03 9.50 20.28
N SER B 312 -23.67 9.46 19.11
CA SER B 312 -23.99 8.21 18.42
C SER B 312 -24.53 7.16 19.38
N GLY B 313 -25.53 7.56 20.17
CA GLY B 313 -26.24 6.65 21.03
C GLY B 313 -25.60 6.35 22.35
N VAL B 314 -24.42 6.90 22.63
CA VAL B 314 -23.69 6.66 23.86
C VAL B 314 -23.77 7.93 24.71
N GLN B 315 -24.15 7.77 25.97
CA GLN B 315 -24.33 8.91 26.88
C GLN B 315 -22.99 9.24 27.53
N ILE B 316 -22.35 10.30 27.03
CA ILE B 316 -21.11 10.79 27.61
C ILE B 316 -21.43 11.78 28.72
N LYS B 317 -20.87 11.54 29.90
CA LYS B 317 -21.14 12.31 31.10
C LYS B 317 -20.17 13.48 31.23
N LYS B 318 -20.69 14.59 31.78
CA LYS B 318 -19.88 15.76 32.11
C LYS B 318 -18.58 15.36 32.81
N GLY B 319 -17.47 15.92 32.34
CA GLY B 319 -16.17 15.67 32.92
C GLY B 319 -15.43 14.48 32.37
N GLN B 320 -16.09 13.60 31.62
CA GLN B 320 -15.42 12.42 31.09
C GLN B 320 -14.56 12.81 29.88
N ARG B 321 -13.50 12.03 29.68
CA ARG B 321 -12.61 12.21 28.55
C ARG B 321 -13.06 11.36 27.38
N VAL B 322 -12.95 11.93 26.18
CA VAL B 322 -13.09 11.18 24.93
C VAL B 322 -11.77 11.27 24.16
N VAL B 323 -11.32 10.14 23.63
CA VAL B 323 -10.03 10.05 22.93
C VAL B 323 -10.33 9.78 21.46
N MET B 324 -10.02 10.77 20.62
CA MET B 324 -10.24 10.67 19.18
C MET B 324 -9.06 9.91 18.56
N PHE B 325 -9.31 8.65 18.18
CA PHE B 325 -8.26 7.83 17.55
C PHE B 325 -8.30 8.06 16.05
N TYR B 326 -7.57 9.10 15.62
CA TYR B 326 -7.43 9.40 14.21
C TYR B 326 -6.93 8.19 13.43
N ARG B 327 -6.07 7.37 14.05
CA ARG B 327 -5.54 6.19 13.36
C ARG B 327 -6.64 5.22 12.99
N SER B 328 -7.68 5.12 13.83
CA SER B 328 -8.85 4.32 13.47
C SER B 328 -9.73 5.05 12.46
N ALA B 329 -10.01 6.33 12.71
CA ALA B 329 -10.93 7.09 11.87
C ALA B 329 -10.45 7.14 10.42
N ASN B 330 -9.14 7.28 10.21
CA ASN B 330 -8.61 7.43 8.88
C ASN B 330 -8.69 6.14 8.08
N PHE B 331 -9.12 5.06 8.69
CA PHE B 331 -9.31 3.78 8.00
C PHE B 331 -10.74 3.29 8.15
N ASP B 332 -11.68 4.22 8.41
CA ASP B 332 -13.09 3.93 8.61
C ASP B 332 -13.72 3.42 7.32
N GLU B 333 -14.15 2.16 7.34
CA GLU B 333 -14.63 1.48 6.14
C GLU B 333 -15.90 2.11 5.58
N GLU B 334 -16.59 2.97 6.34
CA GLU B 334 -17.80 3.63 5.87
C GLU B 334 -17.53 4.96 5.20
N VAL B 335 -16.32 5.48 5.33
CA VAL B 335 -15.95 6.77 4.76
C VAL B 335 -15.03 6.59 3.55
N PHE B 336 -14.14 5.61 3.59
CA PHE B 336 -13.10 5.46 2.60
C PHE B 336 -13.36 4.24 1.74
N GLN B 337 -13.24 4.43 0.42
CA GLN B 337 -13.19 3.31 -0.50
C GLN B 337 -11.84 2.62 -0.34
N ASP B 338 -11.86 1.40 0.20
CA ASP B 338 -10.67 0.58 0.34
C ASP B 338 -9.66 1.29 1.24
N PRO B 339 -9.99 1.48 2.51
CA PRO B 339 -9.10 2.26 3.38
C PRO B 339 -7.71 1.68 3.47
N PHE B 340 -7.57 0.36 3.33
CA PHE B 340 -6.28 -0.28 3.47
C PHE B 340 -5.54 -0.35 2.15
N THR B 341 -6.01 0.35 1.13
CA THR B 341 -5.23 0.57 -0.09
C THR B 341 -4.55 1.93 0.02
N PHE B 342 -3.24 1.95 -0.23
CA PHE B 342 -2.48 3.20 -0.30
C PHE B 342 -2.64 3.72 -1.71
N ASN B 343 -3.41 4.80 -1.89
CA ASN B 343 -3.76 5.33 -3.20
C ASN B 343 -3.44 6.82 -3.26
N ILE B 344 -2.30 7.17 -3.86
CA ILE B 344 -1.85 8.55 -3.85
C ILE B 344 -2.73 9.46 -4.70
N LEU B 345 -3.62 8.90 -5.50
CA LEU B 345 -4.59 9.67 -6.26
C LEU B 345 -5.92 9.86 -5.52
N ARG B 346 -6.05 9.32 -4.31
CA ARG B 346 -7.31 9.40 -3.58
C ARG B 346 -7.84 10.83 -3.54
N ASN B 347 -9.10 10.99 -3.93
CA ASN B 347 -9.74 12.30 -3.94
C ASN B 347 -11.26 12.22 -4.02
N PRO B 348 -12.02 12.91 -3.14
CA PRO B 348 -11.52 13.70 -2.02
C PRO B 348 -10.88 12.78 -0.99
N ASN B 349 -10.25 13.37 0.02
CA ASN B 349 -9.56 12.61 1.06
C ASN B 349 -9.93 13.25 2.38
N PRO B 350 -11.09 12.88 2.94
CA PRO B 350 -11.58 13.54 4.15
C PRO B 350 -10.97 12.97 5.42
N HIS B 351 -9.66 12.73 5.39
CA HIS B 351 -8.97 12.20 6.56
C HIS B 351 -8.89 13.26 7.65
N VAL B 352 -8.71 12.79 8.88
CA VAL B 352 -8.59 13.63 10.05
C VAL B 352 -7.16 13.58 10.61
N GLY B 353 -6.19 13.24 9.77
CA GLY B 353 -4.80 13.31 10.20
C GLY B 353 -4.41 14.67 10.73
N PHE B 354 -4.99 15.72 10.17
CA PHE B 354 -4.86 17.09 10.69
C PHE B 354 -5.96 17.46 11.66
N GLY B 355 -6.66 16.47 12.22
CA GLY B 355 -7.77 16.70 13.11
C GLY B 355 -9.10 16.78 12.38
N GLY B 356 -10.17 16.78 13.17
CA GLY B 356 -11.47 17.11 12.63
C GLY B 356 -11.60 18.61 12.43
N THR B 357 -12.42 19.00 11.45
CA THR B 357 -12.67 20.41 11.20
C THR B 357 -13.27 21.05 12.44
N GLY B 358 -12.85 22.28 12.71
CA GLY B 358 -13.33 22.99 13.88
C GLY B 358 -12.35 24.05 14.31
N ALA B 359 -12.58 24.55 15.54
CA ALA B 359 -11.77 25.65 16.03
C ALA B 359 -10.29 25.31 16.05
N HIS B 360 -9.95 24.04 16.30
CA HIS B 360 -8.57 23.62 16.54
C HIS B 360 -7.93 22.90 15.37
N TYR B 361 -8.55 22.93 14.18
CA TYR B 361 -7.97 22.31 13.01
C TYR B 361 -6.54 22.79 12.79
N CYS B 362 -5.70 21.90 12.26
CA CYS B 362 -4.27 22.17 12.14
C CYS B 362 -3.94 23.39 11.27
N ILE B 363 -3.41 24.44 11.90
CA ILE B 363 -3.05 25.64 11.17
C ILE B 363 -1.84 25.43 10.28
N GLY B 364 -1.07 24.37 10.54
CA GLY B 364 0.09 24.04 9.75
C GLY B 364 -0.12 23.03 8.65
N ALA B 365 -1.37 22.69 8.34
CA ALA B 365 -1.62 21.62 7.37
C ALA B 365 -0.99 21.92 6.01
N ASN B 366 -1.04 23.18 5.58
CA ASN B 366 -0.49 23.52 4.26
C ASN B 366 1.04 23.58 4.28
N LEU B 367 1.62 24.13 5.35
CA LEU B 367 3.06 24.03 5.52
C LEU B 367 3.51 22.58 5.48
N ALA B 368 2.76 21.70 6.15
CA ALA B 368 3.11 20.29 6.18
C ALA B 368 3.05 19.67 4.78
N ARG B 369 1.96 19.92 4.06
CA ARG B 369 1.81 19.36 2.72
C ARG B 369 2.94 19.81 1.80
N MET B 370 3.32 21.09 1.87
CA MET B 370 4.38 21.59 1.02
C MET B 370 5.70 20.90 1.36
N THR B 371 6.00 20.78 2.66
CA THR B 371 7.20 20.07 3.08
C THR B 371 7.22 18.64 2.54
N ILE B 372 6.08 17.94 2.68
CA ILE B 372 5.97 16.57 2.19
C ILE B 372 6.17 16.52 0.68
N ASN B 373 5.47 17.39 -0.05
CA ASN B 373 5.58 17.36 -1.51
C ASN B 373 7.00 17.63 -1.96
N LEU B 374 7.65 18.62 -1.34
CA LEU B 374 8.99 19.02 -1.76
C LEU B 374 10.00 17.91 -1.50
N ILE B 375 9.89 17.21 -0.38
CA ILE B 375 10.90 16.19 -0.09
C ILE B 375 10.66 14.94 -0.94
N PHE B 376 9.40 14.60 -1.21
CA PHE B 376 9.17 13.43 -2.06
C PHE B 376 9.52 13.72 -3.51
N ASN B 377 9.29 14.95 -3.98
CA ASN B 377 9.80 15.31 -5.30
C ASN B 377 11.31 15.17 -5.34
N ALA B 378 11.99 15.63 -4.27
CA ALA B 378 13.44 15.51 -4.22
C ALA B 378 13.90 14.07 -4.14
N VAL B 379 13.19 13.22 -3.36
CA VAL B 379 13.57 11.82 -3.34
C VAL B 379 13.35 11.19 -4.71
N ALA B 380 12.21 11.48 -5.34
CA ALA B 380 11.96 10.93 -6.66
C ALA B 380 13.05 11.39 -7.65
N ASP B 381 13.54 12.62 -7.50
CA ASP B 381 14.56 13.13 -8.43
C ASP B 381 15.91 12.46 -8.23
N HIS B 382 16.33 12.29 -6.97
CA HIS B 382 17.71 11.91 -6.68
C HIS B 382 17.89 10.46 -6.28
N MET B 383 16.82 9.78 -5.84
CA MET B 383 16.92 8.42 -5.31
C MET B 383 15.74 7.59 -5.77
N PRO B 384 15.46 7.54 -7.08
CA PRO B 384 14.25 6.83 -7.55
C PRO B 384 14.21 5.35 -7.19
N ASP B 385 15.35 4.72 -6.94
CA ASP B 385 15.40 3.28 -6.75
C ASP B 385 15.63 2.87 -5.30
N LEU B 386 15.49 3.79 -4.35
CA LEU B 386 15.80 3.46 -2.97
C LEU B 386 14.95 2.28 -2.52
N LYS B 387 15.54 1.43 -1.69
CA LYS B 387 14.87 0.25 -1.14
C LYS B 387 15.26 0.15 0.33
N PRO B 388 14.34 -0.27 1.20
CA PRO B 388 14.70 -0.39 2.62
C PRO B 388 15.70 -1.51 2.84
N ILE B 389 16.55 -1.32 3.85
CA ILE B 389 17.48 -2.35 4.29
C ILE B 389 16.89 -3.22 5.40
N SER B 390 16.30 -2.61 6.44
CA SER B 390 15.83 -3.34 7.60
C SER B 390 14.55 -2.72 8.14
N ALA B 391 13.96 -3.39 9.15
CA ALA B 391 12.69 -2.94 9.67
C ALA B 391 12.85 -1.59 10.39
N PRO B 392 11.80 -0.77 10.39
CA PRO B 392 11.87 0.48 11.14
C PRO B 392 11.79 0.23 12.64
N GLU B 393 12.37 1.16 13.40
CA GLU B 393 12.26 1.14 14.84
CA GLU B 393 12.27 1.15 14.85
C GLU B 393 11.22 2.19 15.25
N ARG B 394 10.16 1.73 15.91
CA ARG B 394 9.05 2.59 16.29
C ARG B 394 9.29 3.30 17.62
N LEU B 395 8.54 4.38 17.82
CA LEU B 395 8.67 5.23 19.01
C LEU B 395 7.70 4.79 20.08
N ARG B 396 8.19 4.69 21.31
CA ARG B 396 7.32 4.42 22.45
C ARG B 396 6.57 5.69 22.80
N SER B 397 5.29 5.74 22.46
CA SER B 397 4.45 6.88 22.81
C SER B 397 3.00 6.42 22.85
N GLY B 398 2.22 7.03 23.74
CA GLY B 398 0.82 6.68 23.78
C GLY B 398 -0.08 7.43 22.82
N TRP B 399 0.44 8.39 22.04
CA TRP B 399 -0.40 9.22 21.20
C TRP B 399 0.30 9.66 19.92
N LEU B 400 1.63 9.73 19.95
CA LEU B 400 2.41 10.04 18.76
C LEU B 400 2.80 8.74 18.06
N ASN B 401 2.62 8.70 16.75
CA ASN B 401 3.00 7.56 15.92
C ASN B 401 4.36 7.85 15.28
N GLY B 402 5.43 7.36 15.89
CA GLY B 402 6.78 7.75 15.51
C GLY B 402 7.63 6.61 14.97
N ILE B 403 8.51 6.96 14.05
CA ILE B 403 9.55 6.07 13.55
C ILE B 403 10.89 6.71 13.91
N LYS B 404 11.64 6.06 14.80
CA LYS B 404 12.89 6.64 15.27
C LYS B 404 14.01 6.45 14.24
N HIS B 405 14.07 5.30 13.60
CA HIS B 405 15.17 4.96 12.70
C HIS B 405 14.66 3.99 11.64
N TRP B 406 15.25 4.07 10.45
CA TRP B 406 14.87 3.20 9.34
C TRP B 406 16.02 3.16 8.35
N GLN B 407 16.69 2.01 8.26
CA GLN B 407 17.87 1.89 7.41
C GLN B 407 17.46 1.65 5.97
N VAL B 408 17.97 2.49 5.06
CA VAL B 408 17.54 2.48 3.66
C VAL B 408 18.76 2.51 2.74
N ASP B 409 18.64 1.79 1.62
CA ASP B 409 19.65 1.77 0.56
C ASP B 409 19.19 2.73 -0.53
N TYR B 410 19.80 3.91 -0.59
CA TYR B 410 19.28 4.96 -1.46
C TYR B 410 19.52 4.65 -2.94
N THR B 411 20.55 3.87 -3.26
CA THR B 411 20.84 3.52 -4.65
C THR B 411 19.96 2.36 -5.09
N SER C 4 -17.49 -13.74 6.54
CA SER C 4 -16.06 -13.52 6.27
C SER C 4 -15.42 -12.85 7.48
N PRO C 5 -14.19 -13.24 7.81
CA PRO C 5 -13.47 -12.57 8.89
C PRO C 5 -13.11 -11.15 8.52
N ASN C 6 -12.97 -10.32 9.55
CA ASN C 6 -12.68 -8.89 9.39
C ASN C 6 -11.17 -8.73 9.31
N LEU C 7 -10.61 -9.10 8.16
CA LEU C 7 -9.20 -9.00 7.87
C LEU C 7 -8.95 -8.19 6.60
N PRO C 8 -7.86 -7.44 6.53
CA PRO C 8 -7.61 -6.64 5.33
C PRO C 8 -7.43 -7.53 4.12
N PRO C 9 -7.80 -7.06 2.94
CA PRO C 9 -7.58 -7.85 1.73
C PRO C 9 -6.11 -8.27 1.63
N GLY C 10 -5.89 -9.53 1.28
CA GLY C 10 -4.55 -10.02 1.00
C GLY C 10 -3.78 -10.53 2.20
N PHE C 11 -4.37 -10.53 3.38
CA PHE C 11 -3.65 -10.90 4.59
C PHE C 11 -3.18 -12.35 4.50
N ASP C 12 -1.90 -12.57 4.85
CA ASP C 12 -1.31 -13.91 4.85
C ASP C 12 -0.65 -14.12 6.21
N PHE C 13 -1.18 -15.06 6.99
CA PHE C 13 -0.66 -15.37 8.32
C PHE C 13 0.73 -16.01 8.32
N THR C 14 1.28 -16.38 7.17
CA THR C 14 2.68 -16.80 7.06
C THR C 14 3.60 -15.70 6.53
N ASP C 15 3.11 -14.47 6.36
CA ASP C 15 3.93 -13.39 5.85
C ASP C 15 5.04 -13.02 6.83
N PRO C 16 6.32 -13.24 6.49
CA PRO C 16 7.40 -12.89 7.43
C PRO C 16 7.38 -11.44 7.86
N ALA C 17 6.85 -10.54 7.02
CA ALA C 17 6.85 -9.12 7.36
C ALA C 17 5.98 -8.84 8.58
N ILE C 18 4.93 -9.62 8.77
CA ILE C 18 4.12 -9.51 9.99
C ILE C 18 5.00 -9.81 11.20
N TYR C 19 5.68 -10.96 11.18
CA TYR C 19 6.37 -11.44 12.37
C TYR C 19 7.61 -10.62 12.70
N ALA C 20 8.24 -10.00 11.70
CA ALA C 20 9.31 -9.04 11.99
C ALA C 20 8.83 -7.90 12.89
N GLU C 21 7.54 -7.62 12.91
CA GLU C 21 6.97 -6.53 13.69
C GLU C 21 6.24 -7.00 14.92
N ARG C 22 5.47 -8.08 14.82
CA ARG C 22 4.54 -8.43 15.87
C ARG C 22 4.03 -9.84 15.65
N LEU C 23 3.45 -10.40 16.70
CA LEU C 23 2.58 -11.55 16.56
C LEU C 23 1.16 -11.06 16.26
N PRO C 24 0.52 -11.56 15.20
CA PRO C 24 -0.83 -11.05 14.82
C PRO C 24 -1.93 -11.61 15.72
N VAL C 25 -1.82 -11.30 17.01
CA VAL C 25 -2.71 -11.87 18.01
C VAL C 25 -4.17 -11.57 17.68
N ALA C 26 -4.48 -10.29 17.42
CA ALA C 26 -5.86 -9.90 17.17
C ALA C 26 -6.42 -10.60 15.96
N GLU C 27 -5.61 -10.70 14.90
CA GLU C 27 -6.06 -11.34 13.66
C GLU C 27 -6.34 -12.82 13.91
N PHE C 28 -5.47 -13.51 14.64
CA PHE C 28 -5.79 -14.88 15.05
C PHE C 28 -7.09 -14.93 15.85
N ALA C 29 -7.26 -13.99 16.78
CA ALA C 29 -8.49 -13.97 17.58
C ALA C 29 -9.70 -13.80 16.67
N GLU C 30 -9.62 -12.92 15.68
CA GLU C 30 -10.73 -12.71 14.76
C GLU C 30 -11.08 -13.99 13.98
N LEU C 31 -10.06 -14.77 13.58
CA LEU C 31 -10.36 -16.03 12.92
C LEU C 31 -11.03 -17.01 13.86
N ARG C 32 -10.47 -17.22 15.06
CA ARG C 32 -11.10 -18.14 16.00
C ARG C 32 -12.56 -17.76 16.22
N SER C 33 -12.86 -16.47 16.20
CA SER C 33 -14.21 -15.97 16.46
C SER C 33 -15.12 -16.15 15.25
N ALA C 34 -14.64 -15.80 14.07
CA ALA C 34 -15.49 -15.68 12.89
C ALA C 34 -15.28 -16.76 11.84
N ALA C 35 -14.10 -17.39 11.80
CA ALA C 35 -13.78 -18.40 10.78
C ALA C 35 -12.62 -19.27 11.24
N PRO C 36 -12.87 -20.17 12.20
CA PRO C 36 -11.75 -20.91 12.82
C PRO C 36 -10.95 -21.71 11.83
N ILE C 37 -11.54 -22.08 10.70
CA ILE C 37 -10.84 -22.70 9.59
C ILE C 37 -11.07 -21.80 8.39
N TRP C 38 -10.01 -21.18 7.89
CA TRP C 38 -10.15 -20.10 6.93
C TRP C 38 -9.16 -20.26 5.80
N TRP C 39 -9.65 -20.19 4.57
CA TRP C 39 -8.77 -20.32 3.42
C TRP C 39 -7.88 -19.08 3.34
N ASN C 40 -6.58 -19.29 3.46
CA ASN C 40 -5.59 -18.23 3.37
C ASN C 40 -5.01 -18.30 1.97
N GLY C 41 -5.60 -17.54 1.06
CA GLY C 41 -5.12 -17.52 -0.31
C GLY C 41 -3.83 -16.73 -0.45
N GLN C 42 -3.01 -17.18 -1.39
CA GLN C 42 -1.69 -16.60 -1.65
C GLN C 42 -1.55 -16.34 -3.14
N ASP C 43 -1.10 -15.13 -3.49
CA ASP C 43 -0.91 -14.77 -4.88
C ASP C 43 0.24 -15.56 -5.50
N PRO C 44 0.26 -15.65 -6.83
CA PRO C 44 1.35 -16.37 -7.49
C PRO C 44 2.71 -15.79 -7.14
N GLY C 45 3.65 -16.67 -6.83
CA GLY C 45 4.98 -16.26 -6.45
C GLY C 45 5.11 -15.66 -5.06
N LYS C 46 4.07 -15.76 -4.23
CA LYS C 46 4.10 -15.25 -2.87
C LYS C 46 3.64 -16.32 -1.89
N GLY C 47 3.89 -17.59 -2.21
CA GLY C 47 3.56 -18.71 -1.35
C GLY C 47 4.68 -19.21 -0.48
N GLY C 48 5.78 -18.48 -0.36
CA GLY C 48 6.91 -18.95 0.42
C GLY C 48 7.46 -20.27 -0.05
N GLY C 49 7.53 -20.46 -1.37
CA GLY C 49 8.05 -21.68 -1.95
C GLY C 49 7.00 -22.66 -2.43
N PHE C 50 5.75 -22.46 -2.05
CA PHE C 50 4.68 -23.32 -2.49
C PHE C 50 3.82 -22.56 -3.49
N HIS C 51 3.31 -23.28 -4.47
CA HIS C 51 2.63 -22.68 -5.60
C HIS C 51 1.27 -23.33 -5.80
N ASP C 52 0.52 -23.50 -4.70
CA ASP C 52 -0.77 -24.17 -4.72
C ASP C 52 -1.93 -23.22 -4.43
N GLY C 53 -1.71 -21.92 -4.44
CA GLY C 53 -2.77 -20.96 -4.26
C GLY C 53 -3.07 -20.57 -2.82
N GLY C 54 -2.63 -21.36 -1.83
CA GLY C 54 -2.78 -21.00 -0.43
C GLY C 54 -2.95 -22.23 0.43
N PHE C 55 -3.47 -22.01 1.63
CA PHE C 55 -3.57 -23.06 2.62
C PHE C 55 -4.74 -22.78 3.55
N TRP C 56 -5.17 -23.81 4.27
CA TRP C 56 -6.16 -23.65 5.32
C TRP C 56 -5.50 -23.21 6.62
N ALA C 57 -5.92 -22.06 7.16
CA ALA C 57 -5.46 -21.60 8.47
C ALA C 57 -6.23 -22.33 9.57
N ILE C 58 -5.51 -23.10 10.39
CA ILE C 58 -6.08 -23.81 11.53
C ILE C 58 -5.77 -23.02 12.78
N THR C 59 -6.82 -22.56 13.48
CA THR C 59 -6.64 -21.64 14.58
C THR C 59 -7.09 -22.18 15.93
N LYS C 60 -7.84 -23.28 15.96
CA LYS C 60 -8.40 -23.84 17.19
C LYS C 60 -7.59 -25.04 17.66
N LEU C 61 -7.36 -25.11 18.98
CA LEU C 61 -6.49 -26.14 19.52
C LEU C 61 -7.01 -27.54 19.23
N ASN C 62 -8.34 -27.73 19.30
CA ASN C 62 -8.89 -29.06 19.04
C ASN C 62 -8.63 -29.48 17.59
N ASP C 63 -8.67 -28.53 16.64
CA ASP C 63 -8.40 -28.87 15.24
C ASP C 63 -6.91 -29.12 15.01
N VAL C 64 -6.05 -28.35 15.67
CA VAL C 64 -4.61 -28.64 15.62
C VAL C 64 -4.35 -30.06 16.10
N LYS C 65 -4.99 -30.44 17.21
CA LYS C 65 -4.73 -31.75 17.79
C LYS C 65 -5.28 -32.85 16.90
N GLU C 66 -6.45 -32.63 16.29
CA GLU C 66 -7.02 -33.65 15.41
C GLU C 66 -6.13 -33.87 14.21
N ILE C 67 -5.64 -32.81 13.59
CA ILE C 67 -4.68 -32.97 12.49
C ILE C 67 -3.46 -33.74 12.96
N SER C 68 -2.93 -33.38 14.13
CA SER C 68 -1.70 -34.01 14.61
C SER C 68 -1.90 -35.48 14.95
N ARG C 69 -3.08 -35.85 15.44
CA ARG C 69 -3.32 -37.26 15.78
C ARG C 69 -3.56 -38.10 14.52
N HIS C 70 -4.08 -37.49 13.47
CA HIS C 70 -4.39 -38.20 12.24
C HIS C 70 -3.25 -38.03 11.23
N SER C 71 -2.08 -38.53 11.63
CA SER C 71 -0.93 -38.50 10.73
C SER C 71 -1.18 -39.27 9.44
N ASP C 72 -1.96 -40.37 9.53
CA ASP C 72 -2.25 -41.17 8.34
C ASP C 72 -2.91 -40.34 7.25
N VAL C 73 -3.70 -39.33 7.62
CA VAL C 73 -4.35 -38.46 6.64
C VAL C 73 -3.51 -37.23 6.36
N PHE C 74 -2.97 -36.59 7.40
CA PHE C 74 -2.27 -35.32 7.27
C PHE C 74 -0.77 -35.58 7.31
N SER C 75 -0.14 -35.44 6.15
CA SER C 75 1.22 -35.88 5.91
C SER C 75 2.24 -34.78 6.17
N SER C 76 3.34 -35.14 6.84
CA SER C 76 4.49 -34.25 6.93
C SER C 76 5.40 -34.37 5.71
N TYR C 77 5.45 -35.55 5.10
CA TYR C 77 6.38 -35.82 4.01
C TYR C 77 6.07 -35.00 2.77
N GLU C 78 4.79 -34.87 2.42
CA GLU C 78 4.44 -34.40 1.07
C GLU C 78 5.06 -33.04 0.77
N ASN C 79 4.98 -32.10 1.71
CA ASN C 79 5.51 -30.76 1.48
C ASN C 79 6.38 -30.29 2.63
N GLY C 80 6.71 -31.15 3.58
CA GLY C 80 7.41 -30.74 4.77
C GLY C 80 6.46 -30.08 5.75
N VAL C 81 7.01 -29.70 6.90
CA VAL C 81 6.21 -29.06 7.94
C VAL C 81 6.48 -27.56 8.04
N ILE C 82 7.57 -27.06 7.46
CA ILE C 82 7.80 -25.62 7.46
C ILE C 82 6.88 -24.98 6.41
N PRO C 83 6.09 -23.98 6.79
CA PRO C 83 5.08 -23.45 5.87
C PRO C 83 5.52 -22.24 5.06
N ARG C 84 6.77 -21.82 5.17
CA ARG C 84 7.21 -20.59 4.51
C ARG C 84 8.71 -20.62 4.34
N PHE C 85 9.16 -20.42 3.10
CA PHE C 85 10.56 -20.19 2.79
C PHE C 85 10.68 -18.91 1.97
N LYS C 86 11.89 -18.58 1.49
CA LYS C 86 11.98 -17.54 0.49
C LYS C 86 11.07 -17.89 -0.68
N ASN C 87 10.43 -16.87 -1.25
CA ASN C 87 9.42 -17.12 -2.29
C ASN C 87 10.01 -17.84 -3.49
N ASP C 88 11.30 -17.64 -3.76
CA ASP C 88 11.97 -18.17 -4.94
C ASP C 88 12.75 -19.47 -4.68
N ILE C 89 12.41 -20.21 -3.63
CA ILE C 89 13.16 -21.42 -3.31
C ILE C 89 12.82 -22.52 -4.29
N ALA C 90 13.85 -23.21 -4.77
CA ALA C 90 13.64 -24.35 -5.67
C ALA C 90 12.94 -25.47 -4.93
N ARG C 91 12.02 -26.14 -5.61
CA ARG C 91 11.27 -27.23 -4.99
C ARG C 91 12.19 -28.27 -4.38
N GLU C 92 13.32 -28.56 -5.04
CA GLU C 92 14.23 -29.57 -4.53
C GLU C 92 14.81 -29.21 -3.16
N ASP C 93 15.02 -27.91 -2.90
CA ASP C 93 15.47 -27.51 -1.58
C ASP C 93 14.38 -27.69 -0.53
N ILE C 94 13.12 -27.75 -0.92
CA ILE C 94 12.05 -28.13 0.01
C ILE C 94 12.08 -29.63 0.25
N GLU C 95 12.20 -30.41 -0.83
CA GLU C 95 12.08 -31.86 -0.74
C GLU C 95 13.27 -32.47 -0.01
N VAL C 96 14.43 -31.82 -0.05
CA VAL C 96 15.60 -32.30 0.68
C VAL C 96 15.34 -32.31 2.19
N GLN C 97 14.35 -31.55 2.66
CA GLN C 97 13.99 -31.61 4.06
C GLN C 97 13.42 -32.97 4.46
N ARG C 98 13.02 -33.79 3.50
CA ARG C 98 12.46 -35.11 3.82
C ARG C 98 13.50 -36.07 4.37
N PHE C 99 14.79 -35.72 4.35
CA PHE C 99 15.82 -36.58 4.92
C PHE C 99 15.86 -36.56 6.44
N VAL C 100 15.05 -35.73 7.10
CA VAL C 100 15.02 -35.72 8.56
C VAL C 100 13.67 -36.21 9.03
N MET C 101 13.70 -36.90 10.16
CA MET C 101 12.53 -37.58 10.71
C MET C 101 11.32 -36.66 10.83
N LEU C 102 11.56 -35.36 11.01
CA LEU C 102 10.47 -34.40 11.15
C LEU C 102 9.58 -34.35 9.93
N ASN C 103 10.16 -34.54 8.74
CA ASN C 103 9.43 -34.45 7.49
C ASN C 103 9.22 -35.80 6.83
N MET C 104 9.06 -36.87 7.62
CA MET C 104 8.69 -38.18 7.07
C MET C 104 7.42 -38.68 7.74
N ASP C 105 6.79 -39.67 7.12
CA ASP C 105 5.58 -40.33 7.61
CA ASP C 105 5.64 -40.30 7.76
C ASP C 105 5.88 -41.80 7.90
N ALA C 106 4.94 -42.45 8.59
CA ALA C 106 5.03 -43.88 8.76
C ALA C 106 5.11 -44.54 7.38
N PRO C 107 5.82 -45.68 7.26
CA PRO C 107 6.51 -46.39 8.34
C PRO C 107 7.95 -45.91 8.60
N HIS C 108 8.55 -45.24 7.62
CA HIS C 108 9.91 -44.73 7.78
C HIS C 108 10.08 -43.98 9.10
N HIS C 109 9.22 -42.98 9.31
CA HIS C 109 9.32 -42.17 10.53
C HIS C 109 9.25 -43.04 11.78
N THR C 110 8.41 -44.08 11.75
CA THR C 110 8.28 -44.92 12.93
C THR C 110 9.61 -45.55 13.32
N ARG C 111 10.36 -46.06 12.34
CA ARG C 111 11.62 -46.72 12.63
C ARG C 111 12.60 -45.73 13.24
N LEU C 112 12.77 -44.58 12.59
CA LEU C 112 13.73 -43.60 13.08
C LEU C 112 13.34 -43.12 14.48
N ARG C 113 12.06 -42.81 14.68
CA ARG C 113 11.61 -42.33 15.99
C ARG C 113 11.95 -43.33 17.09
N LYS C 114 11.71 -44.63 16.84
CA LYS C 114 11.98 -45.62 17.87
C LYS C 114 13.47 -45.66 18.21
N ILE C 115 14.33 -45.55 17.22
CA ILE C 115 15.77 -45.59 17.45
C ILE C 115 16.22 -44.31 18.16
N ILE C 116 15.81 -43.16 17.62
CA ILE C 116 16.25 -41.88 18.16
C ILE C 116 15.66 -41.61 19.54
N SER C 117 14.51 -42.22 19.87
CA SER C 117 13.92 -42.04 21.19
C SER C 117 14.85 -42.49 22.30
N ARG C 118 15.79 -43.39 22.01
CA ARG C 118 16.71 -43.86 23.04
CA ARG C 118 16.70 -43.86 23.05
C ARG C 118 17.58 -42.74 23.60
N GLY C 119 17.77 -41.67 22.85
CA GLY C 119 18.56 -40.54 23.29
C GLY C 119 17.82 -39.48 24.08
N PHE C 120 16.49 -39.61 24.16
CA PHE C 120 15.66 -38.64 24.87
C PHE C 120 14.80 -39.33 25.91
N THR C 121 15.36 -40.35 26.57
CA THR C 121 14.71 -40.90 27.73
C THR C 121 14.82 -39.92 28.91
N PRO C 122 13.91 -40.02 29.88
CA PRO C 122 14.10 -39.25 31.11
C PRO C 122 15.50 -39.37 31.67
N ARG C 123 16.10 -40.56 31.56
CA ARG C 123 17.44 -40.78 32.08
C ARG C 123 18.48 -40.10 31.20
N ALA C 124 18.36 -40.27 29.88
CA ALA C 124 19.30 -39.63 28.98
C ALA C 124 19.31 -38.12 29.19
N VAL C 125 18.13 -37.51 29.31
CA VAL C 125 18.05 -36.09 29.59
C VAL C 125 18.56 -35.79 30.99
N GLY C 126 18.19 -36.61 31.97
CA GLY C 126 18.61 -36.36 33.32
C GLY C 126 20.12 -36.36 33.50
N ARG C 127 20.83 -37.17 32.69
CA ARG C 127 22.26 -37.23 32.76
C ARG C 127 22.91 -35.90 32.53
N LEU C 128 22.25 -35.04 31.71
CA LEU C 128 22.74 -33.71 31.37
C LEU C 128 22.47 -32.71 32.47
N HIS C 129 21.66 -33.06 33.47
CA HIS C 129 21.22 -32.08 34.45
C HIS C 129 22.38 -31.35 35.10
N ASP C 130 23.38 -32.09 35.59
CA ASP C 130 24.37 -31.45 36.45
C ASP C 130 25.23 -30.47 35.65
N GLU C 131 25.66 -30.86 34.45
CA GLU C 131 26.50 -29.98 33.65
C GLU C 131 25.72 -28.76 33.18
N LEU C 132 24.44 -28.92 32.83
CA LEU C 132 23.70 -27.75 32.38
C LEU C 132 23.38 -26.83 33.54
N GLN C 133 23.07 -27.41 34.72
CA GLN C 133 22.87 -26.58 35.92
C GLN C 133 24.08 -25.71 36.20
N GLU C 134 25.28 -26.31 36.27
CA GLU C 134 26.47 -25.53 36.56
CA GLU C 134 26.46 -25.52 36.56
C GLU C 134 26.68 -24.45 35.49
N ARG C 135 26.49 -24.80 34.22
CA ARG C 135 26.65 -23.79 33.17
C ARG C 135 25.59 -22.70 33.28
N ALA C 136 24.34 -23.06 33.61
CA ALA C 136 23.30 -22.05 33.77
C ALA C 136 23.66 -21.09 34.89
N GLN C 137 24.22 -21.60 35.99
CA GLN C 137 24.59 -20.73 37.10
C GLN C 137 25.70 -19.77 36.67
N LYS C 138 26.67 -20.26 35.91
CA LYS C 138 27.77 -19.41 35.45
C LYS C 138 27.29 -18.37 34.45
N ILE C 139 26.42 -18.77 33.52
CA ILE C 139 25.86 -17.83 32.55
C ILE C 139 25.15 -16.69 33.28
N ALA C 140 24.30 -17.04 34.24
CA ALA C 140 23.54 -16.01 34.95
C ALA C 140 24.45 -15.11 35.78
N ALA C 141 25.43 -15.71 36.47
CA ALA C 141 26.37 -14.91 37.25
C ALA C 141 27.14 -13.95 36.36
N GLU C 142 27.60 -14.42 35.20
CA GLU C 142 28.36 -13.56 34.30
C GLU C 142 27.50 -12.44 33.77
N ALA C 143 26.24 -12.75 33.41
CA ALA C 143 25.33 -11.70 32.97
C ALA C 143 25.12 -10.68 34.08
N ALA C 144 24.92 -11.17 35.30
CA ALA C 144 24.71 -10.26 36.43
C ALA C 144 25.88 -9.30 36.58
N ALA C 145 27.12 -9.81 36.45
CA ALA C 145 28.29 -8.96 36.65
C ALA C 145 28.46 -7.96 35.51
N ALA C 146 27.96 -8.27 34.31
CA ALA C 146 27.99 -7.32 33.21
C ALA C 146 27.08 -6.13 33.46
N GLY C 147 26.07 -6.29 34.30
CA GLY C 147 25.15 -5.20 34.66
C GLY C 147 23.99 -4.96 33.73
N SER C 148 24.28 -4.81 32.44
CA SER C 148 23.27 -4.62 31.41
C SER C 148 23.80 -5.20 30.11
N GLY C 149 22.88 -5.55 29.21
CA GLY C 149 23.28 -6.03 27.90
C GLY C 149 22.16 -6.72 27.18
N ASP C 150 22.53 -7.42 26.09
CA ASP C 150 21.58 -8.11 25.23
C ASP C 150 21.26 -9.46 25.85
N PHE C 151 20.08 -9.55 26.47
CA PHE C 151 19.67 -10.77 27.14
C PHE C 151 19.68 -11.97 26.19
N VAL C 152 19.34 -11.77 24.92
CA VAL C 152 19.31 -12.89 23.98
C VAL C 152 20.69 -13.55 23.88
N GLU C 153 21.74 -12.74 23.73
CA GLU C 153 23.08 -13.27 23.61
C GLU C 153 23.62 -13.74 24.95
N GLN C 154 23.39 -12.97 26.02
CA GLN C 154 24.08 -13.24 27.27
C GLN C 154 23.38 -14.27 28.13
N VAL C 155 22.09 -14.53 27.91
CA VAL C 155 21.38 -15.46 28.79
C VAL C 155 20.67 -16.56 28.02
N SER C 156 19.99 -16.22 26.93
CA SER C 156 19.16 -17.20 26.23
C SER C 156 19.95 -18.13 25.31
N CYS C 157 21.04 -17.62 24.71
CA CYS C 157 21.65 -18.29 23.56
C CYS C 157 22.40 -19.57 23.93
N GLU C 158 23.23 -19.54 24.98
CA GLU C 158 24.24 -20.58 25.09
C GLU C 158 23.68 -21.90 25.62
N LEU C 159 22.79 -21.87 26.61
CA LEU C 159 22.43 -23.13 27.26
C LEU C 159 21.76 -24.11 26.31
N PRO C 160 20.86 -23.70 25.42
CA PRO C 160 20.33 -24.65 24.44
C PRO C 160 21.40 -25.30 23.60
N LEU C 161 22.44 -24.56 23.23
CA LEU C 161 23.50 -25.15 22.41
C LEU C 161 24.35 -26.11 23.22
N GLN C 162 24.57 -25.80 24.50
CA GLN C 162 25.33 -26.72 25.35
C GLN C 162 24.53 -27.99 25.62
N ALA C 163 23.20 -27.89 25.59
CA ALA C 163 22.37 -29.08 25.78
C ALA C 163 22.52 -30.01 24.58
N ILE C 164 22.53 -29.44 23.38
CA ILE C 164 22.79 -30.24 22.18
C ILE C 164 24.16 -30.88 22.24
N ALA C 165 25.19 -30.07 22.50
CA ALA C 165 26.56 -30.59 22.53
C ALA C 165 26.70 -31.69 23.57
N GLY C 166 26.08 -31.51 24.74
CA GLY C 166 26.23 -32.49 25.80
C GLY C 166 25.50 -33.78 25.47
N LEU C 167 24.32 -33.67 24.85
CA LEU C 167 23.60 -34.87 24.46
C LEU C 167 24.38 -35.66 23.41
N LEU C 168 25.12 -34.97 22.55
CA LEU C 168 25.91 -35.61 21.51
C LEU C 168 27.33 -35.94 21.95
N GLY C 169 27.76 -35.49 23.12
CA GLY C 169 29.12 -35.76 23.56
C GLY C 169 30.18 -35.05 22.75
N VAL C 170 29.88 -33.87 22.23
CA VAL C 170 30.84 -33.12 21.42
C VAL C 170 31.99 -32.64 22.30
N PRO C 171 33.24 -32.94 21.95
CA PRO C 171 34.36 -32.41 22.76
C PRO C 171 34.29 -30.90 22.86
N GLN C 172 34.84 -30.37 23.96
CA GLN C 172 34.75 -28.93 24.20
C GLN C 172 35.41 -28.14 23.08
N GLU C 173 36.55 -28.62 22.56
CA GLU C 173 37.27 -27.89 21.53
C GLU C 173 36.51 -27.85 20.20
N ASP C 174 35.50 -28.71 20.02
CA ASP C 174 34.69 -28.71 18.81
C ASP C 174 33.38 -27.94 18.95
N ARG C 175 33.04 -27.46 20.14
CA ARG C 175 31.72 -26.85 20.32
C ARG C 175 31.64 -25.52 19.61
N GLY C 176 32.77 -24.81 19.50
CA GLY C 176 32.78 -23.56 18.76
C GLY C 176 32.25 -23.73 17.36
N LYS C 177 32.83 -24.67 16.60
CA LYS C 177 32.40 -24.82 15.21
C LYS C 177 31.01 -25.43 15.12
N LEU C 178 30.66 -26.34 16.05
CA LEU C 178 29.30 -26.85 16.11
C LEU C 178 28.29 -25.71 16.27
N PHE C 179 28.51 -24.85 17.26
CA PHE C 179 27.56 -23.75 17.51
C PHE C 179 27.49 -22.81 16.31
N HIS C 180 28.64 -22.56 15.68
CA HIS C 180 28.66 -21.72 14.49
C HIS C 180 27.77 -22.29 13.39
N TRP C 181 27.98 -23.56 13.04
CA TRP C 181 27.15 -24.18 12.02
C TRP C 181 25.68 -24.17 12.42
N SER C 182 25.40 -24.44 13.68
CA SER C 182 24.01 -24.46 14.12
CA SER C 182 24.02 -24.45 14.15
C SER C 182 23.38 -23.08 13.97
N ASN C 183 24.10 -22.03 14.40
CA ASN C 183 23.57 -20.68 14.25
C ASN C 183 23.48 -20.28 12.78
N GLU C 184 24.36 -20.81 11.92
CA GLU C 184 24.29 -20.47 10.51
C GLU C 184 23.03 -21.00 9.83
N MET C 185 22.22 -21.80 10.50
N MET C 185 22.24 -21.83 10.50
CA MET C 185 20.98 -22.31 9.92
CA MET C 185 21.05 -22.44 9.93
C MET C 185 19.78 -21.70 10.63
C MET C 185 19.77 -21.90 10.55
N THR C 186 19.91 -20.43 11.00
N THR C 186 19.82 -20.69 11.10
CA THR C 186 18.87 -19.73 11.76
CA THR C 186 18.67 -20.10 11.78
C THR C 186 18.69 -18.34 11.17
C THR C 186 17.93 -19.13 10.85
N GLY C 187 17.43 -17.97 10.93
N GLY C 187 17.55 -17.96 11.35
CA GLY C 187 17.09 -16.59 10.62
CA GLY C 187 16.74 -17.03 10.59
C GLY C 187 17.56 -16.09 9.28
C GLY C 187 17.48 -16.35 9.45
N ASN C 188 17.78 -16.97 8.31
N ASN C 188 17.62 -17.05 8.33
CA ASN C 188 18.33 -16.55 7.03
CA ASN C 188 18.31 -16.51 7.17
C ASN C 188 17.39 -15.66 6.23
C ASN C 188 17.42 -15.62 6.31
N GLU C 189 16.14 -15.50 6.66
CA GLU C 189 15.19 -14.64 5.95
C GLU C 189 15.05 -13.27 6.61
N ASP C 190 15.88 -12.96 7.57
CA ASP C 190 15.94 -11.66 8.21
C ASP C 190 17.12 -10.87 7.65
N PRO C 191 16.97 -9.58 7.38
CA PRO C 191 18.11 -8.84 6.76
C PRO C 191 19.36 -8.87 7.60
N GLU C 192 19.25 -9.01 8.93
CA GLU C 192 20.45 -9.12 9.75
C GLU C 192 21.26 -10.38 9.43
N TYR C 193 20.64 -11.41 8.86
CA TYR C 193 21.31 -12.69 8.60
C TYR C 193 21.27 -13.10 7.12
N ALA C 194 21.08 -12.14 6.22
CA ALA C 194 20.97 -12.48 4.81
C ALA C 194 22.25 -13.11 4.29
N HIS C 195 23.38 -12.77 4.89
CA HIS C 195 24.69 -13.27 4.48
C HIS C 195 24.88 -14.75 4.81
N ILE C 196 24.09 -15.29 5.74
CA ILE C 196 24.30 -16.65 6.23
CA ILE C 196 24.32 -16.63 6.22
C ILE C 196 24.02 -17.65 5.13
N ASP C 197 24.85 -18.69 5.06
CA ASP C 197 24.71 -19.76 4.06
C ASP C 197 24.30 -21.05 4.73
N PRO C 198 23.00 -21.40 4.72
CA PRO C 198 22.60 -22.65 5.39
C PRO C 198 23.14 -23.90 4.72
N LYS C 199 23.19 -23.92 3.38
CA LYS C 199 23.57 -25.16 2.70
C LYS C 199 24.99 -25.56 3.07
N ALA C 200 25.91 -24.59 3.05
CA ALA C 200 27.30 -24.86 3.39
C ALA C 200 27.40 -25.48 4.79
N SER C 201 26.73 -24.88 5.75
CA SER C 201 26.91 -25.29 7.14
C SER C 201 26.22 -26.62 7.43
N SER C 202 25.08 -26.87 6.80
CA SER C 202 24.51 -28.21 6.90
C SER C 202 25.48 -29.24 6.37
N ALA C 203 26.16 -28.95 5.26
CA ALA C 203 27.18 -29.87 4.78
C ALA C 203 28.30 -30.04 5.78
N GLU C 204 28.67 -28.95 6.48
CA GLU C 204 29.73 -29.06 7.49
C GLU C 204 29.27 -29.94 8.65
N LEU C 205 28.06 -29.74 9.14
CA LEU C 205 27.56 -30.57 10.24
C LEU C 205 27.56 -32.03 9.84
N ILE C 206 27.07 -32.34 8.64
CA ILE C 206 26.99 -33.72 8.19
C ILE C 206 28.38 -34.34 8.15
N GLY C 207 29.37 -33.58 7.67
CA GLY C 207 30.71 -34.11 7.62
C GLY C 207 31.29 -34.36 9.00
N TYR C 208 31.06 -33.43 9.93
CA TYR C 208 31.48 -33.66 11.31
C TYR C 208 30.77 -34.89 11.88
N ALA C 209 29.45 -34.95 11.73
CA ALA C 209 28.70 -36.07 12.30
C ALA C 209 29.22 -37.40 11.79
N MET C 210 29.50 -37.49 10.49
CA MET C 210 29.93 -38.77 9.95
CA MET C 210 29.94 -38.76 9.93
C MET C 210 31.35 -39.11 10.38
N LYS C 211 32.18 -38.10 10.66
CA LYS C 211 33.45 -38.37 11.32
C LYS C 211 33.23 -38.94 12.72
N MET C 212 32.30 -38.34 13.49
CA MET C 212 31.93 -38.90 14.79
CA MET C 212 31.95 -38.90 14.79
C MET C 212 31.52 -40.36 14.65
N ALA C 213 30.57 -40.64 13.75
CA ALA C 213 30.10 -42.00 13.56
C ALA C 213 31.26 -42.93 13.23
N GLU C 214 32.21 -42.45 12.44
CA GLU C 214 33.37 -43.27 12.10
C GLU C 214 34.22 -43.54 13.32
N GLU C 215 34.49 -42.50 14.12
CA GLU C 215 35.31 -42.68 15.32
CA GLU C 215 35.30 -42.67 15.31
C GLU C 215 34.68 -43.68 16.27
N LYS C 216 33.37 -43.59 16.49
CA LYS C 216 32.70 -44.45 17.46
C LYS C 216 32.62 -45.90 17.00
N ALA C 217 32.65 -46.14 15.69
CA ALA C 217 32.67 -47.53 15.22
C ALA C 217 34.02 -48.19 15.49
N LYS C 218 35.10 -47.41 15.48
CA LYS C 218 36.41 -47.90 15.86
C LYS C 218 36.66 -47.83 17.36
N ASN C 219 36.12 -46.81 18.03
CA ASN C 219 36.25 -46.64 19.47
C ASN C 219 34.87 -46.50 20.10
N PRO C 220 34.14 -47.61 20.20
CA PRO C 220 32.85 -47.56 20.89
C PRO C 220 33.01 -46.99 22.30
N ALA C 221 31.95 -46.37 22.80
CA ALA C 221 31.94 -45.85 24.15
C ALA C 221 30.53 -46.00 24.70
N ASP C 222 30.37 -45.70 25.99
CA ASP C 222 29.06 -45.74 26.63
C ASP C 222 28.33 -44.41 26.51
N ASP C 223 28.22 -43.90 25.29
CA ASP C 223 27.56 -42.63 25.02
C ASP C 223 26.36 -42.84 24.09
N ILE C 224 25.86 -41.73 23.56
CA ILE C 224 24.62 -41.72 22.79
C ILE C 224 24.88 -41.99 21.31
N VAL C 225 25.99 -41.47 20.78
CA VAL C 225 26.32 -41.75 19.39
C VAL C 225 26.58 -43.24 19.20
N THR C 226 27.31 -43.85 20.13
CA THR C 226 27.55 -45.29 20.04
C THR C 226 26.23 -46.05 20.01
N GLN C 227 25.31 -45.68 20.89
CA GLN C 227 24.03 -46.37 20.99
C GLN C 227 23.26 -46.30 19.68
N LEU C 228 23.37 -45.18 18.96
CA LEU C 228 22.56 -44.96 17.77
C LEU C 228 23.13 -45.67 16.55
N ILE C 229 24.44 -45.86 16.48
CA ILE C 229 25.08 -46.45 15.30
C ILE C 229 25.45 -47.92 15.51
N GLN C 230 25.31 -48.45 16.72
CA GLN C 230 25.55 -49.86 16.97
C GLN C 230 24.22 -50.60 16.99
N ALA C 231 24.15 -51.70 16.25
CA ALA C 231 22.91 -52.45 16.15
C ALA C 231 22.39 -52.83 17.53
N ASP C 232 21.08 -52.70 17.71
CA ASP C 232 20.46 -53.00 18.99
C ASP C 232 20.08 -54.47 19.01
N ILE C 233 19.34 -54.90 20.04
CA ILE C 233 18.95 -56.30 20.17
C ILE C 233 18.15 -56.76 18.95
N ASP C 234 17.48 -55.84 18.25
CA ASP C 234 16.66 -56.18 17.10
C ASP C 234 17.40 -56.01 15.77
N GLY C 235 18.69 -55.70 15.79
CA GLY C 235 19.43 -55.43 14.58
C GLY C 235 19.21 -54.06 13.98
N GLU C 236 18.63 -53.12 14.73
CA GLU C 236 18.26 -51.81 14.22
C GLU C 236 19.33 -50.79 14.59
N LYS C 237 19.56 -49.85 13.69
CA LYS C 237 20.53 -48.80 13.95
C LYS C 237 20.42 -47.75 12.84
N LEU C 238 20.86 -46.54 13.15
CA LEU C 238 21.03 -45.55 12.11
C LEU C 238 22.23 -45.91 11.25
N SER C 239 22.06 -45.79 9.94
CA SER C 239 23.20 -45.78 9.04
C SER C 239 24.00 -44.50 9.27
N ASP C 240 25.20 -44.44 8.67
CA ASP C 240 26.04 -43.26 8.83
C ASP C 240 25.33 -42.02 8.30
N ASP C 241 24.73 -42.11 7.11
CA ASP C 241 23.96 -40.98 6.59
C ASP C 241 22.83 -40.59 7.52
N GLU C 242 22.09 -41.58 8.04
CA GLU C 242 20.97 -41.26 8.91
C GLU C 242 21.45 -40.55 10.16
N PHE C 243 22.61 -40.97 10.69
CA PHE C 243 23.19 -40.27 11.82
C PHE C 243 23.50 -38.83 11.45
N GLY C 244 24.02 -38.61 10.24
CA GLY C 244 24.29 -37.26 9.80
C GLY C 244 23.07 -36.37 9.86
N PHE C 245 21.94 -36.86 9.34
CA PHE C 245 20.72 -36.07 9.32
C PHE C 245 20.08 -35.95 10.69
N PHE C 246 20.34 -36.92 11.57
CA PHE C 246 19.92 -36.75 12.96
C PHE C 246 20.68 -35.61 13.62
N VAL C 247 21.97 -35.50 13.35
CA VAL C 247 22.75 -34.42 13.95
C VAL C 247 22.30 -33.07 13.42
N VAL C 248 22.10 -32.96 12.10
CA VAL C 248 21.61 -31.69 11.55
C VAL C 248 20.26 -31.34 12.14
N MET C 249 19.36 -32.32 12.24
CA MET C 249 18.03 -32.03 12.75
C MET C 249 18.09 -31.56 14.19
N LEU C 250 18.96 -32.18 14.98
CA LEU C 250 19.10 -31.80 16.38
C LEU C 250 19.73 -30.42 16.50
N ALA C 251 20.79 -30.18 15.72
CA ALA C 251 21.47 -28.89 15.75
C ALA C 251 20.50 -27.76 15.45
N VAL C 252 19.53 -27.99 14.57
CA VAL C 252 18.50 -26.98 14.30
C VAL C 252 17.43 -27.02 15.39
N ALA C 253 16.94 -28.23 15.73
CA ALA C 253 15.77 -28.33 16.60
C ALA C 253 16.06 -27.79 17.99
N GLY C 254 17.25 -28.06 18.52
CA GLY C 254 17.52 -27.74 19.91
C GLY C 254 18.01 -26.34 20.18
N ASN C 255 18.10 -25.51 19.14
CA ASN C 255 18.74 -24.20 19.26
C ASN C 255 17.73 -23.07 19.40
N GLU C 256 17.23 -22.54 18.27
CA GLU C 256 16.46 -21.30 18.33
C GLU C 256 15.19 -21.42 19.17
N THR C 257 14.45 -22.51 19.05
CA THR C 257 13.16 -22.55 19.73
C THR C 257 13.35 -22.44 21.24
N THR C 258 14.32 -23.16 21.81
CA THR C 258 14.52 -23.06 23.25
C THR C 258 15.02 -21.70 23.64
N ARG C 259 15.99 -21.17 22.89
CA ARG C 259 16.44 -19.79 23.09
C ARG C 259 15.27 -18.84 23.20
N ASN C 260 14.33 -18.95 22.27
CA ASN C 260 13.24 -17.99 22.20
C ASN C 260 12.20 -18.23 23.28
N SER C 261 12.09 -19.45 23.80
CA SER C 261 11.24 -19.64 24.97
C SER C 261 11.84 -18.95 26.18
N ILE C 262 13.17 -18.95 26.29
CA ILE C 262 13.82 -18.27 27.41
C ILE C 262 13.62 -16.75 27.30
N THR C 263 13.92 -16.17 26.13
CA THR C 263 13.73 -14.73 25.95
C THR C 263 12.29 -14.31 26.24
N GLN C 264 11.32 -14.97 25.58
CA GLN C 264 9.92 -14.57 25.72
C GLN C 264 9.32 -14.94 27.06
N GLY C 265 9.85 -15.97 27.73
CA GLY C 265 9.49 -16.21 29.11
C GLY C 265 9.93 -15.10 30.02
N MET C 266 11.15 -14.58 29.82
CA MET C 266 11.59 -13.48 30.66
C MET C 266 10.86 -12.18 30.30
N MET C 267 10.54 -11.99 29.03
CA MET C 267 9.65 -10.90 28.65
C MET C 267 8.30 -11.02 29.38
N ALA C 268 7.75 -12.24 29.44
CA ALA C 268 6.49 -12.43 30.16
C ALA C 268 6.67 -12.09 31.64
N PHE C 269 7.78 -12.52 32.23
CA PHE C 269 8.00 -12.22 33.64
C PHE C 269 8.12 -10.71 33.85
N ALA C 270 8.75 -10.01 32.90
CA ALA C 270 8.89 -8.56 33.05
C ALA C 270 7.52 -7.88 33.00
N GLU C 271 6.65 -8.35 32.13
CA GLU C 271 5.33 -7.74 32.01
C GLU C 271 4.38 -8.16 33.12
N HIS C 272 4.72 -9.18 33.92
CA HIS C 272 3.85 -9.70 34.98
C HIS C 272 4.72 -9.86 36.23
N PRO C 273 4.97 -8.76 36.94
CA PRO C 273 5.89 -8.85 38.09
C PRO C 273 5.41 -9.79 39.18
N ASP C 274 4.10 -9.96 39.34
CA ASP C 274 3.60 -10.88 40.35
C ASP C 274 3.99 -12.32 40.03
N GLN C 275 3.94 -12.70 38.74
CA GLN C 275 4.40 -14.04 38.38
C GLN C 275 5.90 -14.20 38.61
N TRP C 276 6.69 -13.15 38.33
CA TRP C 276 8.11 -13.23 38.60
C TRP C 276 8.39 -13.43 40.08
N GLU C 277 7.71 -12.65 40.93
CA GLU C 277 7.91 -12.79 42.37
C GLU C 277 7.48 -14.18 42.83
N LEU C 278 6.37 -14.68 42.29
CA LEU C 278 5.95 -16.05 42.61
C LEU C 278 6.98 -17.05 42.12
N TYR C 279 7.56 -16.82 40.94
CA TYR C 279 8.54 -17.78 40.44
C TYR C 279 9.78 -17.81 41.32
N LYS C 280 10.29 -16.63 41.71
CA LYS C 280 11.48 -16.61 42.55
C LYS C 280 11.25 -17.33 43.86
N LYS C 281 10.02 -17.22 44.41
CA LYS C 281 9.75 -17.81 45.72
C LYS C 281 9.59 -19.32 45.63
N VAL C 282 8.95 -19.81 44.58
CA VAL C 282 8.44 -21.18 44.58
C VAL C 282 9.08 -22.06 43.52
N ARG C 283 9.61 -21.49 42.43
CA ARG C 283 10.24 -22.25 41.36
C ARG C 283 9.34 -23.41 40.90
N PRO C 284 8.08 -23.12 40.55
CA PRO C 284 7.13 -24.22 40.31
C PRO C 284 7.43 -25.01 39.05
N GLU C 285 7.16 -26.31 39.11
CA GLU C 285 7.36 -27.24 38.01
C GLU C 285 6.37 -27.07 36.86
N THR C 286 5.37 -26.20 37.02
CA THR C 286 4.45 -25.85 35.94
C THR C 286 4.94 -24.64 35.14
N ALA C 287 6.01 -23.96 35.57
CA ALA C 287 6.41 -22.72 34.91
C ALA C 287 6.87 -22.96 33.48
N ALA C 288 7.67 -24.00 33.26
CA ALA C 288 8.22 -24.24 31.92
C ALA C 288 7.14 -24.35 30.88
N ASP C 289 6.04 -25.06 31.20
CA ASP C 289 4.99 -25.24 30.20
C ASP C 289 4.22 -23.95 29.94
N GLU C 290 4.02 -23.11 30.97
CA GLU C 290 3.36 -21.83 30.69
C GLU C 290 4.29 -20.92 29.91
N ILE C 291 5.59 -21.02 30.16
CA ILE C 291 6.55 -20.23 29.38
C ILE C 291 6.48 -20.66 27.91
N VAL C 292 6.42 -21.96 27.65
CA VAL C 292 6.38 -22.42 26.26
C VAL C 292 5.04 -22.07 25.62
N ARG C 293 3.94 -22.20 26.36
CA ARG C 293 2.66 -21.75 25.82
C ARG C 293 2.71 -20.27 25.48
N TRP C 294 3.24 -19.46 26.40
CA TRP C 294 3.28 -18.03 26.17
C TRP C 294 4.22 -17.69 25.03
N ALA C 295 5.34 -18.40 24.94
CA ALA C 295 6.37 -18.10 23.94
C ALA C 295 6.03 -18.63 22.56
N THR C 296 5.29 -19.76 22.49
CA THR C 296 5.04 -20.52 21.27
C THR C 296 6.14 -20.30 20.23
N PRO C 297 7.33 -20.85 20.47
CA PRO C 297 8.47 -20.53 19.59
C PRO C 297 8.26 -20.96 18.16
N VAL C 298 7.53 -22.03 17.92
CA VAL C 298 7.11 -22.37 16.57
C VAL C 298 5.69 -21.85 16.42
N THR C 299 5.56 -20.79 15.61
CA THR C 299 4.25 -20.18 15.37
C THR C 299 3.33 -21.16 14.68
N ALA C 300 3.86 -21.91 13.72
CA ALA C 300 3.03 -22.75 12.87
C ALA C 300 3.88 -23.81 12.17
N PHE C 301 3.32 -25.01 12.06
CA PHE C 301 3.82 -26.08 11.21
C PHE C 301 2.65 -26.54 10.33
N GLN C 302 2.97 -27.14 9.18
CA GLN C 302 1.93 -27.54 8.23
C GLN C 302 1.87 -29.05 8.05
N ARG C 303 0.78 -29.49 7.41
CA ARG C 303 0.64 -30.83 6.90
C ARG C 303 0.00 -30.73 5.53
N THR C 304 -0.08 -31.87 4.85
CA THR C 304 -0.74 -31.96 3.54
C THR C 304 -1.70 -33.13 3.60
N ALA C 305 -2.93 -32.92 3.12
CA ALA C 305 -3.95 -33.96 3.19
C ALA C 305 -3.73 -34.99 2.09
N LEU C 306 -3.59 -36.25 2.48
CA LEU C 306 -3.44 -37.34 1.51
C LEU C 306 -4.77 -37.85 0.98
N ARG C 307 -5.88 -37.47 1.60
CA ARG C 307 -7.20 -37.80 1.10
C ARG C 307 -8.17 -36.70 1.53
N ASP C 308 -9.36 -36.73 0.97
CA ASP C 308 -10.42 -35.84 1.42
C ASP C 308 -10.67 -36.07 2.90
N TYR C 309 -10.88 -34.98 3.64
CA TYR C 309 -11.12 -35.07 5.07
C TYR C 309 -11.97 -33.88 5.50
N GLU C 310 -12.96 -34.14 6.34
CA GLU C 310 -13.82 -33.08 6.85
C GLU C 310 -13.40 -32.76 8.28
N LEU C 311 -12.95 -31.52 8.49
CA LEU C 311 -12.44 -31.06 9.77
C LEU C 311 -13.36 -29.96 10.28
N SER C 312 -14.00 -30.21 11.43
CA SER C 312 -14.93 -29.26 12.04
C SER C 312 -15.85 -28.62 10.99
N GLY C 313 -16.44 -29.48 10.17
CA GLY C 313 -17.43 -29.06 9.21
C GLY C 313 -16.89 -28.47 7.93
N VAL C 314 -15.58 -28.24 7.83
CA VAL C 314 -14.95 -27.74 6.62
C VAL C 314 -14.38 -28.93 5.84
N GLN C 315 -14.46 -28.86 4.52
CA GLN C 315 -14.03 -29.96 3.65
C GLN C 315 -12.61 -29.67 3.18
N ILE C 316 -11.66 -30.45 3.69
CA ILE C 316 -10.27 -30.37 3.25
C ILE C 316 -10.12 -31.30 2.05
N LYS C 317 -9.58 -30.80 0.95
CA LYS C 317 -9.41 -31.60 -0.26
C LYS C 317 -8.00 -32.16 -0.33
N LYS C 318 -7.89 -33.38 -0.88
CA LYS C 318 -6.58 -34.01 -1.06
C LYS C 318 -5.62 -33.06 -1.76
N GLY C 319 -4.36 -33.05 -1.30
CA GLY C 319 -3.36 -32.17 -1.83
C GLY C 319 -3.32 -30.78 -1.22
N GLN C 320 -4.29 -30.43 -0.39
CA GLN C 320 -4.37 -29.10 0.21
C GLN C 320 -3.54 -29.06 1.49
N ARG C 321 -2.86 -27.94 1.70
CA ARG C 321 -2.09 -27.73 2.92
C ARG C 321 -2.98 -27.15 4.01
N VAL C 322 -2.85 -27.70 5.21
CA VAL C 322 -3.37 -27.09 6.42
C VAL C 322 -2.18 -26.61 7.24
N VAL C 323 -2.29 -25.41 7.79
CA VAL C 323 -1.21 -24.82 8.58
C VAL C 323 -1.73 -24.67 10.01
N MET C 324 -1.07 -25.36 10.93
CA MET C 324 -1.47 -25.39 12.34
C MET C 324 -0.83 -24.19 13.04
N PHE C 325 -1.64 -23.19 13.37
CA PHE C 325 -1.13 -22.00 14.05
C PHE C 325 -1.16 -22.24 15.54
N TYR C 326 -0.07 -22.84 16.04
CA TYR C 326 0.06 -23.04 17.49
C TYR C 326 -0.10 -21.72 18.23
N ARG C 327 0.34 -20.61 17.63
CA ARG C 327 0.22 -19.32 18.29
C ARG C 327 -1.24 -18.99 18.54
N SER C 328 -2.13 -19.39 17.63
CA SER C 328 -3.55 -19.16 17.83
C SER C 328 -4.13 -20.15 18.82
N ALA C 329 -3.81 -21.44 18.65
CA ALA C 329 -4.40 -22.49 19.47
C ALA C 329 -4.04 -22.34 20.94
N ASN C 330 -2.83 -21.84 21.23
CA ASN C 330 -2.39 -21.74 22.61
C ASN C 330 -3.09 -20.61 23.35
N PHE C 331 -3.92 -19.84 22.66
CA PHE C 331 -4.73 -18.77 23.25
C PHE C 331 -6.21 -18.98 22.91
N ASP C 332 -6.59 -20.22 22.62
CA ASP C 332 -7.97 -20.63 22.37
C ASP C 332 -8.84 -20.41 23.61
N GLU C 333 -9.78 -19.48 23.48
CA GLU C 333 -10.64 -19.10 24.59
C GLU C 333 -11.52 -20.26 25.05
N GLU C 334 -11.90 -21.17 24.14
CA GLU C 334 -12.76 -22.29 24.54
C GLU C 334 -12.02 -23.33 25.37
N VAL C 335 -10.69 -23.32 25.35
CA VAL C 335 -9.89 -24.34 26.03
C VAL C 335 -9.30 -23.80 27.33
N PHE C 336 -8.74 -22.59 27.30
N PHE C 336 -8.81 -22.56 27.29
CA PHE C 336 -7.92 -22.12 28.42
CA PHE C 336 -8.37 -21.85 28.48
C PHE C 336 -8.66 -21.22 29.39
C PHE C 336 -9.44 -20.84 28.89
N GLN C 337 -9.81 -20.66 28.99
N GLN C 337 -9.77 -20.83 30.18
CA GLN C 337 -10.61 -19.80 29.86
CA GLN C 337 -10.68 -19.81 30.68
C GLN C 337 -9.96 -18.42 30.00
C GLN C 337 -10.07 -18.43 30.53
N ASP C 338 -8.74 -18.35 30.54
CA ASP C 338 -8.00 -17.10 30.63
C ASP C 338 -6.69 -17.19 29.86
N PRO C 339 -6.76 -17.44 28.55
CA PRO C 339 -5.52 -17.64 27.78
C PRO C 339 -4.57 -16.45 27.82
N PHE C 340 -5.08 -15.23 27.92
CA PHE C 340 -4.23 -14.05 27.94
C PHE C 340 -3.72 -13.72 29.32
N THR C 341 -4.01 -14.56 30.31
CA THR C 341 -3.36 -14.51 31.61
C THR C 341 -2.10 -15.37 31.57
N PHE C 342 -0.98 -14.77 31.98
CA PHE C 342 0.28 -15.50 32.17
C PHE C 342 0.29 -16.08 33.57
N ASN C 343 0.14 -17.41 33.68
CA ASN C 343 -0.04 -18.07 34.97
C ASN C 343 0.92 -19.25 35.08
N ILE C 344 2.00 -19.09 35.84
CA ILE C 344 3.03 -20.12 35.88
C ILE C 344 2.59 -21.34 36.69
N LEU C 345 1.45 -21.26 37.35
CA LEU C 345 0.84 -22.41 38.02
C LEU C 345 -0.22 -23.08 37.17
N ARG C 346 -0.42 -22.64 35.93
CA ARG C 346 -1.48 -23.19 35.10
C ARG C 346 -1.39 -24.71 35.06
N ASN C 347 -2.49 -25.37 35.36
CA ASN C 347 -2.46 -26.82 35.52
C ASN C 347 -3.89 -27.30 35.67
N PRO C 348 -4.42 -28.07 34.72
CA PRO C 348 -3.72 -28.59 33.53
C PRO C 348 -3.35 -27.50 32.52
N ASN C 349 -2.41 -27.83 31.64
CA ASN C 349 -1.93 -26.89 30.61
C ASN C 349 -1.82 -27.65 29.30
N PRO C 350 -2.90 -27.73 28.54
CA PRO C 350 -2.88 -28.56 27.33
C PRO C 350 -2.37 -27.82 26.10
N HIS C 351 -1.37 -26.97 26.30
CA HIS C 351 -0.83 -26.18 25.20
C HIS C 351 -0.22 -27.09 24.13
N VAL C 352 -0.09 -26.55 22.91
CA VAL C 352 0.49 -27.28 21.79
C VAL C 352 1.76 -26.60 21.32
N GLY C 353 2.49 -25.96 22.25
CA GLY C 353 3.76 -25.36 21.88
C GLY C 353 4.77 -26.40 21.41
N PHE C 354 4.68 -27.61 21.94
CA PHE C 354 5.49 -28.73 21.50
C PHE C 354 4.77 -29.54 20.42
N GLY C 355 3.78 -28.94 19.78
CA GLY C 355 2.96 -29.62 18.79
C GLY C 355 1.76 -30.31 19.39
N GLY C 356 0.89 -30.78 18.51
CA GLY C 356 -0.19 -31.64 18.95
C GLY C 356 0.32 -33.04 19.26
N THR C 357 -0.34 -33.71 20.20
CA THR C 357 0.02 -35.09 20.48
C THR C 357 -0.18 -35.93 19.23
N GLY C 358 0.70 -36.89 19.04
CA GLY C 358 0.70 -37.69 17.85
C GLY C 358 2.10 -38.18 17.56
N ALA C 359 2.24 -38.79 16.37
CA ALA C 359 3.51 -39.40 15.99
C ALA C 359 4.67 -38.42 16.12
N HIS C 360 4.43 -37.14 15.82
CA HIS C 360 5.52 -36.19 15.65
C HIS C 360 5.69 -35.26 16.84
N TYR C 361 5.05 -35.54 17.98
CA TYR C 361 5.18 -34.70 19.15
C TYR C 361 6.65 -34.52 19.51
N CYS C 362 6.97 -33.33 19.99
CA CYS C 362 8.37 -32.96 20.16
C CYS C 362 9.09 -33.94 21.07
N ILE C 363 10.10 -34.61 20.51
CA ILE C 363 10.84 -35.58 21.30
C ILE C 363 11.74 -34.90 22.31
N GLY C 364 12.06 -33.62 22.08
CA GLY C 364 12.96 -32.92 22.97
C GLY C 364 12.25 -32.08 24.01
N ALA C 365 10.96 -32.33 24.24
CA ALA C 365 10.20 -31.44 25.11
C ALA C 365 10.77 -31.44 26.52
N ASN C 366 11.11 -32.62 27.05
CA ASN C 366 11.65 -32.68 28.40
C ASN C 366 13.03 -32.04 28.48
N LEU C 367 13.84 -32.17 27.43
CA LEU C 367 15.12 -31.47 27.39
C LEU C 367 14.92 -29.96 27.39
N ALA C 368 13.98 -29.47 26.57
CA ALA C 368 13.66 -28.05 26.55
C ALA C 368 13.17 -27.57 27.92
N ARG C 369 12.27 -28.34 28.55
CA ARG C 369 11.77 -27.93 29.86
CA ARG C 369 11.78 -27.95 29.87
C ARG C 369 12.91 -27.88 30.88
N MET C 370 13.81 -28.87 30.86
CA MET C 370 14.94 -28.82 31.79
C MET C 370 15.81 -27.61 31.53
N THR C 371 16.15 -27.35 30.26
CA THR C 371 16.95 -26.17 29.93
C THR C 371 16.28 -24.91 30.47
N ILE C 372 14.98 -24.75 30.17
CA ILE C 372 14.21 -23.61 30.66
C ILE C 372 14.28 -23.53 32.18
N ASN C 373 13.96 -24.63 32.87
CA ASN C 373 13.95 -24.59 34.33
C ASN C 373 15.30 -24.20 34.88
N LEU C 374 16.37 -24.73 34.29
CA LEU C 374 17.71 -24.45 34.81
C LEU C 374 18.09 -22.98 34.61
N ILE C 375 17.80 -22.40 33.44
CA ILE C 375 18.21 -21.02 33.23
C ILE C 375 17.39 -20.06 34.09
N PHE C 376 16.10 -20.34 34.29
CA PHE C 376 15.28 -19.41 35.05
C PHE C 376 15.57 -19.51 36.56
N ASN C 377 15.82 -20.71 37.05
CA ASN C 377 16.35 -20.84 38.40
C ASN C 377 17.62 -20.03 38.56
N ALA C 378 18.49 -20.07 37.55
CA ALA C 378 19.76 -19.33 37.60
C ALA C 378 19.53 -17.83 37.52
N VAL C 379 18.62 -17.40 36.64
CA VAL C 379 18.30 -15.99 36.59
C VAL C 379 17.69 -15.54 37.91
N ALA C 380 16.82 -16.36 38.50
CA ALA C 380 16.24 -15.99 39.79
C ALA C 380 17.30 -15.86 40.86
N ASP C 381 18.30 -16.76 40.87
CA ASP C 381 19.34 -16.72 41.88
C ASP C 381 20.24 -15.49 41.72
N HIS C 382 20.63 -15.16 40.48
CA HIS C 382 21.73 -14.21 40.26
C HIS C 382 21.27 -12.81 39.87
N MET C 383 20.07 -12.63 39.32
CA MET C 383 19.57 -11.30 38.96
CA MET C 383 19.57 -11.31 38.93
C MET C 383 18.08 -11.23 39.24
N PRO C 384 17.70 -11.30 40.52
CA PRO C 384 16.27 -11.26 40.87
C PRO C 384 15.59 -9.96 40.49
N ASP C 385 16.33 -8.88 40.32
CA ASP C 385 15.74 -7.56 40.09
C ASP C 385 15.89 -7.09 38.65
N LEU C 386 16.17 -8.00 37.71
CA LEU C 386 16.32 -7.64 36.32
CA LEU C 386 16.35 -7.58 36.34
C LEU C 386 15.09 -6.90 35.82
N LYS C 387 15.30 -5.93 34.92
CA LYS C 387 14.22 -5.19 34.31
C LYS C 387 14.65 -4.79 32.91
N PRO C 388 13.73 -4.81 31.93
CA PRO C 388 14.14 -4.50 30.57
C PRO C 388 14.44 -3.02 30.39
N ILE C 389 15.32 -2.74 29.43
CA ILE C 389 15.69 -1.38 29.06
C ILE C 389 14.90 -0.88 27.85
N SER C 390 14.80 -1.70 26.80
CA SER C 390 14.14 -1.27 25.57
C SER C 390 13.35 -2.44 24.98
N ALA C 391 12.60 -2.14 23.92
CA ALA C 391 11.74 -3.13 23.29
C ALA C 391 12.57 -4.23 22.62
N PRO C 392 12.08 -5.47 22.64
CA PRO C 392 12.77 -6.52 21.89
C PRO C 392 12.67 -6.30 20.39
N GLU C 393 13.69 -6.75 19.66
CA GLU C 393 13.69 -6.75 18.20
CA GLU C 393 13.69 -6.75 18.20
C GLU C 393 13.32 -8.14 17.70
N ARG C 394 12.30 -8.22 16.87
CA ARG C 394 11.74 -9.50 16.43
C ARG C 394 12.38 -9.99 15.14
N LEU C 395 12.27 -11.30 14.91
CA LEU C 395 12.88 -11.98 13.78
C LEU C 395 11.92 -12.02 12.61
N ARG C 396 12.41 -11.66 11.41
CA ARG C 396 11.62 -11.82 10.19
C ARG C 396 11.62 -13.32 9.84
N SER C 397 10.46 -13.95 9.93
CA SER C 397 10.28 -15.37 9.64
C SER C 397 8.79 -15.61 9.51
N GLY C 398 8.42 -16.53 8.63
CA GLY C 398 7.03 -16.85 8.43
C GLY C 398 6.51 -17.95 9.30
N TRP C 399 7.34 -18.51 10.18
CA TRP C 399 6.89 -19.64 10.99
C TRP C 399 7.62 -19.74 12.32
N LEU C 400 8.83 -19.17 12.42
CA LEU C 400 9.51 -19.08 13.70
C LEU C 400 9.13 -17.77 14.39
N ASN C 401 8.92 -17.84 15.70
CA ASN C 401 8.68 -16.65 16.52
C ASN C 401 9.96 -16.36 17.29
N GLY C 402 10.75 -15.43 16.78
CA GLY C 402 12.09 -15.19 17.29
C GLY C 402 12.29 -13.78 17.81
N ILE C 403 13.15 -13.66 18.81
CA ILE C 403 13.64 -12.38 19.31
C ILE C 403 15.13 -12.34 19.02
N LYS C 404 15.56 -11.36 18.21
CA LYS C 404 16.98 -11.26 17.90
C LYS C 404 17.76 -10.62 19.02
N HIS C 405 17.22 -9.56 19.64
CA HIS C 405 17.95 -8.80 20.65
C HIS C 405 16.95 -8.23 21.64
N TRP C 406 17.41 -8.04 22.88
CA TRP C 406 16.56 -7.49 23.94
C TRP C 406 17.46 -6.93 25.02
N GLN C 407 17.48 -5.62 25.17
CA GLN C 407 18.36 -4.98 26.14
C GLN C 407 17.72 -4.99 27.52
N VAL C 408 18.48 -5.44 28.52
CA VAL C 408 17.97 -5.56 29.87
CA VAL C 408 17.99 -5.63 29.88
C VAL C 408 19.02 -5.12 30.87
N ASP C 409 18.55 -4.51 31.95
CA ASP C 409 19.33 -4.10 33.11
C ASP C 409 19.27 -5.26 34.10
N TYR C 410 20.35 -6.04 34.18
CA TYR C 410 20.29 -7.27 34.96
C TYR C 410 20.20 -7.00 36.46
N THR C 411 20.74 -5.88 36.93
CA THR C 411 20.86 -5.62 38.36
C THR C 411 19.72 -4.77 38.91
N GLY C 412 18.89 -4.18 38.04
CA GLY C 412 17.95 -3.18 38.48
C GLY C 412 18.54 -1.81 38.64
N ARG C 413 19.86 -1.67 38.63
CA ARG C 413 20.53 -0.38 38.82
C ARG C 413 21.41 0.05 37.64
N CYS C 414 21.46 -0.73 36.56
CA CYS C 414 22.20 -0.34 35.36
C CYS C 414 21.24 -0.05 34.22
N PRO C 415 20.58 1.11 34.21
CA PRO C 415 19.47 1.36 33.27
C PRO C 415 19.88 1.80 31.86
N VAL C 416 21.16 1.76 31.51
CA VAL C 416 21.63 2.24 30.21
C VAL C 416 22.07 1.04 29.36
N ALA C 417 21.60 1.00 28.12
CA ALA C 417 21.90 -0.12 27.24
C ALA C 417 23.39 -0.21 26.95
N HIS C 418 23.90 -1.44 26.93
CA HIS C 418 25.31 -1.67 26.61
C HIS C 418 25.51 -2.97 25.83
C02 JFI D . -6.51 10.63 -23.86
C02 JFI D . -6.33 10.62 -24.11
C04 JFI D . -5.07 11.76 -22.06
C04 JFI D . -5.15 11.64 -22.09
C05 JFI D . -5.94 11.71 -20.78
C05 JFI D . -5.40 12.73 -21.03
C07 JFI D . -4.61 10.64 -19.37
C07 JFI D . -7.47 12.12 -20.53
C08 JFI D . -3.77 10.68 -18.09
C08 JFI D . -8.86 12.64 -20.21
C10 JFI D . -5.26 12.26 -17.30
C10 JFI D . -7.77 14.35 -19.03
C11 JFI D . -5.93 12.37 -18.68
C11 JFI D . -6.68 14.27 -20.12
C12 JFI D . -7.32 10.72 -25.17
C12 JFI D . -7.21 10.78 -25.36
C13 JFI D . -7.45 11.92 -25.83
C13 JFI D . -7.33 11.98 -26.03
C14 JFI D . -8.20 11.99 -27.00
C14 JFI D . -8.15 12.06 -27.16
C15 JFI D . -8.82 10.86 -27.49
C15 JFI D . -8.85 10.94 -27.57
C16 JFI D . -9.67 10.98 -28.75
C16 JFI D . -9.76 11.04 -28.79
C17 JFI D . -9.63 9.75 -29.63
C17 JFI D . -9.64 9.83 -29.71
C18 JFI D . -10.80 9.08 -29.96
C18 JFI D . -10.75 9.09 -30.06
C19 JFI D . -10.71 7.96 -30.78
C19 JFI D . -10.57 8.02 -30.91
C21 JFI D . -8.41 8.17 -30.91
C21 JFI D . -8.30 8.41 -31.07
C22 JFI D . -8.43 9.29 -30.12
C22 JFI D . -8.40 9.49 -30.22
C23 JFI D . -8.70 9.65 -26.82
C23 JFI D . -8.72 9.74 -26.90
C24 JFI D . -7.96 9.58 -25.66
C24 JFI D . -7.92 9.66 -25.78
N03 JFI D . -5.84 11.82 -23.31
N03 JFI D . -5.95 11.79 -23.31
N06 JFI D . -5.21 11.85 -19.72
N06 JFI D . -6.61 13.13 -20.89
N20 JFI D . -9.53 7.54 -31.21
N20 JFI D . -9.38 7.71 -31.37
O01 JFI D . -6.47 9.60 -23.27
O01 JFI D . -6.03 9.52 -23.78
O09 JFI D . -3.97 11.81 -17.33
O09 JFI D . -8.91 13.60 -19.23
H041 JFI D . -4.52 11.00 -22.09
H041 JFI D . -4.24 11.67 -22.33
H042 JFI D . -4.53 12.53 -22.01
H042 JFI D . -5.34 10.80 -21.71
H051 JFI D . -6.58 12.39 -20.80
H051 JFI D . -4.88 13.48 -21.24
H052 JFI D . -6.38 10.88 -20.73
H052 JFI D . -5.13 12.39 -20.20
H071 JFI D . -5.29 10.00 -19.27
H071 JFI D . -7.52 11.50 -21.23
H072 JFI D . -4.04 10.39 -20.08
H072 JFI D . -7.12 11.69 -19.77
H081 JFI D . -4.00 9.93 -17.56
H081 JFI D . -9.22 13.01 -21.01
H082 JFI D . -2.87 10.63 -18.32
H082 JFI D . -9.39 11.91 -19.94
H101 JFI D . -5.27 13.11 -16.89
H101 JFI D . -8.02 15.25 -18.96
H102 JFI D . -5.76 11.66 -16.77
H102 JFI D . -7.38 14.07 -18.22
H111 JFI D . -6.08 13.28 -18.84
H111 JFI D . -6.82 15.00 -20.70
H112 JFI D . -6.75 11.92 -18.63
H112 JFI D . -5.86 14.38 -19.69
H131 JFI D . -7.03 12.69 -25.50
H131 JFI D . -6.87 12.73 -25.73
H141 JFI D . -8.29 12.80 -27.44
H141 JFI D . -8.23 12.86 -27.62
H162 JFI D . -9.35 11.70 -29.26
H162 JFI D . -9.54 11.81 -29.28
H161 JFI D . -10.56 11.14 -28.50
H161 JFI D . -10.66 11.09 -28.50
H181 JFI D . -11.62 9.37 -29.65
H181 JFI D . -11.59 9.31 -29.73
H191 JFI D . -11.48 7.50 -31.02
H191 JFI D . -11.31 7.51 -31.16
H211 JFI D . -7.59 7.86 -31.25
H211 JFI D . -7.48 8.17 -31.42
H221 JFI D . -7.64 9.73 -29.91
H221 JFI D . -7.64 9.99 -30.00
H231 JFI D . -9.12 8.89 -27.15
H231 JFI D . -9.19 8.99 -27.20
H241 JFI D . -7.88 8.78 -25.20
H241 JFI D . -7.84 8.86 -25.32
H031 JFI D . -5.91 12.58 -23.74
H031 JFI D . -6.21 12.58 -23.56
CHA HEM E . -5.93 6.76 -33.04
CHB HEM E . -10.15 8.26 -34.78
CHC HEM E . -12.33 4.67 -32.46
CHD HEM E . -8.29 3.87 -29.97
C1A HEM E . -6.84 7.45 -33.79
C2A HEM E . -6.59 8.54 -34.75
C3A HEM E . -7.79 8.94 -35.19
C4A HEM E . -8.81 8.12 -34.56
CMA HEM E . -8.13 10.03 -36.22
CAA HEM E . -5.22 9.10 -35.24
CBA HEM E . -4.31 9.60 -34.13
CGA HEM E . -3.18 10.44 -34.71
O1A HEM E . -2.75 10.21 -35.87
O2A HEM E . -2.70 11.37 -33.94
C1B HEM E . -11.09 7.38 -34.36
C2B HEM E . -12.47 7.40 -34.75
C3B HEM E . -13.08 6.40 -34.10
C4B HEM E . -12.10 5.75 -33.27
CMB HEM E . -13.06 8.41 -35.75
CAB HEM E . -14.54 5.94 -34.16
CBB HEM E . -15.32 6.05 -35.23
C1C HEM E . -11.43 4.17 -31.57
C2C HEM E . -11.69 3.10 -30.64
C3C HEM E . -10.58 2.89 -29.95
C4C HEM E . -9.58 3.79 -30.44
CMC HEM E . -13.04 2.34 -30.54
CAC HEM E . -10.28 1.86 -28.84
CBC HEM E . -11.15 0.98 -28.40
C1D HEM E . -7.31 4.60 -30.56
C2D HEM E . -5.95 4.75 -30.09
C3D HEM E . -5.29 5.57 -30.92
C4D HEM E . -6.23 5.97 -31.95
CMD HEM E . -5.39 4.09 -28.81
CAD HEM E . -3.81 6.02 -30.83
CBD HEM E . -2.86 4.99 -31.42
CGD HEM E . -1.41 5.40 -31.30
O1D HEM E . -1.09 6.53 -30.84
O2D HEM E . -0.56 4.55 -31.70
NA HEM E . -8.20 7.24 -33.70
NB HEM E . -10.88 6.37 -33.46
NC HEM E . -10.13 4.58 -31.42
ND HEM E . -7.46 5.37 -31.68
FE HEM E . -9.17 5.87 -32.61
HHB HEM E . -10.45 9.04 -35.28
HHC HEM E . -13.21 4.24 -32.52
HHD HEM E . -8.07 3.36 -29.16
HMA HEM E . -9.02 9.84 -36.60
HMAA HEM E . -7.46 10.02 -36.93
HMAB HEM E . -8.14 10.90 -35.78
HAA HEM E . -5.39 9.83 -35.85
HAAA HEM E . -4.76 8.38 -35.71
HBA HEM E . -3.93 8.84 -33.66
HBAA HEM E . -4.82 10.13 -33.51
HMB HEM E . -12.79 9.32 -35.50
HMBA HEM E . -14.04 8.36 -35.72
HMBB HEM E . -12.75 8.21 -36.64
HAB HEM E . -14.92 5.53 -33.37
HBB HEM E . -16.24 5.74 -35.21
HBBA HEM E . -14.96 6.44 -36.05
HMC HEM E . -13.74 2.88 -30.94
HMCA HEM E . -13.24 2.17 -29.61
HMCB HEM E . -12.97 1.50 -31.02
HAC HEM E . -9.39 1.85 -28.45
HBC HEM E . -10.89 0.35 -27.70
HBCA HEM E . -12.04 0.95 -28.77
HMD HEM E . -4.42 4.21 -28.77
HMDA HEM E . -5.61 3.14 -28.81
HMDB HEM E . -5.80 4.51 -28.01
HAD HEM E . -3.58 6.15 -29.89
HADA HEM E . -3.71 6.85 -31.30
HBD HEM E . -3.08 4.89 -32.36
HBDA HEM E . -2.99 4.15 -30.96
HHA HEM E . -4.99 6.83 -33.30
S SO4 F . 12.50 19.30 -46.35
O1 SO4 F . 12.84 18.47 -45.20
O2 SO4 F . 13.50 19.10 -47.40
O3 SO4 F . 11.19 18.92 -46.86
O4 SO4 F . 12.49 20.73 -45.98
S SO4 G . 8.89 19.99 -22.52
O1 SO4 G . 9.78 21.06 -22.07
O2 SO4 G . 9.70 18.90 -23.07
O3 SO4 G . 8.11 19.49 -21.39
O4 SO4 G . 8.00 20.51 -23.56
S SO4 H . -30.64 9.92 -51.78
O1 SO4 H . -29.80 8.80 -51.40
O2 SO4 H . -30.03 11.18 -51.37
O3 SO4 H . -30.79 9.92 -53.24
O4 SO4 H . -31.94 9.77 -51.13
CL CL I . -14.15 7.37 -53.90
C02 JFI J . 2.84 21.98 22.89
C04 JFI J . 3.37 22.79 25.16
C05 JFI J . 4.44 22.49 26.23
C07 JFI J . 6.07 23.38 27.35
C08 JFI J . 6.54 24.60 28.15
C10 JFI J . 4.41 25.36 28.35
C11 JFI J . 3.89 24.16 27.56
C12 JFI J . 2.52 20.90 21.87
C13 JFI J . 2.05 19.66 22.25
C14 JFI J . 1.76 18.70 21.30
C15 JFI J . 1.94 18.98 19.95
C16 JFI J . 1.63 17.90 18.92
C17 JFI J . 1.09 18.50 17.64
C18 JFI J . -0.10 19.23 17.66
C19 JFI J . -0.55 19.77 16.47
C21 JFI J . 1.23 18.91 15.28
C22 JFI J . 1.75 18.36 16.44
C23 JFI J . 2.40 20.22 19.56
C24 JFI J . 2.70 21.19 20.51
N03 JFI J . 3.09 21.67 24.29
N06 JFI J . 4.85 23.59 26.73
N20 JFI J . 0.10 19.60 15.33
O01 JFI J . 2.90 23.12 22.56
O09 JFI J . 5.56 25.02 29.03
H041 JFI J . 2.58 23.03 25.62
H042 JFI J . 3.66 23.51 24.64
H051 JFI J . 4.08 21.95 26.89
H052 JFI J . 5.17 22.05 25.82
H071 JFI J . 6.72 23.20 26.69
H072 JFI J . 6.00 22.65 27.93
H081 JFI J . 6.73 25.31 27.57
H082 JFI J . 7.31 24.37 28.64
H101 JFI J . 4.60 26.06 27.76
H102 JFI J . 3.76 25.63 28.96
H111 JFI J . 3.16 24.45 27.03
H112 JFI J . 3.58 23.51 28.16
H131 JFI J . 1.94 19.47 23.16
H141 JFI J . 1.43 17.88 21.57
H162 JFI J . 0.99 17.31 19.27
H161 JFI J . 2.41 17.43 18.73
H181 JFI J . -0.56 19.37 18.45
H191 JFI J . -1.34 20.26 16.47
H211 JFI J . 1.67 18.80 14.47
H221 JFI J . 2.55 17.89 16.42
H231 JFI J . 2.52 20.41 18.66
H241 JFI J . 3.00 22.02 20.25
H031 JFI J . 3.06 20.86 24.59
CHA HEM K . -3.51 21.27 15.24
CHB HEM K . -1.73 17.24 13.31
CHC HEM K . 1.70 19.79 11.03
CHD HEM K . 0.69 23.41 14.12
C1A HEM K . -3.41 19.96 14.85
C2A HEM K . -4.36 18.89 15.07
C3A HEM K . -3.86 17.78 14.53
C4A HEM K . -2.57 18.10 13.96
CMA HEM K . -4.52 16.39 14.56
CAA HEM K . -5.74 18.98 15.79
CBA HEM K . -5.65 19.54 17.20
CGA HEM K . -6.95 19.27 17.93
O1A HEM K . -8.01 19.08 17.27
O2A HEM K . -6.93 19.24 19.18
C1B HEM K . -0.69 17.59 12.46
C2B HEM K . 0.00 16.71 11.55
C3B HEM K . 0.96 17.41 10.92
C4B HEM K . 0.90 18.76 11.42
CMB HEM K . -0.33 15.22 11.36
CAB HEM K . 1.97 16.95 9.83
CBB HEM K . 1.67 15.99 8.94
C1C HEM K . 1.76 21.00 11.69
C2C HEM K . 2.72 22.05 11.47
C3C HEM K . 2.45 23.05 12.35
C4C HEM K . 1.29 22.65 13.13
CMC HEM K . 3.83 21.94 10.42
CAC HEM K . 3.14 24.42 12.54
CBC HEM K . 4.07 24.85 11.69
C1D HEM K . -0.52 23.15 14.72
C2D HEM K . -1.16 23.94 15.75
C3D HEM K . -2.33 23.36 16.06
C4D HEM K . -2.46 22.17 15.24
CMD HEM K . -0.59 25.23 16.36
CAD HEM K . -3.36 23.84 17.12
CBD HEM K . -4.40 24.70 16.43
CGD HEM K . -5.42 25.26 17.39
O1D HEM K . -6.16 26.20 16.96
O2D HEM K . -5.52 24.78 18.55
NA HEM K . -2.34 19.45 14.16
NB HEM K . -0.11 18.83 12.37
NC HEM K . 0.92 21.39 12.70
ND HEM K . -1.34 22.08 14.43
FE HEM K . -0.73 20.39 13.41
HHB HEM K . -1.87 16.28 13.46
HHC HEM K . 2.26 19.68 10.23
HHD HEM K . 1.18 24.20 14.44
HMA HEM K . -4.14 15.83 13.85
HMAA HEM K . -5.49 16.48 14.41
HMAB HEM K . -4.37 15.96 15.43
HAA HEM K . -6.12 18.09 15.84
HAAA HEM K . -6.32 19.56 15.27
HBA HEM K . -5.50 20.51 17.16
HBAA HEM K . -4.92 19.12 17.67
HMB HEM K . -0.47 14.80 12.22
HMBA HEM K . 0.41 14.78 10.90
HMBB HEM K . -1.14 15.13 10.83
HAB HEM K . 2.82 17.37 9.79
HBB HEM K . 2.33 15.74 8.27
HBBA HEM K . 0.81 15.55 8.95
HMC HEM K . 4.07 21.01 10.29
HMCA HEM K . 4.61 22.45 10.72
HMCB HEM K . 3.52 22.31 9.58
HAC HEM K . 2.90 24.97 13.29
HBC HEM K . 4.50 25.71 11.83
HBCA HEM K . 4.32 24.31 10.93
HMD HEM K . -1.22 25.61 17.00
HMDA HEM K . -0.41 25.88 15.65
HMDB HEM K . 0.25 25.02 16.83
HAD HEM K . -2.90 24.35 17.80
HADA HEM K . -3.79 23.07 17.53
HBD HEM K . -4.86 24.17 15.76
HBDA HEM K . -3.95 25.46 15.99
HHA HEM K . -4.38 21.59 15.55
S SO4 L . 5.09 4.76 32.42
O1 SO4 L . 6.48 5.04 32.05
O2 SO4 L . 5.03 3.48 33.13
O3 SO4 L . 4.26 4.68 31.21
O4 SO4 L . 4.60 5.82 33.29
S SO4 M . -12.51 8.19 -0.46
O1 SO4 M . -12.56 9.14 0.66
O2 SO4 M . -11.37 7.29 -0.32
O3 SO4 M . -13.76 7.42 -0.46
O4 SO4 M . -12.38 8.93 -1.72
S SO4 N . 6.54 -0.48 28.91
O1 SO4 N . 7.42 -0.23 30.05
O2 SO4 N . 6.32 -1.93 28.77
O3 SO4 N . 5.26 0.19 29.15
O4 SO4 N . 7.16 0.03 27.68
S SO4 O . -9.42 23.76 36.67
O1 SO4 O . -10.05 23.64 37.99
O2 SO4 O . -8.34 22.77 36.56
O3 SO4 O . -10.40 23.52 35.62
O4 SO4 O . -8.85 25.10 36.53
S SO4 P . -5.68 6.51 40.79
O1 SO4 P . -5.64 7.87 41.32
O2 SO4 P . -4.59 5.73 41.38
O3 SO4 P . -5.53 6.56 39.34
O4 SO4 P . -6.97 5.91 41.12
C02 JFI Q . 15.52 -29.70 10.03
C04 JFI Q . 16.46 -30.05 7.71
C05 JFI Q . 17.85 -29.52 7.32
C07 JFI Q . 19.40 -29.39 5.76
C08 JFI Q . 20.10 -30.06 4.59
C10 JFI Q . 19.09 -32.01 5.07
C11 JFI Q . 18.14 -31.36 6.09
C12 JFI Q . 14.71 -28.89 11.02
C13 JFI Q . 13.84 -27.91 10.55
C14 JFI Q . 13.08 -27.17 11.44
C15 JFI Q . 13.18 -27.41 12.82
C16 JFI Q . 12.34 -26.58 13.79
C17 JFI Q . 12.03 -27.37 15.05
C18 JFI Q . 12.50 -26.94 16.29
C19 JFI Q . 12.18 -27.69 17.42
C21 JFI Q . 10.98 -29.22 16.15
C22 JFI Q . 11.27 -28.53 14.98
C23 JFI Q . 14.03 -28.41 13.28
C24 JFI Q . 14.79 -29.16 12.38
N03 JFI Q . 15.72 -29.23 8.66
N06 JFI Q . 18.22 -29.98 6.19
N20 JFI Q . 11.45 -28.79 17.31
O01 JFI Q . 16.00 -30.73 10.38
O09 JFI Q . 19.41 -31.13 4.06
H041 JFI Q . 15.95 -30.11 6.92
H042 JFI Q . 16.57 -30.90 8.07
H051 JFI Q . 17.82 -28.58 7.28
H052 JFI Q . 18.46 -29.78 7.98
H071 JFI Q . 19.20 -28.50 5.51
H072 JFI Q . 19.99 -29.38 6.49
H081 JFI Q . 20.22 -29.42 3.90
H082 JFI Q . 20.95 -30.36 4.87
H101 JFI Q . 19.88 -32.28 5.50
H102 JFI Q . 18.67 -32.77 4.70
H111 JFI Q . 18.33 -31.73 6.93
H112 JFI Q . 17.27 -31.59 5.85
H131 JFI Q . 13.78 -27.75 9.65
H141 JFI Q . 12.52 -26.50 11.13
H162 JFI Q . 11.53 -26.35 13.37
H161 JFI Q . 12.81 -25.80 14.01
H181 JFI Q . 13.01 -26.17 16.37
H191 JFI Q . 12.48 -27.41 18.26
H211 JFI Q . 10.47 -29.99 16.12
H221 JFI Q . 10.95 -28.83 14.17
H231 JFI Q . 14.09 -28.58 14.19
H241 JFI Q . 15.36 -29.82 12.69
H031 JFI Q . 15.38 -28.47 8.41
CHA HEM R . 8.93 -31.84 17.11
CHB HEM R . 8.50 -27.46 19.09
CHC HEM R . 12.63 -28.17 21.51
CHD HEM R . 13.53 -31.92 18.57
C1A HEM R . 8.39 -30.64 17.48
C2A HEM R . 7.07 -30.14 17.18
C3A HEM R . 6.98 -28.92 17.73
C4A HEM R . 8.22 -28.62 18.40
CMA HEM R . 5.77 -27.97 17.69
CAA HEM R . 5.94 -30.87 16.39
CBA HEM R . 6.33 -31.24 14.98
CGA HEM R . 5.11 -31.62 14.17
O1A HEM R . 4.02 -31.87 14.77
O2A HEM R . 5.22 -31.65 12.92
C1B HEM R . 9.54 -27.27 19.97
C2B HEM R . 9.73 -26.16 20.90
C3B HEM R . 10.88 -26.36 21.55
C4B HEM R . 11.45 -27.60 21.07
CMB HEM R . 8.74 -24.98 21.05
CAB HEM R . 11.52 -25.51 22.66
CBB HEM R . 10.76 -24.76 23.48
C1C HEM R . 13.25 -29.25 20.93
C2C HEM R . 14.52 -29.82 21.31
C3C HEM R . 14.77 -30.86 20.50
C4C HEM R . 13.66 -30.99 19.57
CMC HEM R . 15.37 -29.28 22.49
CAC HEM R . 15.99 -31.79 20.46
CBC HEM R . 17.14 -31.44 21.05
C1D HEM R . 12.37 -32.23 17.88
C2D HEM R . 12.20 -33.26 16.87
C3D HEM R . 10.93 -33.24 16.48
C4D HEM R . 10.25 -32.18 17.21
CMD HEM R . 13.30 -34.22 16.34
CAD HEM R . 10.26 -34.14 15.43
CBD HEM R . 9.82 -35.44 16.10
CGD HEM R . 9.22 -36.38 15.08
O1D HEM R . 9.12 -36.01 13.88
O2D HEM R . 8.86 -37.50 15.51
NA HEM R . 9.06 -29.70 18.23
NB HEM R . 10.61 -28.12 20.11
NC HEM R . 12.75 -30.00 19.89
ND HEM R . 11.16 -31.60 18.05
FE HEM R . 10.84 -29.86 19.11
HHB HEM R . 7.90 -26.69 18.94
HHC HEM R . 13.05 -27.77 22.30
HHD HEM R . 14.33 -32.41 18.31
HMA HEM R . 5.70 -27.48 18.53
HMAA HEM R . 4.95 -28.49 17.56
HMAB HEM R . 5.87 -27.34 16.95
HAA HEM R . 5.18 -30.28 16.36
HAAA HEM R . 5.71 -31.68 16.88
HBA HEM R . 6.95 -31.99 15.00
HBAA HEM R . 6.77 -30.48 14.55
HMB HEM R . 8.41 -24.72 20.17
HMBA HEM R . 9.20 -24.22 21.45
HMBB HEM R . 8.01 -25.25 21.61
HAB HEM R . 12.47 -25.51 22.79
HBB HEM R . 11.16 -24.23 24.18
HBBA HEM R . 9.79 -24.75 23.35
HMC HEM R . 16.00 -29.97 22.77
HMCA HEM R . 14.79 -29.05 23.22
HMCB HEM R . 15.87 -28.50 22.20
HAC HEM R . 15.92 -32.64 20.02
HBC HEM R . 17.90 -32.05 21.02
HBCA HEM R . 17.21 -30.60 21.50
HMD HEM R . 14.01 -33.70 15.94
HMDA HEM R . 12.91 -34.83 15.68
HMDB HEM R . 13.65 -34.75 17.10
HAD HEM R . 10.89 -34.33 14.72
HADA HEM R . 9.49 -33.69 15.05
HBD HEM R . 9.15 -35.23 16.78
HBDA HEM R . 10.58 -35.85 16.51
HHA HEM R . 8.32 -32.51 16.73
S SO4 S . 10.88 -13.18 0.40
O1 SO4 S . 12.22 -12.99 0.94
O2 SO4 S . 10.77 -14.52 -0.19
O3 SO4 S . 9.91 -13.06 1.49
O4 SO4 S . 10.60 -12.18 -0.63
S SO4 T . -11.30 -38.37 15.78
O1 SO4 T . -12.53 -38.43 16.58
O2 SO4 T . -10.18 -38.89 16.55
O3 SO4 T . -11.49 -39.15 14.55
O4 SO4 T . -11.02 -36.97 15.42
S SO4 U . 9.37 -7.54 3.75
O1 SO4 U . 9.87 -7.86 5.09
O2 SO4 U . 10.48 -7.14 2.88
O3 SO4 U . 8.40 -6.47 3.82
O4 SO4 U . 8.76 -8.75 3.19
S SO4 V . 11.75 -25.50 -9.21
O1 SO4 V . 13.05 -26.05 -8.81
O2 SO4 V . 10.77 -25.73 -8.15
O3 SO4 V . 11.31 -26.19 -10.42
O4 SO4 V . 11.87 -24.07 -9.47
S SO4 W . 3.48 -26.85 -5.04
O1 SO4 W . 4.69 -27.26 -5.76
O2 SO4 W . 3.04 -27.91 -4.15
O3 SO4 W . 2.42 -26.53 -6.00
O4 SO4 W . 3.80 -25.66 -4.25
S SO4 X . 2.87 -19.66 -8.97
O1 SO4 X . 3.54 -20.84 -9.50
O2 SO4 X . 3.13 -19.55 -7.53
O3 SO4 X . 3.38 -18.46 -9.63
O4 SO4 X . 1.43 -19.79 -9.19
#